data_6M61
#
_entry.id   6M61
#
_cell.length_a   81.358
_cell.length_b   135.078
_cell.length_c   146.227
_cell.angle_alpha   90.000
_cell.angle_beta   90.000
_cell.angle_gamma   90.000
#
_symmetry.space_group_name_H-M   'P 21 21 21'
#
loop_
_entity.id
_entity.type
_entity.pdbx_description
1 polymer 'Glyceraldehyde-3-phosphate dehydrogenase'
2 non-polymer 1,2-ETHANEDIOL
3 non-polymer DI(HYDROXYETHYL)ETHER
4 non-polymer 'ZINC ION'
5 non-polymer '(5aS,6R,9S,9aS)-9-methyl-9-oxidanyl-1-oxidanylidene-6-propan-2-yl-3,5a,6,7,8,9a-hexahydro-2-benzoxepine-4-carboxylic acid'
6 non-polymer NICOTINAMIDE-ADENINE-DINUCLEOTIDE
7 non-polymer GLYCEROL
8 water water
#
_entity_poly.entity_id   1
_entity_poly.type   'polypeptide(L)'
_entity_poly.pdbx_seq_one_letter_code
;FMGKVKVGVNGFGRIGRLVTRAAFNSGKVDIVAINDPFIDLNYMVYMFQYDSTHGKFHGTVKAENGKLVINGNPITIFQE
RDPSKIKWGDAGAEYVVESTGVFTTMEKAGAHLQGGAKRVIISAPSADAPMFVMGVNHEKYDNSLKIISNASCTTNCLAP
LAKVIHDNFGIVEGLMTTVHAITATQKTVDGPSGKLWRDGRGALQNIIPASTGAAKAVGKVIPELNGKLTGMAFRVPTAN
VSVVDLTCRLEKPAKYDDIKKVVKQASEGPLKGILGYTEHQVVSSDFNSDTHSSTFDAGAGIALNDHFVKLISWYDNEFG
YSNRVVDLMAHMASKE
;
_entity_poly.pdbx_strand_id   O,Q,P,R
#
# COMPACT_ATOMS: atom_id res chain seq x y z
N PHE A 1 -6.31 -51.56 2.81
CA PHE A 1 -5.40 -50.77 3.65
C PHE A 1 -5.08 -49.43 3.00
N MET A 2 -5.06 -48.39 3.82
CA MET A 2 -4.79 -47.05 3.34
C MET A 2 -3.30 -46.83 3.22
N GLY A 3 -2.86 -46.30 2.07
CA GLY A 3 -1.49 -45.86 1.90
C GLY A 3 -1.42 -44.36 1.82
N LYS A 4 -1.28 -43.82 0.60
CA LYS A 4 -1.27 -42.38 0.38
C LYS A 4 -2.68 -41.96 -0.04
N VAL A 5 -3.36 -41.20 0.83
CA VAL A 5 -4.78 -40.92 0.63
C VAL A 5 -4.96 -40.02 -0.61
N LYS A 6 -6.03 -40.25 -1.35
CA LYS A 6 -6.40 -39.42 -2.49
C LYS A 6 -7.39 -38.34 -2.04
N VAL A 7 -7.20 -37.13 -2.53
CA VAL A 7 -7.82 -35.94 -1.96
C VAL A 7 -8.58 -35.19 -3.05
N GLY A 8 -9.76 -34.72 -2.71
CA GLY A 8 -10.49 -33.76 -3.54
C GLY A 8 -10.51 -32.41 -2.85
N VAL A 9 -10.42 -31.34 -3.62
CA VAL A 9 -10.45 -29.98 -3.07
C VAL A 9 -11.73 -29.28 -3.52
N ASN A 10 -12.55 -28.83 -2.57
CA ASN A 10 -13.71 -28.02 -2.89
C ASN A 10 -13.38 -26.55 -2.63
N GLY A 11 -13.28 -25.76 -3.69
CA GLY A 11 -12.89 -24.38 -3.48
C GLY A 11 -11.41 -24.18 -3.78
N PHE A 12 -11.12 -23.79 -5.02
CA PHE A 12 -9.76 -23.65 -5.53
C PHE A 12 -9.27 -22.21 -5.34
N GLY A 13 -9.30 -21.75 -4.10
CA GLY A 13 -8.99 -20.38 -3.74
C GLY A 13 -7.57 -20.25 -3.24
N ARG A 14 -7.33 -19.25 -2.38
CA ARG A 14 -6.00 -19.15 -1.78
C ARG A 14 -5.65 -20.47 -1.08
N ILE A 15 -6.54 -20.97 -0.23
CA ILE A 15 -6.20 -22.18 0.50
C ILE A 15 -6.33 -23.42 -0.40
N GLY A 16 -7.40 -23.49 -1.20
CA GLY A 16 -7.54 -24.62 -2.12
C GLY A 16 -6.34 -24.77 -3.03
N ARG A 17 -5.87 -23.66 -3.62
CA ARG A 17 -4.70 -23.73 -4.50
C ARG A 17 -3.43 -24.03 -3.72
N LEU A 18 -3.25 -23.44 -2.55
CA LEU A 18 -1.98 -23.66 -1.87
C LEU A 18 -1.95 -24.98 -1.13
N VAL A 19 -3.10 -25.54 -0.78
CA VAL A 19 -3.16 -26.94 -0.34
C VAL A 19 -2.71 -27.85 -1.46
N THR A 20 -3.15 -27.56 -2.69
CA THR A 20 -2.74 -28.37 -3.84
C THR A 20 -1.23 -28.24 -4.06
N ARG A 21 -0.70 -27.00 -4.04
CA ARG A 21 0.74 -26.82 -4.09
C ARG A 21 1.44 -27.63 -3.01
N ALA A 22 0.93 -27.55 -1.78
CA ALA A 22 1.59 -28.19 -0.65
C ALA A 22 1.54 -29.70 -0.79
N ALA A 23 0.46 -30.23 -1.35
CA ALA A 23 0.36 -31.67 -1.55
C ALA A 23 1.38 -32.14 -2.59
N PHE A 24 1.55 -31.39 -3.67
CA PHE A 24 2.56 -31.78 -4.65
C PHE A 24 3.97 -31.56 -4.13
N ASN A 25 4.19 -30.52 -3.32
CA ASN A 25 5.54 -30.29 -2.79
C ASN A 25 5.94 -31.36 -1.76
N SER A 26 5.05 -31.64 -0.79
CA SER A 26 5.36 -32.60 0.25
C SER A 26 5.15 -34.05 -0.18
N GLY A 27 4.30 -34.29 -1.18
CA GLY A 27 3.98 -35.64 -1.59
C GLY A 27 3.24 -36.48 -0.56
N LYS A 28 2.73 -35.87 0.50
CA LYS A 28 2.11 -36.63 1.60
C LYS A 28 0.73 -37.18 1.23
N VAL A 29 0.02 -36.50 0.33
CA VAL A 29 -1.28 -36.93 -0.16
C VAL A 29 -1.31 -36.71 -1.67
N ASP A 30 -2.29 -37.31 -2.34
CA ASP A 30 -2.46 -37.18 -3.78
C ASP A 30 -3.73 -36.39 -4.08
N ILE A 31 -3.59 -35.24 -4.74
CA ILE A 31 -4.76 -34.51 -5.24
C ILE A 31 -5.25 -35.18 -6.51
N VAL A 32 -6.52 -35.61 -6.53
CA VAL A 32 -7.09 -36.27 -7.71
C VAL A 32 -8.33 -35.58 -8.25
N ALA A 33 -8.91 -34.62 -7.53
CA ALA A 33 -10.11 -33.95 -8.00
C ALA A 33 -10.22 -32.57 -7.37
N ILE A 34 -10.72 -31.60 -8.13
CA ILE A 34 -10.93 -30.23 -7.69
C ILE A 34 -12.30 -29.78 -8.19
N ASN A 35 -13.10 -29.16 -7.31
CA ASN A 35 -14.36 -28.53 -7.68
C ASN A 35 -14.28 -27.03 -7.44
N ASP A 36 -14.67 -26.23 -8.44
CA ASP A 36 -14.85 -24.79 -8.25
C ASP A 36 -15.69 -24.31 -9.41
N PRO A 37 -16.97 -24.01 -9.18
CA PRO A 37 -17.83 -23.56 -10.29
C PRO A 37 -17.49 -22.17 -10.81
N PHE A 38 -16.62 -21.40 -10.14
CA PHE A 38 -16.24 -20.08 -10.60
C PHE A 38 -14.87 -20.04 -11.27
N ILE A 39 -14.23 -21.18 -11.50
CA ILE A 39 -12.93 -21.25 -12.16
C ILE A 39 -12.96 -22.47 -13.07
N ASP A 40 -13.05 -22.25 -14.38
CA ASP A 40 -13.06 -23.40 -15.28
C ASP A 40 -11.63 -23.90 -15.51
N LEU A 41 -11.51 -24.99 -16.28
CA LEU A 41 -10.23 -25.70 -16.36
C LEU A 41 -9.11 -24.79 -16.87
N ASN A 42 -9.34 -24.11 -17.99
CA ASN A 42 -8.27 -23.27 -18.53
C ASN A 42 -7.89 -22.17 -17.55
N TYR A 43 -8.89 -21.62 -16.85
CA TYR A 43 -8.61 -20.61 -15.84
C TYR A 43 -7.86 -21.20 -14.65
N MET A 44 -8.17 -22.44 -14.27
CA MET A 44 -7.43 -23.06 -13.16
C MET A 44 -5.96 -23.17 -13.49
N VAL A 45 -5.61 -23.46 -14.74
CA VAL A 45 -4.21 -23.54 -15.12
C VAL A 45 -3.52 -22.23 -14.80
N TYR A 46 -4.14 -21.12 -15.20
CA TYR A 46 -3.58 -19.79 -14.97
C TYR A 46 -3.50 -19.46 -13.48
N MET A 47 -4.60 -19.68 -12.74
CA MET A 47 -4.61 -19.29 -11.34
C MET A 47 -3.63 -20.12 -10.51
N PHE A 48 -3.44 -21.40 -10.86
CA PHE A 48 -2.49 -22.23 -10.14
C PHE A 48 -1.05 -21.86 -10.50
N GLN A 49 -0.79 -21.52 -11.76
CA GLN A 49 0.58 -21.33 -12.22
C GLN A 49 1.16 -20.02 -11.72
N TYR A 50 0.38 -18.94 -11.76
CA TYR A 50 0.86 -17.61 -11.38
C TYR A 50 0.27 -17.23 -10.04
N ASP A 51 1.11 -16.74 -9.14
CA ASP A 51 0.64 -16.40 -7.80
C ASP A 51 1.35 -15.13 -7.37
N SER A 52 0.60 -14.06 -7.15
CA SER A 52 1.21 -12.79 -6.78
C SER A 52 2.01 -12.92 -5.49
N THR A 53 1.55 -13.77 -4.58
CA THR A 53 2.17 -13.80 -3.26
C THR A 53 3.34 -14.77 -3.18
N HIS A 54 3.20 -15.96 -3.75
CA HIS A 54 4.17 -17.02 -3.56
C HIS A 54 4.93 -17.36 -4.83
N GLY A 55 4.71 -16.61 -5.91
CA GLY A 55 5.48 -16.78 -7.11
C GLY A 55 4.94 -17.89 -8.00
N LYS A 56 5.59 -18.02 -9.16
CA LYS A 56 5.13 -19.02 -10.13
C LYS A 56 5.35 -20.42 -9.59
N PHE A 57 4.41 -21.30 -9.93
CA PHE A 57 4.53 -22.70 -9.55
C PHE A 57 5.82 -23.29 -10.14
N HIS A 58 6.59 -23.95 -9.28
CA HIS A 58 7.77 -24.70 -9.70
C HIS A 58 7.29 -26.10 -10.07
N GLY A 59 7.15 -26.34 -11.34
CA GLY A 59 6.55 -27.56 -11.82
C GLY A 59 5.81 -27.24 -13.09
N THR A 60 5.09 -28.23 -13.58
CA THR A 60 4.33 -28.09 -14.81
C THR A 60 2.85 -28.14 -14.50
N VAL A 61 2.08 -27.36 -15.24
CA VAL A 61 0.63 -27.39 -15.10
C VAL A 61 0.04 -27.07 -16.46
N LYS A 62 -0.90 -27.88 -16.90
CA LYS A 62 -1.54 -27.66 -18.19
C LYS A 62 -2.92 -28.31 -18.15
N ALA A 63 -3.72 -27.97 -19.15
CA ALA A 63 -5.03 -28.60 -19.37
C ALA A 63 -4.89 -29.59 -20.52
N GLU A 64 -5.31 -30.83 -20.31
CA GLU A 64 -5.26 -31.83 -21.37
C GLU A 64 -6.36 -32.88 -21.16
N ASN A 65 -7.10 -33.18 -22.22
CA ASN A 65 -8.14 -34.19 -22.17
C ASN A 65 -9.20 -33.85 -21.12
N GLY A 66 -9.45 -32.56 -20.91
CA GLY A 66 -10.39 -32.13 -19.90
C GLY A 66 -9.91 -32.22 -18.46
N LYS A 67 -8.66 -32.60 -18.23
CA LYS A 67 -8.11 -32.72 -16.89
C LYS A 67 -7.10 -31.60 -16.63
N LEU A 68 -6.96 -31.23 -15.36
CA LEU A 68 -5.84 -30.40 -14.92
C LEU A 68 -4.65 -31.30 -14.63
N VAL A 69 -3.54 -31.09 -15.33
CA VAL A 69 -2.40 -31.99 -15.21
C VAL A 69 -1.29 -31.22 -14.51
N ILE A 70 -0.98 -31.63 -13.28
CA ILE A 70 0.06 -30.99 -12.47
C ILE A 70 1.19 -31.98 -12.27
N ASN A 71 2.40 -31.59 -12.67
CA ASN A 71 3.56 -32.48 -12.67
C ASN A 71 3.23 -33.84 -13.29
N GLY A 72 2.49 -33.81 -14.39
CA GLY A 72 2.15 -35.03 -15.09
C GLY A 72 1.01 -35.81 -14.50
N ASN A 73 0.43 -35.35 -13.39
CA ASN A 73 -0.66 -36.06 -12.73
C ASN A 73 -2.00 -35.46 -13.14
N PRO A 74 -2.88 -36.22 -13.80
CA PRO A 74 -4.19 -35.68 -14.16
C PRO A 74 -5.15 -35.61 -12.99
N ILE A 75 -5.91 -34.53 -12.95
CA ILE A 75 -6.84 -34.21 -11.88
C ILE A 75 -8.21 -33.97 -12.49
N THR A 76 -9.24 -34.66 -11.98
CA THR A 76 -10.60 -34.47 -12.46
C THR A 76 -11.15 -33.13 -11.98
N ILE A 77 -11.76 -32.37 -12.89
CA ILE A 77 -12.27 -31.02 -12.58
C ILE A 77 -13.80 -31.05 -12.58
N PHE A 78 -14.39 -30.62 -11.47
CA PHE A 78 -15.85 -30.51 -11.34
C PHE A 78 -16.24 -29.03 -11.27
N GLN A 79 -17.50 -28.74 -11.61
CA GLN A 79 -17.96 -27.35 -11.69
C GLN A 79 -19.32 -27.19 -11.01
N GLU A 80 -19.45 -27.65 -9.76
CA GLU A 80 -20.74 -27.75 -9.08
C GLU A 80 -20.85 -26.74 -7.96
N ARG A 81 -21.98 -26.02 -7.91
CA ARG A 81 -22.24 -25.12 -6.77
C ARG A 81 -22.73 -25.90 -5.55
N ASP A 82 -23.48 -26.97 -5.79
CA ASP A 82 -24.06 -27.77 -4.73
C ASP A 82 -23.09 -28.89 -4.35
N PRO A 83 -22.48 -28.86 -3.17
CA PRO A 83 -21.46 -29.88 -2.86
C PRO A 83 -22.01 -31.29 -2.81
N SER A 84 -23.32 -31.47 -2.58
CA SER A 84 -23.85 -32.82 -2.56
C SER A 84 -23.90 -33.45 -3.94
N LYS A 85 -23.63 -32.68 -5.00
CA LYS A 85 -23.69 -33.20 -6.36
C LYS A 85 -22.31 -33.53 -6.94
N ILE A 86 -21.23 -33.32 -6.19
CA ILE A 86 -19.88 -33.58 -6.72
C ILE A 86 -19.59 -35.08 -6.64
N LYS A 87 -19.21 -35.68 -7.77
CA LYS A 87 -18.99 -37.13 -7.81
C LYS A 87 -17.55 -37.48 -7.37
N TRP A 88 -17.27 -37.20 -6.09
CA TRP A 88 -15.95 -37.48 -5.54
C TRP A 88 -15.58 -38.94 -5.69
N GLY A 89 -16.52 -39.83 -5.37
CA GLY A 89 -16.22 -41.26 -5.44
C GLY A 89 -15.79 -41.69 -6.83
N ASP A 90 -16.51 -41.25 -7.86
CA ASP A 90 -16.14 -41.61 -9.22
C ASP A 90 -14.72 -41.18 -9.55
N ALA A 91 -14.31 -40.02 -9.05
CA ALA A 91 -12.97 -39.52 -9.31
C ALA A 91 -11.91 -40.14 -8.40
N GLY A 92 -12.32 -40.97 -7.45
CA GLY A 92 -11.39 -41.62 -6.53
C GLY A 92 -10.97 -40.77 -5.34
N ALA A 93 -11.61 -39.61 -5.13
CA ALA A 93 -11.26 -38.75 -4.01
C ALA A 93 -11.80 -39.35 -2.72
N GLU A 94 -10.91 -39.61 -1.77
CA GLU A 94 -11.31 -40.21 -0.50
C GLU A 94 -11.55 -39.17 0.59
N TYR A 95 -10.63 -38.22 0.73
CA TYR A 95 -10.82 -37.09 1.64
C TYR A 95 -11.10 -35.84 0.82
N VAL A 96 -11.99 -34.99 1.32
CA VAL A 96 -12.29 -33.73 0.65
C VAL A 96 -11.86 -32.59 1.55
N VAL A 97 -11.09 -31.65 0.99
CA VAL A 97 -10.76 -30.40 1.64
C VAL A 97 -11.89 -29.43 1.33
N GLU A 98 -12.61 -28.99 2.34
CA GLU A 98 -13.76 -28.10 2.19
C GLU A 98 -13.21 -26.70 2.44
N SER A 99 -12.80 -26.01 1.35
CA SER A 99 -12.09 -24.74 1.45
C SER A 99 -12.81 -23.61 0.69
N THR A 100 -14.13 -23.69 0.61
CA THR A 100 -14.92 -22.62 0.01
C THR A 100 -15.23 -21.50 0.99
N GLY A 101 -15.20 -21.78 2.29
CA GLY A 101 -15.63 -20.84 3.30
C GLY A 101 -17.12 -20.82 3.58
N VAL A 102 -17.93 -21.58 2.83
CA VAL A 102 -19.37 -21.46 2.95
C VAL A 102 -20.06 -22.74 3.39
N PHE A 103 -19.31 -23.81 3.69
CA PHE A 103 -19.92 -25.06 4.15
C PHE A 103 -19.17 -25.55 5.40
N THR A 104 -19.24 -24.80 6.51
CA THR A 104 -18.35 -25.07 7.64
C THR A 104 -19.02 -25.79 8.80
N THR A 105 -20.31 -26.07 8.72
CA THR A 105 -20.97 -26.92 9.73
C THR A 105 -20.90 -28.37 9.28
N MET A 106 -21.03 -29.29 10.26
CA MET A 106 -21.02 -30.70 9.91
C MET A 106 -22.13 -31.04 8.92
N GLU A 107 -23.29 -30.43 9.10
CA GLU A 107 -24.40 -30.72 8.19
C GLU A 107 -24.07 -30.27 6.78
N LYS A 108 -23.50 -29.08 6.62
CA LYS A 108 -23.22 -28.60 5.27
C LYS A 108 -22.02 -29.32 4.67
N ALA A 109 -20.96 -29.50 5.46
CA ALA A 109 -19.78 -30.18 4.95
C ALA A 109 -20.05 -31.66 4.66
N GLY A 110 -21.00 -32.27 5.37
CA GLY A 110 -21.36 -33.67 5.13
C GLY A 110 -21.98 -33.93 3.77
N ALA A 111 -22.34 -32.88 3.03
CA ALA A 111 -22.82 -33.06 1.67
C ALA A 111 -21.84 -33.89 0.84
N HIS A 112 -20.53 -33.73 1.07
CA HIS A 112 -19.54 -34.44 0.26
C HIS A 112 -19.63 -35.96 0.41
N LEU A 113 -20.18 -36.43 1.52
CA LEU A 113 -20.36 -37.87 1.70
C LEU A 113 -21.38 -38.41 0.71
N GLN A 114 -22.33 -37.58 0.27
CA GLN A 114 -23.35 -38.05 -0.65
C GLN A 114 -22.78 -38.41 -2.01
N GLY A 115 -21.73 -37.71 -2.45
CA GLY A 115 -21.03 -38.05 -3.67
C GLY A 115 -19.93 -39.07 -3.54
N GLY A 116 -19.76 -39.68 -2.35
CA GLY A 116 -18.83 -40.79 -2.20
C GLY A 116 -17.52 -40.47 -1.49
N ALA A 117 -17.33 -39.23 -1.05
CA ALA A 117 -16.17 -38.95 -0.22
C ALA A 117 -16.27 -39.72 1.09
N LYS A 118 -15.12 -40.07 1.67
CA LYS A 118 -15.09 -40.82 2.91
C LYS A 118 -15.02 -39.91 4.14
N ARG A 119 -14.24 -38.83 4.04
CA ARG A 119 -14.08 -37.88 5.13
C ARG A 119 -13.95 -36.49 4.55
N VAL A 120 -14.19 -35.49 5.40
CA VAL A 120 -14.13 -34.08 5.00
C VAL A 120 -13.29 -33.32 6.02
N ILE A 121 -12.39 -32.47 5.53
CA ILE A 121 -11.56 -31.62 6.38
C ILE A 121 -11.96 -30.18 6.06
N ILE A 122 -12.63 -29.52 7.01
CA ILE A 122 -13.04 -28.14 6.83
C ILE A 122 -11.84 -27.24 7.07
N SER A 123 -11.49 -26.41 6.09
CA SER A 123 -10.30 -25.56 6.18
C SER A 123 -10.57 -24.27 6.94
N ALA A 124 -11.32 -24.35 8.03
CA ALA A 124 -11.74 -23.16 8.77
C ALA A 124 -12.36 -23.61 10.08
N PRO A 125 -12.59 -22.71 11.02
CA PRO A 125 -13.33 -23.09 12.24
C PRO A 125 -14.72 -23.58 11.89
N SER A 126 -15.25 -24.42 12.76
CA SER A 126 -16.58 -24.99 12.57
C SER A 126 -17.38 -24.78 13.84
N ALA A 127 -18.66 -24.44 13.68
CA ALA A 127 -19.55 -24.35 14.84
C ALA A 127 -19.63 -25.68 15.58
N ASP A 128 -19.57 -26.81 14.86
CA ASP A 128 -19.78 -28.10 15.52
C ASP A 128 -18.79 -29.21 15.16
N ALA A 129 -18.02 -29.12 14.08
CA ALA A 129 -17.08 -30.19 13.77
C ALA A 129 -15.91 -30.14 14.74
N PRO A 130 -15.44 -31.30 15.21
CA PRO A 130 -14.25 -31.31 16.08
C PRO A 130 -13.08 -30.66 15.39
N MET A 131 -12.35 -29.83 16.14
CA MET A 131 -11.25 -29.06 15.59
C MET A 131 -9.90 -29.63 16.03
N PHE A 132 -8.93 -29.58 15.12
CA PHE A 132 -7.62 -30.13 15.37
C PHE A 132 -6.56 -29.12 14.97
N VAL A 133 -5.47 -29.09 15.74
CA VAL A 133 -4.29 -28.30 15.41
C VAL A 133 -3.11 -29.25 15.46
N MET A 134 -2.42 -29.40 14.33
CA MET A 134 -1.24 -30.24 14.27
C MET A 134 -0.22 -29.81 15.31
N GLY A 135 0.31 -30.79 16.06
CA GLY A 135 1.25 -30.52 17.12
C GLY A 135 0.64 -30.27 18.47
N VAL A 136 -0.65 -30.00 18.55
CA VAL A 136 -1.33 -29.68 19.80
C VAL A 136 -2.32 -30.78 20.21
N ASN A 137 -3.23 -31.16 19.29
CA ASN A 137 -4.18 -32.21 19.66
C ASN A 137 -4.52 -33.15 18.50
N HIS A 138 -3.72 -33.18 17.43
CA HIS A 138 -4.07 -34.05 16.31
C HIS A 138 -4.06 -35.53 16.69
N GLU A 139 -3.33 -35.92 17.73
CA GLU A 139 -3.35 -37.32 18.15
C GLU A 139 -4.65 -37.70 18.83
N LYS A 140 -5.55 -36.75 19.04
CA LYS A 140 -6.91 -37.01 19.50
C LYS A 140 -7.85 -37.37 18.38
N TYR A 141 -7.43 -37.23 17.12
CA TYR A 141 -8.26 -37.69 16.03
C TYR A 141 -8.42 -39.21 16.11
N ASP A 142 -9.59 -39.72 15.76
CA ASP A 142 -9.78 -41.16 15.59
C ASP A 142 -10.72 -41.39 14.42
N ASN A 143 -10.70 -42.61 13.90
CA ASN A 143 -11.35 -42.85 12.61
C ASN A 143 -12.88 -42.92 12.71
N SER A 144 -13.47 -42.66 13.87
CA SER A 144 -14.92 -42.48 13.87
C SER A 144 -15.35 -41.11 13.42
N LEU A 145 -14.41 -40.18 13.19
CA LEU A 145 -14.73 -38.79 12.90
C LEU A 145 -14.63 -38.61 11.39
N LYS A 146 -15.78 -38.53 10.73
CA LYS A 146 -15.78 -38.38 9.28
C LYS A 146 -15.73 -36.92 8.82
N ILE A 147 -16.01 -35.96 9.71
CA ILE A 147 -16.04 -34.55 9.36
C ILE A 147 -15.34 -33.78 10.47
N ILE A 148 -14.22 -33.13 10.13
CA ILE A 148 -13.40 -32.45 11.13
C ILE A 148 -13.00 -31.09 10.58
N SER A 149 -12.46 -30.25 11.46
CA SER A 149 -12.04 -28.92 11.11
C SER A 149 -10.56 -28.75 11.44
N ASN A 150 -9.83 -28.03 10.59
CA ASN A 150 -8.43 -27.75 10.90
C ASN A 150 -8.25 -26.40 11.59
N ALA A 151 -9.33 -25.86 12.18
CA ALA A 151 -9.34 -24.57 12.88
C ALA A 151 -8.98 -23.43 11.95
N SER A 152 -8.51 -22.32 12.52
CA SER A 152 -8.15 -21.15 11.73
C SER A 152 -6.64 -21.00 11.61
N CYS A 153 -6.22 -20.15 10.68
CA CYS A 153 -4.82 -19.76 10.60
C CYS A 153 -4.34 -19.26 11.97
N THR A 154 -5.14 -18.38 12.59
CA THR A 154 -4.72 -17.76 13.86
C THR A 154 -4.67 -18.77 14.98
N THR A 155 -5.65 -19.69 15.06
CA THR A 155 -5.56 -20.71 16.11
C THR A 155 -4.35 -21.60 15.91
N ASN A 156 -4.00 -21.90 14.65
CA ASN A 156 -2.80 -22.68 14.43
C ASN A 156 -1.54 -21.91 14.78
N CYS A 157 -1.60 -20.58 14.82
CA CYS A 157 -0.44 -19.84 15.30
C CYS A 157 -0.42 -19.81 16.83
N LEU A 158 -1.54 -19.46 17.44
CA LEU A 158 -1.55 -19.26 18.90
C LEU A 158 -1.40 -20.58 19.65
N ALA A 159 -2.09 -21.63 19.21
CA ALA A 159 -2.18 -22.83 20.05
C ALA A 159 -0.84 -23.52 20.28
N PRO A 160 0.06 -23.68 19.30
CA PRO A 160 1.35 -24.31 19.63
C PRO A 160 2.18 -23.50 20.61
N LEU A 161 2.12 -22.17 20.51
CA LEU A 161 2.84 -21.33 21.46
C LEU A 161 2.19 -21.39 22.83
N ALA A 162 0.85 -21.32 22.87
CA ALA A 162 0.14 -21.41 24.14
C ALA A 162 0.43 -22.71 24.85
N LYS A 163 0.53 -23.81 24.09
CA LYS A 163 0.84 -25.11 24.70
C LYS A 163 2.20 -25.10 25.38
N VAL A 164 3.22 -24.49 24.77
CA VAL A 164 4.54 -24.49 25.38
C VAL A 164 4.55 -23.58 26.60
N ILE A 165 3.92 -22.41 26.51
CA ILE A 165 3.91 -21.51 27.65
C ILE A 165 3.13 -22.12 28.80
N HIS A 166 1.96 -22.69 28.50
CA HIS A 166 1.15 -23.29 29.56
C HIS A 166 1.82 -24.50 30.17
N ASP A 167 2.37 -25.40 29.34
CA ASP A 167 3.07 -26.57 29.84
C ASP A 167 4.16 -26.20 30.84
N ASN A 168 4.88 -25.11 30.57
CA ASN A 168 6.07 -24.83 31.38
C ASN A 168 5.80 -23.88 32.53
N PHE A 169 4.95 -22.89 32.33
CA PHE A 169 4.74 -21.86 33.34
C PHE A 169 3.30 -21.74 33.80
N GLY A 170 2.35 -22.22 33.02
CA GLY A 170 0.96 -22.15 33.38
C GLY A 170 0.37 -20.80 33.01
N ILE A 171 -0.60 -20.79 32.11
CA ILE A 171 -1.26 -19.56 31.72
C ILE A 171 -2.47 -19.37 32.63
N VAL A 172 -2.42 -18.32 33.46
CA VAL A 172 -3.58 -17.98 34.26
C VAL A 172 -4.68 -17.41 33.39
N GLU A 173 -4.32 -16.48 32.50
CA GLU A 173 -5.25 -15.80 31.62
C GLU A 173 -4.43 -15.13 30.53
N GLY A 174 -5.04 -14.94 29.37
CA GLY A 174 -4.35 -14.34 28.25
C GLY A 174 -5.32 -13.62 27.33
N LEU A 175 -4.83 -12.56 26.72
CA LEU A 175 -5.60 -11.77 25.76
C LEU A 175 -4.74 -11.64 24.52
N MET A 176 -5.34 -11.89 23.35
CA MET A 176 -4.57 -11.99 22.11
C MET A 176 -5.03 -10.93 21.12
N THR A 177 -4.08 -10.29 20.46
CA THR A 177 -4.37 -9.51 19.27
C THR A 177 -3.62 -10.15 18.11
N THR A 178 -4.29 -10.30 16.97
CA THR A 178 -3.56 -10.67 15.77
C THR A 178 -3.66 -9.52 14.78
N VAL A 179 -2.50 -9.09 14.29
CA VAL A 179 -2.41 -8.14 13.20
C VAL A 179 -2.31 -8.97 11.92
N HIS A 180 -3.32 -8.88 11.08
CA HIS A 180 -3.53 -9.89 10.05
C HIS A 180 -3.57 -9.24 8.68
N ALA A 181 -2.91 -9.90 7.73
CA ALA A 181 -2.88 -9.49 6.34
C ALA A 181 -4.28 -9.47 5.75
N ILE A 182 -4.45 -8.74 4.65
CA ILE A 182 -5.76 -8.72 4.00
C ILE A 182 -6.09 -10.10 3.43
N THR A 183 -7.39 -10.36 3.23
CA THR A 183 -7.81 -11.63 2.65
C THR A 183 -8.93 -11.37 1.65
N ALA A 184 -9.35 -12.45 0.99
CA ALA A 184 -10.32 -12.36 -0.10
C ALA A 184 -11.70 -11.89 0.36
N THR A 185 -12.01 -12.00 1.65
CA THR A 185 -13.31 -11.53 2.13
C THR A 185 -13.39 -10.01 2.23
N GLN A 186 -12.26 -9.32 2.15
CA GLN A 186 -12.26 -7.86 2.27
C GLN A 186 -12.48 -7.19 0.92
N LYS A 187 -12.60 -5.86 0.95
CA LYS A 187 -12.90 -5.04 -0.21
C LYS A 187 -11.74 -4.10 -0.56
N THR A 188 -11.57 -3.83 -1.86
CA THR A 188 -10.51 -2.92 -2.28
C THR A 188 -10.85 -1.47 -1.94
N VAL A 189 -12.14 -1.10 -2.04
CA VAL A 189 -12.64 0.22 -1.64
C VAL A 189 -13.91 0.02 -0.84
N ASP A 190 -14.34 1.07 -0.13
CA ASP A 190 -15.54 1.05 0.70
C ASP A 190 -16.71 0.41 -0.04
N GLY A 191 -17.21 -0.71 0.49
CA GLY A 191 -18.35 -1.37 -0.13
C GLY A 191 -19.23 -2.09 0.86
N PRO A 192 -20.22 -2.82 0.33
CA PRO A 192 -21.23 -3.45 1.20
C PRO A 192 -20.70 -4.67 1.93
N SER A 193 -20.97 -4.70 3.25
CA SER A 193 -20.70 -5.82 4.15
C SER A 193 -21.74 -5.70 5.27
N GLY A 194 -22.98 -6.10 4.97
CA GLY A 194 -24.09 -5.78 5.83
C GLY A 194 -24.04 -6.44 7.20
N LYS A 195 -23.42 -7.61 7.28
CA LYS A 195 -23.29 -8.26 8.57
C LYS A 195 -22.18 -7.61 9.41
N LEU A 196 -21.11 -7.17 8.77
CA LEU A 196 -19.91 -6.69 9.46
C LEU A 196 -19.48 -5.39 8.78
N TRP A 197 -20.02 -4.27 9.27
CA TRP A 197 -19.84 -2.99 8.59
C TRP A 197 -18.37 -2.61 8.44
N ARG A 198 -17.55 -2.88 9.46
CA ARG A 198 -16.15 -2.49 9.39
C ARG A 198 -15.44 -3.25 8.27
N ASP A 199 -15.84 -4.50 8.02
CA ASP A 199 -15.16 -5.31 7.03
C ASP A 199 -15.47 -4.88 5.60
N GLY A 200 -16.51 -4.06 5.40
CA GLY A 200 -16.76 -3.48 4.09
C GLY A 200 -15.89 -2.30 3.75
N ARG A 201 -15.27 -1.67 4.74
CA ARG A 201 -14.45 -0.49 4.48
C ARG A 201 -13.17 -0.89 3.74
N GLY A 202 -12.69 0.04 2.90
CA GLY A 202 -11.58 -0.22 2.00
C GLY A 202 -10.35 -0.80 2.68
N ALA A 203 -9.90 -1.97 2.21
CA ALA A 203 -8.85 -2.70 2.95
C ALA A 203 -7.47 -2.10 2.70
N LEU A 204 -7.27 -1.43 1.57
CA LEU A 204 -5.95 -0.86 1.31
C LEU A 204 -5.70 0.40 2.12
N GLN A 205 -6.76 1.11 2.52
CA GLN A 205 -6.63 2.39 3.19
C GLN A 205 -6.63 2.29 4.72
N ASN A 206 -7.10 1.19 5.28
CA ASN A 206 -7.56 1.18 6.66
C ASN A 206 -6.91 0.08 7.51
N ILE A 207 -6.65 0.43 8.76
CA ILE A 207 -6.56 -0.55 9.84
C ILE A 207 -7.99 -0.84 10.27
N ILE A 208 -8.39 -2.11 10.25
CA ILE A 208 -9.78 -2.48 10.51
C ILE A 208 -9.88 -3.44 11.68
N PRO A 209 -10.48 -3.05 12.81
CA PRO A 209 -10.67 -4.02 13.90
C PRO A 209 -11.68 -5.08 13.49
N ALA A 210 -11.47 -6.30 14.00
CA ALA A 210 -12.38 -7.39 13.69
C ALA A 210 -12.39 -8.39 14.83
N SER A 211 -13.54 -9.07 14.98
CA SER A 211 -13.64 -10.14 15.95
C SER A 211 -13.02 -11.42 15.41
N THR A 212 -12.56 -12.26 16.33
CA THR A 212 -12.12 -13.61 15.97
C THR A 212 -12.24 -14.49 17.19
N GLY A 213 -12.72 -15.72 16.97
CA GLY A 213 -12.80 -16.69 18.04
C GLY A 213 -11.54 -17.51 18.24
N ALA A 214 -10.43 -17.12 17.60
CA ALA A 214 -9.25 -17.98 17.57
C ALA A 214 -8.68 -18.22 18.94
N ALA A 215 -8.66 -17.18 19.78
CA ALA A 215 -8.06 -17.34 21.10
C ALA A 215 -8.93 -18.22 21.99
N LYS A 216 -10.25 -17.98 21.97
CA LYS A 216 -11.16 -18.85 22.69
C LYS A 216 -11.09 -20.28 22.19
N ALA A 217 -10.90 -20.44 20.87
CA ALA A 217 -10.81 -21.78 20.27
C ALA A 217 -9.61 -22.56 20.79
N VAL A 218 -8.58 -21.88 21.26
CA VAL A 218 -7.43 -22.59 21.83
C VAL A 218 -7.85 -23.40 23.04
N GLY A 219 -8.87 -22.94 23.77
CA GLY A 219 -9.45 -23.69 24.87
C GLY A 219 -10.17 -24.97 24.47
N LYS A 220 -10.44 -25.17 23.18
CA LYS A 220 -10.99 -26.42 22.67
C LYS A 220 -9.90 -27.43 22.32
N VAL A 221 -8.77 -26.97 21.79
CA VAL A 221 -7.68 -27.88 21.47
C VAL A 221 -6.75 -28.08 22.66
N ILE A 222 -6.71 -27.13 23.59
CA ILE A 222 -6.02 -27.27 24.87
C ILE A 222 -7.08 -27.11 25.95
N PRO A 223 -7.76 -28.18 26.34
CA PRO A 223 -8.90 -28.04 27.27
C PRO A 223 -8.54 -27.35 28.58
N GLU A 224 -7.30 -27.50 29.04
CA GLU A 224 -6.89 -26.82 30.27
C GLU A 224 -6.95 -25.31 30.15
N LEU A 225 -7.02 -24.77 28.93
CA LEU A 225 -7.10 -23.33 28.71
C LEU A 225 -8.53 -22.87 28.38
N ASN A 226 -9.51 -23.77 28.49
CA ASN A 226 -10.90 -23.38 28.33
C ASN A 226 -11.26 -22.19 29.23
N GLY A 227 -11.85 -21.17 28.63
CA GLY A 227 -12.22 -19.96 29.35
C GLY A 227 -11.08 -19.02 29.72
N LYS A 228 -9.83 -19.37 29.43
CA LYS A 228 -8.69 -18.60 29.90
C LYS A 228 -8.09 -17.65 28.85
N LEU A 229 -8.57 -17.70 27.62
CA LEU A 229 -8.04 -16.87 26.53
C LEU A 229 -9.17 -16.30 25.71
N THR A 230 -9.02 -15.04 25.29
CA THR A 230 -9.83 -14.51 24.20
C THR A 230 -9.00 -13.44 23.49
N GLY A 231 -9.60 -12.76 22.53
CA GLY A 231 -8.80 -11.86 21.70
C GLY A 231 -9.60 -11.21 20.59
N MET A 232 -8.88 -10.48 19.73
CA MET A 232 -9.47 -9.76 18.60
C MET A 232 -8.38 -9.57 17.54
N ALA A 233 -8.75 -8.94 16.42
CA ALA A 233 -7.85 -8.79 15.28
C ALA A 233 -7.85 -7.37 14.77
N PHE A 234 -6.74 -6.98 14.14
CA PHE A 234 -6.68 -5.80 13.29
C PHE A 234 -6.29 -6.26 11.89
N ARG A 235 -7.06 -5.90 10.89
CA ARG A 235 -6.70 -6.16 9.51
C ARG A 235 -5.89 -4.99 8.98
N VAL A 236 -4.77 -5.28 8.33
CA VAL A 236 -3.91 -4.21 7.83
C VAL A 236 -3.55 -4.52 6.38
N PRO A 237 -3.16 -3.49 5.61
CA PRO A 237 -2.94 -3.67 4.16
C PRO A 237 -1.57 -4.20 3.79
N THR A 238 -1.33 -5.47 4.14
CA THR A 238 -0.26 -6.28 3.58
C THR A 238 -0.89 -7.50 2.92
N ALA A 239 -0.22 -8.06 1.92
CA ALA A 239 -0.86 -9.10 1.09
C ALA A 239 -0.88 -10.48 1.76
N ASN A 240 0.03 -10.73 2.69
CA ASN A 240 0.17 -12.03 3.31
C ASN A 240 1.12 -11.89 4.49
N VAL A 241 1.02 -12.85 5.41
CA VAL A 241 1.80 -12.97 6.65
C VAL A 241 1.19 -12.10 7.74
N SER A 242 0.95 -12.72 8.88
CA SER A 242 0.25 -12.12 9.99
C SER A 242 1.02 -12.44 11.25
N VAL A 243 0.59 -11.85 12.35
CA VAL A 243 1.35 -11.98 13.60
C VAL A 243 0.39 -12.05 14.78
N VAL A 244 0.72 -12.89 15.75
CA VAL A 244 0.00 -13.04 17.00
C VAL A 244 0.75 -12.28 18.08
N ASP A 245 0.00 -11.60 18.93
CA ASP A 245 0.51 -10.75 20.00
C ASP A 245 -0.25 -11.25 21.23
N LEU A 246 0.38 -12.09 22.04
CA LEU A 246 -0.28 -12.74 23.19
C LEU A 246 0.19 -12.07 24.49
N THR A 247 -0.74 -11.43 25.19
CA THR A 247 -0.47 -10.85 26.51
C THR A 247 -1.05 -11.79 27.56
N CYS A 248 -0.18 -12.41 28.35
CA CYS A 248 -0.68 -13.39 29.31
C CYS A 248 -0.02 -13.22 30.67
N ARG A 249 -0.75 -13.66 31.69
CA ARG A 249 -0.25 -13.77 33.05
C ARG A 249 0.07 -15.22 33.35
N LEU A 250 1.23 -15.46 33.95
CA LEU A 250 1.76 -16.79 34.19
C LEU A 250 1.60 -17.19 35.65
N GLU A 251 1.42 -18.48 35.89
CA GLU A 251 1.30 -19.00 37.26
C GLU A 251 2.66 -19.06 37.93
N LYS A 252 3.63 -19.67 37.25
CA LYS A 252 5.00 -19.74 37.74
C LYS A 252 5.82 -18.58 37.19
N PRO A 253 6.74 -18.02 37.98
CA PRO A 253 7.59 -16.95 37.45
C PRO A 253 8.45 -17.46 36.31
N ALA A 254 8.65 -16.60 35.31
CA ALA A 254 9.46 -16.95 34.15
C ALA A 254 10.25 -15.73 33.73
N LYS A 255 11.57 -15.81 33.84
CA LYS A 255 12.41 -14.84 33.16
C LYS A 255 12.21 -15.01 31.66
N TYR A 256 12.27 -13.89 30.93
CA TYR A 256 12.11 -13.97 29.48
C TYR A 256 13.10 -14.94 28.85
N ASP A 257 14.32 -15.00 29.39
CA ASP A 257 15.30 -15.95 28.89
C ASP A 257 14.86 -17.40 29.13
N ASP A 258 14.09 -17.66 30.19
CA ASP A 258 13.53 -19.00 30.38
C ASP A 258 12.41 -19.27 29.39
N ILE A 259 11.60 -18.27 29.09
CA ILE A 259 10.59 -18.42 28.04
C ILE A 259 11.27 -18.73 26.71
N LYS A 260 12.31 -17.97 26.35
CA LYS A 260 13.05 -18.25 25.13
C LYS A 260 13.59 -19.66 25.12
N LYS A 261 14.17 -20.11 26.23
CA LYS A 261 14.80 -21.41 26.27
C LYS A 261 13.80 -22.53 25.99
N VAL A 262 12.64 -22.50 26.65
CA VAL A 262 11.70 -23.61 26.46
C VAL A 262 11.04 -23.54 25.09
N VAL A 263 10.84 -22.34 24.54
CA VAL A 263 10.25 -22.25 23.21
C VAL A 263 11.22 -22.76 22.16
N LYS A 264 12.50 -22.35 22.27
CA LYS A 264 13.51 -22.87 21.36
C LYS A 264 13.62 -24.38 21.45
N GLN A 265 13.59 -24.92 22.67
CA GLN A 265 13.69 -26.37 22.85
C GLN A 265 12.51 -27.09 22.17
N ALA A 266 11.29 -26.58 22.38
CA ALA A 266 10.12 -27.17 21.73
C ALA A 266 10.22 -27.06 20.21
N SER A 267 10.74 -25.94 19.71
CA SER A 267 10.83 -25.76 18.26
C SER A 267 11.80 -26.74 17.64
N GLU A 268 12.79 -27.21 18.39
CA GLU A 268 13.79 -28.13 17.89
C GLU A 268 13.43 -29.58 18.13
N GLY A 269 12.41 -29.84 18.94
CA GLY A 269 12.05 -31.19 19.30
C GLY A 269 10.63 -31.54 18.92
N PRO A 270 9.76 -31.62 19.92
CA PRO A 270 8.41 -32.15 19.68
C PRO A 270 7.54 -31.30 18.76
N LEU A 271 7.84 -30.01 18.59
CA LEU A 271 7.04 -29.16 17.70
C LEU A 271 7.82 -28.74 16.46
N LYS A 272 8.86 -29.49 16.10
CA LYS A 272 9.67 -29.17 14.93
C LYS A 272 8.80 -29.12 13.69
N GLY A 273 9.03 -28.10 12.87
CA GLY A 273 8.21 -27.87 11.70
C GLY A 273 6.88 -27.20 11.95
N ILE A 274 6.41 -27.15 13.21
CA ILE A 274 5.14 -26.53 13.57
C ILE A 274 5.42 -25.20 14.25
N LEU A 275 6.16 -25.24 15.35
CA LEU A 275 6.58 -24.05 16.08
C LEU A 275 8.02 -23.74 15.70
N GLY A 276 8.26 -22.51 15.22
CA GLY A 276 9.61 -22.05 14.97
C GLY A 276 10.06 -21.07 16.05
N TYR A 277 11.34 -20.72 15.99
CA TYR A 277 11.95 -19.84 16.98
C TYR A 277 13.04 -19.04 16.29
N THR A 278 13.00 -17.72 16.46
CA THR A 278 14.07 -16.89 15.92
C THR A 278 14.43 -15.79 16.91
N GLU A 279 15.70 -15.38 16.84
CA GLU A 279 16.21 -14.21 17.51
C GLU A 279 16.64 -13.15 16.53
N HIS A 280 16.40 -13.36 15.23
CA HIS A 280 16.85 -12.39 14.24
C HIS A 280 15.89 -11.22 14.16
N GLN A 281 16.36 -10.15 13.50
CA GLN A 281 15.64 -8.88 13.42
C GLN A 281 14.66 -8.95 12.25
N VAL A 282 13.65 -9.82 12.40
CA VAL A 282 12.78 -10.19 11.28
C VAL A 282 11.62 -9.21 11.11
N VAL A 283 11.07 -9.19 9.89
CA VAL A 283 9.84 -8.47 9.58
C VAL A 283 8.95 -9.44 8.83
N SER A 284 7.71 -9.02 8.58
CA SER A 284 6.71 -9.98 8.09
C SER A 284 7.15 -10.65 6.79
N SER A 285 7.79 -9.90 5.87
CA SER A 285 8.12 -10.53 4.59
C SER A 285 9.12 -11.66 4.75
N ASP A 286 9.85 -11.70 5.87
CA ASP A 286 10.79 -12.79 6.08
C ASP A 286 10.10 -14.13 6.29
N PHE A 287 8.78 -14.13 6.50
CA PHE A 287 8.03 -15.36 6.69
C PHE A 287 7.15 -15.67 5.49
N ASN A 288 7.30 -14.95 4.39
CA ASN A 288 6.51 -15.31 3.23
C ASN A 288 6.94 -16.68 2.72
N SER A 289 5.97 -17.57 2.53
CA SER A 289 6.14 -18.96 2.13
C SER A 289 6.84 -19.81 3.19
N ASP A 290 6.88 -19.35 4.43
CA ASP A 290 7.41 -20.14 5.54
C ASP A 290 6.32 -21.11 6.01
N THR A 291 6.68 -22.39 6.14
CA THR A 291 5.67 -23.42 6.37
C THR A 291 5.35 -23.64 7.84
N HIS A 292 5.99 -22.94 8.78
CA HIS A 292 5.64 -23.12 10.18
C HIS A 292 4.22 -22.63 10.45
N SER A 293 3.59 -23.21 11.48
CA SER A 293 2.32 -22.65 11.93
C SER A 293 2.53 -21.38 12.75
N SER A 294 3.70 -21.25 13.36
CA SER A 294 3.93 -20.26 14.40
C SER A 294 5.43 -20.12 14.55
N THR A 295 5.94 -18.89 14.46
CA THR A 295 7.37 -18.65 14.68
C THR A 295 7.52 -17.59 15.76
N PHE A 296 8.02 -18.01 16.92
CA PHE A 296 8.21 -17.12 18.06
C PHE A 296 9.32 -16.12 17.76
N ASP A 297 9.03 -14.84 17.99
CA ASP A 297 9.96 -13.74 17.70
C ASP A 297 10.54 -13.30 19.04
N ALA A 298 11.72 -13.81 19.38
CA ALA A 298 12.26 -13.56 20.71
C ALA A 298 12.48 -12.08 20.95
N GLY A 299 13.08 -11.38 19.97
CA GLY A 299 13.40 -9.97 20.15
C GLY A 299 12.21 -9.03 20.17
N ALA A 300 11.06 -9.44 19.60
CA ALA A 300 9.92 -8.54 19.49
C ALA A 300 9.09 -8.46 20.76
N GLY A 301 9.10 -9.52 21.56
CA GLY A 301 8.24 -9.57 22.73
C GLY A 301 8.86 -8.78 23.88
N ILE A 302 8.09 -8.67 24.96
CA ILE A 302 8.53 -7.85 26.08
C ILE A 302 7.82 -8.30 27.33
N ALA A 303 8.56 -8.36 28.43
CA ALA A 303 8.04 -8.71 29.74
C ALA A 303 7.93 -7.45 30.60
N LEU A 304 6.79 -7.28 31.27
CA LEU A 304 6.74 -6.26 32.32
C LEU A 304 7.40 -6.78 33.60
N ASN A 305 7.09 -8.02 33.96
CA ASN A 305 7.68 -8.65 35.13
C ASN A 305 7.72 -10.17 34.89
N ASP A 306 8.06 -10.92 35.93
CA ASP A 306 8.18 -12.37 35.82
C ASP A 306 6.84 -13.07 35.59
N HIS A 307 5.71 -12.37 35.74
CA HIS A 307 4.41 -13.00 35.63
C HIS A 307 3.52 -12.43 34.53
N PHE A 308 3.97 -11.40 33.80
CA PHE A 308 3.09 -10.67 32.88
C PHE A 308 3.90 -10.32 31.63
N VAL A 309 3.60 -10.97 30.50
CA VAL A 309 4.48 -10.90 29.34
C VAL A 309 3.64 -10.76 28.07
N LYS A 310 4.30 -10.21 27.04
CA LYS A 310 3.74 -10.09 25.70
C LYS A 310 4.62 -10.89 24.75
N LEU A 311 4.02 -11.88 24.09
CA LEU A 311 4.76 -12.82 23.28
C LEU A 311 4.29 -12.70 21.83
N ILE A 312 5.24 -12.68 20.90
CA ILE A 312 4.98 -12.38 19.49
C ILE A 312 5.32 -13.62 18.67
N SER A 313 4.39 -14.02 17.80
CA SER A 313 4.65 -15.14 16.91
C SER A 313 4.09 -14.85 15.52
N TRP A 314 4.90 -15.10 14.50
CA TRP A 314 4.57 -14.86 13.11
C TRP A 314 3.91 -16.08 12.47
N TYR A 315 3.06 -15.82 11.48
CA TYR A 315 2.54 -16.92 10.68
C TYR A 315 2.23 -16.46 9.25
N ASP A 316 2.73 -17.20 8.27
CA ASP A 316 2.22 -17.12 6.91
C ASP A 316 0.85 -17.78 6.94
N ASN A 317 -0.20 -16.96 6.99
CA ASN A 317 -1.56 -17.48 7.18
C ASN A 317 -1.99 -18.36 6.00
N GLU A 318 -1.47 -18.11 4.80
CA GLU A 318 -1.81 -18.93 3.65
C GLU A 318 -1.02 -20.24 3.64
N PHE A 319 0.29 -20.13 3.77
CA PHE A 319 1.21 -21.23 3.48
C PHE A 319 1.37 -22.18 4.64
N GLY A 320 1.47 -21.66 5.88
CA GLY A 320 1.56 -22.56 7.02
C GLY A 320 0.32 -23.41 7.14
N TYR A 321 -0.84 -22.75 7.11
CA TYR A 321 -2.12 -23.43 7.26
C TYR A 321 -2.35 -24.45 6.16
N SER A 322 -2.05 -24.11 4.91
CA SER A 322 -2.22 -25.06 3.81
C SER A 322 -1.39 -26.31 4.02
N ASN A 323 -0.16 -26.15 4.51
CA ASN A 323 0.66 -27.32 4.79
C ASN A 323 0.10 -28.14 5.95
N ARG A 324 -0.47 -27.47 6.95
CA ARG A 324 -1.10 -28.21 8.05
C ARG A 324 -2.30 -29.03 7.58
N VAL A 325 -3.09 -28.48 6.66
CA VAL A 325 -4.21 -29.25 6.11
C VAL A 325 -3.70 -30.57 5.52
N VAL A 326 -2.63 -30.50 4.72
CA VAL A 326 -2.04 -31.71 4.13
C VAL A 326 -1.50 -32.63 5.23
N ASP A 327 -0.76 -32.07 6.19
CA ASP A 327 -0.21 -32.86 7.29
C ASP A 327 -1.31 -33.60 8.04
N LEU A 328 -2.41 -32.90 8.31
CA LEU A 328 -3.52 -33.49 9.04
C LEU A 328 -4.15 -34.64 8.25
N MET A 329 -4.38 -34.45 6.95
CA MET A 329 -4.92 -35.53 6.12
C MET A 329 -3.99 -36.75 6.11
N ALA A 330 -2.66 -36.54 5.99
CA ALA A 330 -1.77 -37.69 5.99
C ALA A 330 -1.83 -38.42 7.33
N HIS A 331 -1.94 -37.67 8.43
CA HIS A 331 -2.09 -38.31 9.74
C HIS A 331 -3.41 -39.07 9.84
N MET A 332 -4.52 -38.47 9.37
CA MET A 332 -5.80 -39.19 9.37
C MET A 332 -5.69 -40.50 8.60
N ALA A 333 -5.03 -40.46 7.44
CA ALA A 333 -4.88 -41.67 6.63
C ALA A 333 -4.15 -42.76 7.41
N SER A 334 -3.14 -42.37 8.19
CA SER A 334 -2.37 -43.32 8.98
C SER A 334 -3.20 -43.96 10.10
N LYS A 335 -4.36 -43.42 10.41
CA LYS A 335 -5.20 -43.94 11.48
C LYS A 335 -6.43 -44.68 10.96
N GLU A 336 -6.56 -44.90 9.66
CA GLU A 336 -7.74 -45.63 9.14
C GLU A 336 -7.89 -47.06 9.70
N GLY B 3 39.52 -18.00 -13.30
CA GLY B 3 39.62 -17.21 -14.52
C GLY B 3 38.58 -16.12 -14.61
N LYS B 4 37.64 -16.10 -13.67
CA LYS B 4 36.65 -15.02 -13.64
C LYS B 4 37.29 -13.75 -13.11
N VAL B 5 36.85 -12.61 -13.65
CA VAL B 5 37.35 -11.33 -13.17
C VAL B 5 36.94 -11.12 -11.72
N LYS B 6 37.83 -10.51 -10.94
CA LYS B 6 37.59 -10.19 -9.54
C LYS B 6 37.03 -8.79 -9.43
N VAL B 7 35.98 -8.63 -8.63
CA VAL B 7 35.15 -7.43 -8.66
C VAL B 7 35.05 -6.82 -7.27
N GLY B 8 35.10 -5.50 -7.20
CA GLY B 8 34.77 -4.75 -5.99
C GLY B 8 33.46 -4.03 -6.19
N VAL B 9 32.66 -3.92 -5.12
CA VAL B 9 31.38 -3.22 -5.17
C VAL B 9 31.45 -2.01 -4.24
N ASN B 10 31.25 -0.81 -4.80
CA ASN B 10 31.14 0.40 -3.98
C ASN B 10 29.67 0.72 -3.78
N GLY B 11 29.20 0.63 -2.53
CA GLY B 11 27.80 0.86 -2.25
C GLY B 11 27.03 -0.44 -2.19
N PHE B 12 26.59 -0.83 -1.00
CA PHE B 12 25.94 -2.12 -0.79
C PHE B 12 24.42 -1.93 -0.63
N GLY B 13 23.80 -1.38 -1.68
CA GLY B 13 22.39 -1.07 -1.68
C GLY B 13 21.59 -2.08 -2.46
N ARG B 14 20.40 -1.66 -2.91
CA ARG B 14 19.60 -2.59 -3.71
C ARG B 14 20.41 -3.15 -4.86
N ILE B 15 21.08 -2.28 -5.63
CA ILE B 15 21.84 -2.79 -6.76
C ILE B 15 23.17 -3.39 -6.29
N GLY B 16 23.86 -2.75 -5.34
CA GLY B 16 25.08 -3.35 -4.82
C GLY B 16 24.85 -4.74 -4.27
N ARG B 17 23.80 -4.91 -3.46
CA ARG B 17 23.51 -6.24 -2.94
C ARG B 17 23.03 -7.19 -4.03
N LEU B 18 22.21 -6.71 -4.97
CA LEU B 18 21.69 -7.67 -5.93
C LEU B 18 22.69 -7.97 -7.04
N VAL B 19 23.58 -7.03 -7.35
CA VAL B 19 24.73 -7.38 -8.19
C VAL B 19 25.56 -8.47 -7.50
N THR B 20 25.77 -8.33 -6.20
CA THR B 20 26.49 -9.37 -5.46
C THR B 20 25.74 -10.70 -5.50
N ARG B 21 24.43 -10.66 -5.25
CA ARG B 21 23.62 -11.87 -5.38
C ARG B 21 23.72 -12.47 -6.78
N ALA B 22 23.60 -11.62 -7.81
CA ALA B 22 23.65 -12.12 -9.18
C ALA B 22 25.01 -12.73 -9.50
N ALA B 23 26.08 -12.11 -8.98
CA ALA B 23 27.42 -12.64 -9.22
C ALA B 23 27.57 -14.04 -8.64
N PHE B 24 27.15 -14.23 -7.40
CA PHE B 24 27.30 -15.53 -6.78
C PHE B 24 26.34 -16.57 -7.38
N ASN B 25 25.12 -16.15 -7.72
CA ASN B 25 24.17 -17.07 -8.35
C ASN B 25 24.66 -17.54 -9.72
N SER B 26 25.07 -16.60 -10.58
CA SER B 26 25.51 -16.96 -11.92
C SER B 26 26.93 -17.52 -11.94
N GLY B 27 27.77 -17.11 -10.98
CA GLY B 27 29.17 -17.49 -10.99
C GLY B 27 30.01 -16.82 -12.06
N LYS B 28 29.46 -15.82 -12.76
CA LYS B 28 30.16 -15.24 -13.91
C LYS B 28 31.31 -14.32 -13.52
N VAL B 29 31.29 -13.76 -12.30
CA VAL B 29 32.38 -12.93 -11.80
C VAL B 29 32.58 -13.27 -10.33
N ASP B 30 33.71 -12.85 -9.79
CA ASP B 30 34.11 -13.14 -8.42
C ASP B 30 34.14 -11.86 -7.61
N ILE B 31 33.14 -11.65 -6.74
CA ILE B 31 33.14 -10.51 -5.83
C ILE B 31 34.19 -10.76 -4.75
N VAL B 32 35.18 -9.86 -4.65
CA VAL B 32 36.23 -10.00 -3.66
C VAL B 32 36.29 -8.85 -2.67
N ALA B 33 35.54 -7.77 -2.88
CA ALA B 33 35.62 -6.62 -1.97
C ALA B 33 34.32 -5.84 -2.07
N ILE B 34 33.91 -5.26 -0.94
CA ILE B 34 32.73 -4.40 -0.88
C ILE B 34 33.06 -3.21 0.01
N ASN B 35 32.68 -2.00 -0.43
CA ASN B 35 32.84 -0.80 0.39
C ASN B 35 31.48 -0.18 0.69
N ASP B 36 31.18 0.04 1.97
CA ASP B 36 30.00 0.82 2.31
C ASP B 36 30.20 1.42 3.69
N PRO B 37 30.48 2.72 3.81
CA PRO B 37 30.72 3.30 5.14
C PRO B 37 29.47 3.33 6.02
N PHE B 38 28.29 3.01 5.49
CA PHE B 38 27.05 3.07 6.25
C PHE B 38 26.47 1.69 6.57
N ILE B 39 27.22 0.62 6.30
CA ILE B 39 26.76 -0.74 6.61
C ILE B 39 27.97 -1.50 7.09
N ASP B 40 28.05 -1.78 8.39
CA ASP B 40 29.22 -2.51 8.88
C ASP B 40 29.04 -4.01 8.63
N LEU B 41 30.11 -4.77 8.90
CA LEU B 41 30.17 -6.16 8.46
C LEU B 41 28.98 -6.97 8.97
N ASN B 42 28.69 -6.91 10.27
CA ASN B 42 27.57 -7.67 10.81
C ASN B 42 26.24 -7.25 10.19
N TYR B 43 26.07 -5.95 9.95
CA TYR B 43 24.87 -5.46 9.29
C TYR B 43 24.81 -5.93 7.83
N MET B 44 25.98 -6.02 7.17
CA MET B 44 25.99 -6.55 5.80
C MET B 44 25.46 -7.97 5.75
N VAL B 45 25.81 -8.80 6.74
CA VAL B 45 25.30 -10.17 6.75
C VAL B 45 23.77 -10.15 6.70
N TYR B 46 23.19 -9.30 7.54
CA TYR B 46 21.74 -9.24 7.67
C TYR B 46 21.09 -8.70 6.39
N MET B 47 21.63 -7.60 5.85
CA MET B 47 20.97 -6.98 4.71
C MET B 47 21.08 -7.85 3.47
N PHE B 48 22.16 -8.62 3.36
CA PHE B 48 22.31 -9.52 2.22
C PHE B 48 21.46 -10.77 2.39
N GLN B 49 21.34 -11.26 3.63
CA GLN B 49 20.62 -12.51 3.87
C GLN B 49 19.13 -12.35 3.65
N TYR B 50 18.54 -11.28 4.18
CA TYR B 50 17.09 -11.07 4.15
C TYR B 50 16.75 -9.98 3.15
N ASP B 51 15.76 -10.24 2.31
CA ASP B 51 15.37 -9.30 1.27
C ASP B 51 13.86 -9.33 1.16
N SER B 52 13.22 -8.19 1.43
CA SER B 52 11.76 -8.13 1.41
C SER B 52 11.21 -8.47 0.04
N THR B 53 11.94 -8.13 -1.00
CA THR B 53 11.46 -8.21 -2.38
C THR B 53 11.75 -9.56 -3.02
N HIS B 54 12.97 -10.05 -2.86
CA HIS B 54 13.42 -11.25 -3.56
C HIS B 54 13.64 -12.43 -2.64
N GLY B 55 13.24 -12.32 -1.38
CA GLY B 55 13.32 -13.44 -0.48
C GLY B 55 14.72 -13.63 0.06
N LYS B 56 14.82 -14.61 0.96
CA LYS B 56 16.07 -14.90 1.64
C LYS B 56 17.10 -15.43 0.66
N PHE B 57 18.37 -15.07 0.90
CA PHE B 57 19.43 -15.54 0.02
C PHE B 57 19.52 -17.07 0.02
N HIS B 58 19.62 -17.66 -1.17
CA HIS B 58 19.78 -19.11 -1.32
C HIS B 58 21.27 -19.40 -1.29
N GLY B 59 21.80 -19.65 -0.10
CA GLY B 59 23.22 -19.85 0.07
C GLY B 59 23.59 -19.53 1.50
N THR B 60 24.88 -19.45 1.74
CA THR B 60 25.36 -19.10 3.08
C THR B 60 25.98 -17.72 3.08
N VAL B 61 25.79 -17.01 4.20
CA VAL B 61 26.42 -15.71 4.39
C VAL B 61 26.71 -15.56 5.88
N LYS B 62 27.94 -15.18 6.19
CA LYS B 62 28.33 -14.99 7.58
C LYS B 62 29.53 -14.06 7.62
N ALA B 63 29.79 -13.56 8.82
CA ALA B 63 30.98 -12.77 9.10
C ALA B 63 32.00 -13.67 9.78
N GLU B 64 33.23 -13.69 9.25
CA GLU B 64 34.27 -14.55 9.79
C GLU B 64 35.62 -13.89 9.55
N ASN B 65 36.39 -13.71 10.63
CA ASN B 65 37.74 -13.16 10.51
C ASN B 65 37.71 -11.77 9.87
N GLY B 66 36.68 -10.99 10.18
CA GLY B 66 36.55 -9.66 9.64
C GLY B 66 36.18 -9.57 8.18
N LYS B 67 35.80 -10.69 7.56
CA LYS B 67 35.39 -10.71 6.17
C LYS B 67 33.93 -11.15 6.07
N LEU B 68 33.30 -10.76 4.96
CA LEU B 68 31.97 -11.25 4.61
C LEU B 68 32.15 -12.49 3.75
N VAL B 69 31.59 -13.61 4.19
CA VAL B 69 31.82 -14.90 3.55
C VAL B 69 30.51 -15.35 2.93
N ILE B 70 30.46 -15.37 1.60
CA ILE B 70 29.26 -15.76 0.87
C ILE B 70 29.55 -17.04 0.13
N ASN B 71 28.79 -18.09 0.46
CA ASN B 71 28.99 -19.40 -0.16
C ASN B 71 30.44 -19.87 0.02
N GLY B 72 31.01 -19.56 1.18
CA GLY B 72 32.38 -19.92 1.49
C GLY B 72 33.46 -19.02 0.90
N ASN B 73 33.08 -17.97 0.17
CA ASN B 73 34.07 -17.10 -0.46
C ASN B 73 34.26 -15.86 0.40
N PRO B 74 35.46 -15.59 0.92
CA PRO B 74 35.66 -14.40 1.75
C PRO B 74 35.78 -13.13 0.93
N ILE B 75 35.18 -12.07 1.47
CA ILE B 75 35.12 -10.78 0.80
C ILE B 75 35.70 -9.73 1.74
N THR B 76 36.70 -9.01 1.27
CA THR B 76 37.26 -7.90 2.04
C THR B 76 36.24 -6.77 2.15
N ILE B 77 36.07 -6.22 3.36
CA ILE B 77 35.09 -5.17 3.61
C ILE B 77 35.81 -3.87 3.92
N PHE B 78 35.48 -2.82 3.18
CA PHE B 78 35.99 -1.48 3.39
C PHE B 78 34.86 -0.59 3.91
N GLN B 79 35.24 0.49 4.61
CA GLN B 79 34.26 1.42 5.16
C GLN B 79 34.73 2.86 4.90
N GLU B 80 34.88 3.22 3.64
CA GLU B 80 35.44 4.51 3.26
C GLU B 80 34.37 5.39 2.63
N ARG B 81 34.28 6.64 3.09
CA ARG B 81 33.43 7.61 2.43
C ARG B 81 34.05 8.13 1.14
N ASP B 82 35.38 8.21 1.10
CA ASP B 82 36.11 8.79 -0.02
C ASP B 82 36.54 7.68 -0.97
N PRO B 83 35.94 7.57 -2.16
CA PRO B 83 36.28 6.43 -3.03
C PRO B 83 37.72 6.41 -3.48
N SER B 84 38.42 7.55 -3.47
CA SER B 84 39.84 7.53 -3.82
C SER B 84 40.68 6.81 -2.78
N LYS B 85 40.14 6.57 -1.59
CA LYS B 85 40.90 5.94 -0.52
C LYS B 85 40.66 4.44 -0.40
N ILE B 86 39.78 3.86 -1.23
CA ILE B 86 39.49 2.43 -1.12
C ILE B 86 40.62 1.63 -1.76
N LYS B 87 41.18 0.69 -1.00
CA LYS B 87 42.34 -0.07 -1.45
C LYS B 87 41.93 -1.30 -2.27
N TRP B 88 41.29 -1.03 -3.41
CA TRP B 88 40.83 -2.07 -4.31
C TRP B 88 41.97 -2.98 -4.74
N GLY B 89 43.10 -2.39 -5.14
CA GLY B 89 44.18 -3.22 -5.64
C GLY B 89 44.72 -4.19 -4.61
N ASP B 90 44.88 -3.73 -3.36
CA ASP B 90 45.32 -4.63 -2.29
C ASP B 90 44.34 -5.79 -2.12
N ALA B 91 43.05 -5.53 -2.32
CA ALA B 91 42.03 -6.56 -2.20
C ALA B 91 41.92 -7.45 -3.42
N GLY B 92 42.63 -7.13 -4.50
CA GLY B 92 42.53 -7.87 -5.73
C GLY B 92 41.35 -7.53 -6.61
N ALA B 93 40.62 -6.46 -6.30
CA ALA B 93 39.46 -6.10 -7.12
C ALA B 93 39.94 -5.42 -8.39
N GLU B 94 39.70 -6.06 -9.53
CA GLU B 94 40.10 -5.56 -10.84
C GLU B 94 39.08 -4.60 -11.42
N TYR B 95 37.80 -4.98 -11.36
CA TYR B 95 36.69 -4.11 -11.76
C TYR B 95 35.96 -3.63 -10.52
N VAL B 96 35.48 -2.39 -10.56
CA VAL B 96 34.66 -1.84 -9.49
C VAL B 96 33.28 -1.49 -10.05
N VAL B 97 32.25 -2.03 -9.42
CA VAL B 97 30.88 -1.58 -9.65
C VAL B 97 30.65 -0.35 -8.78
N GLU B 98 30.39 0.78 -9.41
CA GLU B 98 30.15 2.05 -8.71
C GLU B 98 28.63 2.18 -8.57
N SER B 99 28.10 1.74 -7.43
CA SER B 99 26.65 1.62 -7.26
C SER B 99 26.09 2.47 -6.12
N THR B 100 26.78 3.54 -5.73
CA THR B 100 26.27 4.42 -4.68
C THR B 100 25.27 5.44 -5.19
N GLY B 101 25.32 5.77 -6.47
CA GLY B 101 24.49 6.80 -7.06
C GLY B 101 25.06 8.20 -7.00
N VAL B 102 26.19 8.42 -6.35
CA VAL B 102 26.69 9.78 -6.16
C VAL B 102 28.02 10.02 -6.87
N PHE B 103 28.59 9.02 -7.54
CA PHE B 103 29.86 9.19 -8.26
C PHE B 103 29.67 8.75 -9.72
N THR B 104 28.82 9.46 -10.46
CA THR B 104 28.41 8.98 -11.77
C THR B 104 29.12 9.64 -12.94
N THR B 105 29.91 10.70 -12.73
CA THR B 105 30.71 11.24 -13.80
C THR B 105 32.03 10.48 -13.90
N MET B 106 32.69 10.57 -15.06
CA MET B 106 33.97 9.89 -15.19
C MET B 106 34.97 10.44 -14.19
N GLU B 107 34.92 11.75 -13.92
CA GLU B 107 35.85 12.33 -12.96
C GLU B 107 35.62 11.75 -11.56
N LYS B 108 34.36 11.61 -11.15
CA LYS B 108 34.11 11.13 -9.79
C LYS B 108 34.31 9.62 -9.68
N ALA B 109 33.83 8.87 -10.68
CA ALA B 109 34.01 7.41 -10.67
C ALA B 109 35.48 7.03 -10.86
N GLY B 110 36.26 7.88 -11.53
CA GLY B 110 37.68 7.60 -11.69
C GLY B 110 38.48 7.66 -10.40
N ALA B 111 37.88 8.17 -9.32
CA ALA B 111 38.55 8.10 -8.02
C ALA B 111 38.98 6.68 -7.68
N HIS B 112 38.23 5.66 -8.13
CA HIS B 112 38.58 4.28 -7.85
C HIS B 112 39.88 3.84 -8.51
N LEU B 113 40.29 4.48 -9.60
CA LEU B 113 41.58 4.15 -10.20
C LEU B 113 42.73 4.46 -9.26
N GLN B 114 42.54 5.41 -8.33
CA GLN B 114 43.64 5.80 -7.44
C GLN B 114 43.93 4.75 -6.39
N GLY B 115 42.94 3.93 -6.04
CA GLY B 115 43.15 2.83 -5.14
C GLY B 115 43.48 1.53 -5.82
N GLY B 116 43.69 1.53 -7.14
CA GLY B 116 44.18 0.36 -7.85
C GLY B 116 43.17 -0.39 -8.70
N ALA B 117 41.91 0.05 -8.77
CA ALA B 117 41.00 -0.61 -9.70
C ALA B 117 41.44 -0.38 -11.14
N LYS B 118 41.17 -1.37 -11.99
CA LYS B 118 41.54 -1.25 -13.40
C LYS B 118 40.42 -0.67 -14.25
N ARG B 119 39.16 -1.02 -13.97
CA ARG B 119 38.02 -0.47 -14.69
C ARG B 119 36.89 -0.21 -13.71
N VAL B 120 36.03 0.74 -14.05
CA VAL B 120 34.86 1.07 -13.23
C VAL B 120 33.61 0.95 -14.10
N ILE B 121 32.58 0.30 -13.57
CA ILE B 121 31.28 0.18 -14.22
C ILE B 121 30.30 0.94 -13.33
N ILE B 122 29.85 2.10 -13.81
CA ILE B 122 28.87 2.92 -13.10
C ILE B 122 27.51 2.27 -13.27
N SER B 123 26.85 1.93 -12.16
CA SER B 123 25.57 1.24 -12.27
C SER B 123 24.41 2.23 -12.39
N ALA B 124 24.55 3.19 -13.29
CA ALA B 124 23.63 4.30 -13.42
C ALA B 124 23.99 5.09 -14.68
N PRO B 125 23.06 5.93 -15.17
CA PRO B 125 23.43 6.83 -16.27
C PRO B 125 24.57 7.75 -15.83
N SER B 126 25.34 8.18 -16.81
CA SER B 126 26.47 9.08 -16.58
C SER B 126 26.36 10.23 -17.56
N ALA B 127 26.64 11.43 -17.06
CA ALA B 127 26.70 12.60 -17.96
C ALA B 127 27.72 12.41 -19.07
N ASP B 128 28.83 11.71 -18.79
CA ASP B 128 29.89 11.64 -19.80
C ASP B 128 30.48 10.25 -20.04
N ALA B 129 30.35 9.28 -19.14
CA ALA B 129 30.91 7.96 -19.41
C ALA B 129 30.15 7.28 -20.54
N PRO B 130 30.84 6.54 -21.41
CA PRO B 130 30.12 5.80 -22.45
C PRO B 130 29.17 4.80 -21.82
N MET B 131 27.95 4.76 -22.34
CA MET B 131 26.91 3.91 -21.79
C MET B 131 26.68 2.70 -22.68
N PHE B 132 26.43 1.56 -22.05
CA PHE B 132 26.24 0.31 -22.76
C PHE B 132 24.99 -0.40 -22.26
N VAL B 133 24.29 -1.05 -23.18
CA VAL B 133 23.13 -1.88 -22.86
C VAL B 133 23.37 -3.24 -23.49
N MET B 134 23.41 -4.28 -22.67
CA MET B 134 23.65 -5.63 -23.17
C MET B 134 22.61 -5.97 -24.22
N GLY B 135 23.07 -6.57 -25.32
CA GLY B 135 22.20 -6.93 -26.42
C GLY B 135 22.00 -5.85 -27.45
N VAL B 136 22.37 -4.61 -27.15
CA VAL B 136 22.12 -3.49 -28.03
C VAL B 136 23.43 -2.92 -28.58
N ASN B 137 24.35 -2.53 -27.69
CA ASN B 137 25.62 -1.97 -28.16
C ASN B 137 26.83 -2.44 -27.35
N HIS B 138 26.72 -3.52 -26.57
CA HIS B 138 27.83 -3.90 -25.72
C HIS B 138 29.03 -4.39 -26.53
N GLU B 139 28.84 -4.78 -27.78
CA GLU B 139 30.01 -5.12 -28.58
C GLU B 139 30.80 -3.90 -29.00
N LYS B 140 30.28 -2.69 -28.77
CA LYS B 140 31.03 -1.46 -29.03
C LYS B 140 32.01 -1.12 -27.91
N TYR B 141 31.97 -1.85 -26.80
CA TYR B 141 32.98 -1.67 -25.76
C TYR B 141 34.36 -2.08 -26.28
N ASP B 142 35.40 -1.38 -25.84
CA ASP B 142 36.77 -1.78 -26.18
C ASP B 142 37.68 -1.51 -24.98
N ASN B 143 38.86 -2.15 -25.02
CA ASN B 143 39.77 -2.20 -23.87
C ASN B 143 40.33 -0.85 -23.48
N SER B 144 40.16 0.17 -24.31
CA SER B 144 40.64 1.50 -23.95
C SER B 144 39.72 2.20 -22.95
N LEU B 145 38.52 1.66 -22.71
CA LEU B 145 37.52 2.31 -21.87
C LEU B 145 37.66 1.81 -20.45
N LYS B 146 38.21 2.66 -19.58
CA LYS B 146 38.40 2.30 -18.18
C LYS B 146 37.19 2.63 -17.32
N ILE B 147 36.34 3.56 -17.75
CA ILE B 147 35.19 4.00 -16.95
C ILE B 147 33.97 4.00 -17.87
N ILE B 148 33.00 3.15 -17.58
CA ILE B 148 31.81 3.05 -18.43
C ILE B 148 30.56 3.00 -17.55
N SER B 149 29.40 3.09 -18.21
CA SER B 149 28.11 3.11 -17.56
C SER B 149 27.22 2.03 -18.16
N ASN B 150 26.46 1.34 -17.30
CA ASN B 150 25.47 0.38 -17.76
C ASN B 150 24.08 1.00 -17.94
N ALA B 151 24.01 2.33 -18.04
CA ALA B 151 22.76 3.07 -18.18
C ALA B 151 21.81 2.83 -17.02
N SER B 152 20.52 3.03 -17.24
CA SER B 152 19.51 2.91 -16.20
C SER B 152 18.69 1.64 -16.39
N CYS B 153 17.94 1.29 -15.35
CA CYS B 153 17.01 0.18 -15.50
C CYS B 153 16.07 0.41 -16.68
N THR B 154 15.56 1.64 -16.80
CA THR B 154 14.55 1.93 -17.83
C THR B 154 15.16 1.89 -19.22
N THR B 155 16.35 2.45 -19.39
CA THR B 155 17.02 2.34 -20.68
C THR B 155 17.30 0.89 -21.05
N ASN B 156 17.60 0.06 -20.07
CA ASN B 156 17.82 -1.35 -20.38
C ASN B 156 16.52 -2.05 -20.77
N CYS B 157 15.38 -1.51 -20.34
CA CYS B 157 14.11 -2.08 -20.78
C CYS B 157 13.74 -1.56 -22.16
N LEU B 158 13.87 -0.25 -22.37
CA LEU B 158 13.42 0.36 -23.61
C LEU B 158 14.33 -0.02 -24.79
N ALA B 159 15.65 0.07 -24.61
CA ALA B 159 16.54 -0.05 -25.77
C ALA B 159 16.48 -1.40 -26.50
N PRO B 160 16.41 -2.57 -25.82
CA PRO B 160 16.27 -3.81 -26.60
C PRO B 160 14.99 -3.86 -27.41
N LEU B 161 13.88 -3.35 -26.85
CA LEU B 161 12.63 -3.27 -27.60
C LEU B 161 12.76 -2.27 -28.75
N ALA B 162 13.30 -1.09 -28.47
CA ALA B 162 13.46 -0.09 -29.51
C ALA B 162 14.35 -0.61 -30.63
N LYS B 163 15.38 -1.41 -30.29
CA LYS B 163 16.25 -1.97 -31.31
C LYS B 163 15.47 -2.85 -32.29
N VAL B 164 14.65 -3.76 -31.76
CA VAL B 164 13.91 -4.66 -32.63
C VAL B 164 12.94 -3.90 -33.50
N ILE B 165 12.25 -2.91 -32.93
CA ILE B 165 11.26 -2.16 -33.71
C ILE B 165 11.94 -1.31 -34.77
N HIS B 166 13.03 -0.66 -34.40
CA HIS B 166 13.75 0.17 -35.37
C HIS B 166 14.43 -0.68 -36.45
N ASP B 167 15.07 -1.79 -36.07
CA ASP B 167 15.69 -2.66 -37.08
C ASP B 167 14.69 -3.12 -38.12
N ASN B 168 13.44 -3.37 -37.72
CA ASN B 168 12.49 -4.03 -38.61
C ASN B 168 11.58 -3.06 -39.34
N PHE B 169 11.12 -2.00 -38.68
CA PHE B 169 10.19 -1.07 -39.29
C PHE B 169 10.63 0.38 -39.22
N GLY B 170 11.67 0.70 -38.44
CA GLY B 170 12.10 2.07 -38.27
C GLY B 170 11.21 2.85 -37.32
N ILE B 171 11.82 3.57 -36.38
CA ILE B 171 11.09 4.45 -35.48
C ILE B 171 11.31 5.87 -35.95
N VAL B 172 10.25 6.51 -36.46
CA VAL B 172 10.31 7.92 -36.81
C VAL B 172 10.52 8.75 -35.55
N GLU B 173 9.70 8.50 -34.54
CA GLU B 173 9.73 9.26 -33.30
C GLU B 173 8.96 8.45 -32.28
N GLY B 174 9.29 8.62 -31.01
CA GLY B 174 8.61 7.91 -29.95
C GLY B 174 8.59 8.71 -28.67
N LEU B 175 7.55 8.50 -27.88
CA LEU B 175 7.39 9.10 -26.56
C LEU B 175 7.09 7.99 -25.57
N MET B 176 7.83 7.94 -24.46
CA MET B 176 7.80 6.82 -23.54
C MET B 176 7.28 7.29 -22.19
N THR B 177 6.42 6.49 -21.57
CA THR B 177 6.11 6.62 -20.17
C THR B 177 6.57 5.36 -19.48
N THR B 178 7.27 5.48 -18.36
CA THR B 178 7.46 4.31 -17.52
C THR B 178 6.65 4.50 -16.24
N VAL B 179 5.86 3.48 -15.92
CA VAL B 179 5.18 3.38 -14.63
C VAL B 179 6.12 2.59 -13.74
N HIS B 180 6.75 3.25 -12.78
CA HIS B 180 7.90 2.71 -12.09
C HIS B 180 7.61 2.47 -10.62
N ALA B 181 8.09 1.34 -10.13
CA ALA B 181 7.99 1.04 -8.71
C ALA B 181 8.78 2.05 -7.87
N ILE B 182 8.44 2.13 -6.57
CA ILE B 182 9.14 3.07 -5.69
C ILE B 182 10.58 2.63 -5.51
N THR B 183 11.47 3.58 -5.21
CA THR B 183 12.88 3.31 -5.00
C THR B 183 13.34 4.02 -3.74
N ALA B 184 14.61 3.75 -3.40
CA ALA B 184 15.20 4.23 -2.16
C ALA B 184 15.30 5.75 -2.12
N THR B 185 15.30 6.42 -3.27
CA THR B 185 15.38 7.88 -3.27
C THR B 185 14.08 8.54 -2.82
N GLN B 186 12.97 7.82 -2.81
CA GLN B 186 11.69 8.39 -2.42
C GLN B 186 11.50 8.38 -0.90
N LYS B 187 10.41 9.00 -0.46
CA LYS B 187 10.08 9.19 0.95
C LYS B 187 8.81 8.45 1.32
N THR B 188 8.75 7.97 2.58
CA THR B 188 7.56 7.28 3.06
C THR B 188 6.39 8.24 3.28
N VAL B 189 6.66 9.46 3.75
CA VAL B 189 5.65 10.48 3.94
C VAL B 189 6.25 11.80 3.44
N ASP B 190 5.37 12.77 3.16
CA ASP B 190 5.75 14.07 2.64
C ASP B 190 7.01 14.57 3.34
N GLY B 191 8.07 14.80 2.57
CA GLY B 191 9.35 15.15 3.14
C GLY B 191 10.17 16.04 2.24
N PRO B 192 11.35 16.44 2.73
CA PRO B 192 12.17 17.41 1.98
C PRO B 192 12.82 16.78 0.77
N SER B 193 12.64 17.44 -0.38
CA SER B 193 13.33 17.10 -1.60
C SER B 193 13.48 18.38 -2.41
N GLY B 194 14.40 19.24 -2.00
CA GLY B 194 14.38 20.64 -2.42
C GLY B 194 14.68 20.88 -3.88
N LYS B 195 15.34 19.92 -4.55
CA LYS B 195 15.60 20.05 -5.97
C LYS B 195 14.50 19.44 -6.83
N LEU B 196 13.72 18.53 -6.27
CA LEU B 196 12.66 17.82 -6.99
C LEU B 196 11.48 17.72 -6.05
N TRP B 197 10.64 18.75 -6.02
CA TRP B 197 9.60 18.85 -5.01
C TRP B 197 8.64 17.66 -5.05
N ARG B 198 8.22 17.23 -6.24
CA ARG B 198 7.27 16.14 -6.29
C ARG B 198 7.84 14.88 -5.67
N ASP B 199 9.15 14.68 -5.78
CA ASP B 199 9.77 13.45 -5.28
C ASP B 199 9.85 13.41 -3.76
N GLY B 200 9.61 14.54 -3.06
CA GLY B 200 9.50 14.48 -1.62
C GLY B 200 8.16 14.04 -1.10
N ARG B 201 7.13 14.05 -1.94
CA ARG B 201 5.79 13.69 -1.48
C ARG B 201 5.73 12.19 -1.19
N GLY B 202 4.84 11.82 -0.27
CA GLY B 202 4.77 10.46 0.24
C GLY B 202 4.53 9.44 -0.85
N ALA B 203 5.43 8.46 -0.96
CA ALA B 203 5.41 7.52 -2.07
C ALA B 203 4.34 6.44 -1.93
N LEU B 204 3.89 6.15 -0.70
CA LEU B 204 2.83 5.17 -0.51
C LEU B 204 1.48 5.70 -0.95
N GLN B 205 1.24 7.01 -0.81
CA GLN B 205 -0.08 7.59 -1.06
C GLN B 205 -0.28 8.09 -2.49
N ASN B 206 0.78 8.27 -3.27
CA ASN B 206 0.70 9.12 -4.46
C ASN B 206 1.17 8.42 -5.71
N ILE B 207 0.53 8.77 -6.83
CA ILE B 207 1.15 8.67 -8.15
C ILE B 207 1.97 9.95 -8.35
N ILE B 208 3.26 9.81 -8.62
CA ILE B 208 4.17 10.95 -8.69
C ILE B 208 4.80 11.09 -10.07
N PRO B 209 4.50 12.14 -10.83
CA PRO B 209 5.21 12.33 -12.11
C PRO B 209 6.67 12.70 -11.87
N ALA B 210 7.54 12.22 -12.76
CA ALA B 210 8.97 12.45 -12.61
C ALA B 210 9.63 12.49 -13.99
N SER B 211 10.71 13.27 -14.08
CA SER B 211 11.50 13.30 -15.30
C SER B 211 12.43 12.10 -15.35
N THR B 212 12.84 11.74 -16.57
CA THR B 212 13.85 10.71 -16.75
C THR B 212 14.49 10.88 -18.12
N GLY B 213 15.82 10.78 -18.18
CA GLY B 213 16.51 10.84 -19.44
C GLY B 213 16.59 9.50 -20.17
N ALA B 214 15.84 8.51 -19.68
CA ALA B 214 16.01 7.14 -20.13
C ALA B 214 15.72 6.98 -21.61
N ALA B 215 14.66 7.64 -22.10
CA ALA B 215 14.30 7.45 -23.50
C ALA B 215 15.27 8.20 -24.40
N LYS B 216 15.66 9.42 -24.00
CA LYS B 216 16.66 10.15 -24.75
C LYS B 216 17.98 9.37 -24.79
N ALA B 217 18.34 8.69 -23.70
CA ALA B 217 19.57 7.92 -23.64
C ALA B 217 19.58 6.75 -24.61
N VAL B 218 18.41 6.27 -25.06
CA VAL B 218 18.41 5.20 -26.04
C VAL B 218 19.06 5.68 -27.33
N GLY B 219 18.89 6.96 -27.67
CA GLY B 219 19.57 7.55 -28.81
C GLY B 219 21.08 7.59 -28.70
N LYS B 220 21.62 7.31 -27.52
CA LYS B 220 23.07 7.19 -27.34
C LYS B 220 23.55 5.75 -27.54
N VAL B 221 22.77 4.76 -27.11
CA VAL B 221 23.15 3.38 -27.37
C VAL B 221 22.67 2.90 -28.74
N ILE B 222 21.67 3.57 -29.32
CA ILE B 222 21.25 3.30 -30.69
C ILE B 222 21.34 4.61 -31.44
N PRO B 223 22.51 4.91 -32.02
CA PRO B 223 22.74 6.27 -32.56
C PRO B 223 21.72 6.73 -33.59
N GLU B 224 21.16 5.81 -34.39
CA GLU B 224 20.17 6.24 -35.36
C GLU B 224 18.92 6.82 -34.71
N LEU B 225 18.70 6.56 -33.42
CA LEU B 225 17.55 7.08 -32.71
C LEU B 225 17.86 8.35 -31.93
N ASN B 226 19.07 8.88 -32.04
CA ASN B 226 19.42 10.14 -31.40
C ASN B 226 18.41 11.22 -31.78
N GLY B 227 17.83 11.84 -30.76
CA GLY B 227 16.86 12.90 -30.95
C GLY B 227 15.46 12.46 -31.28
N LYS B 228 15.20 11.17 -31.43
CA LYS B 228 13.89 10.70 -31.86
C LYS B 228 13.04 10.12 -30.74
N LEU B 229 13.55 10.08 -29.50
CA LEU B 229 12.78 9.57 -28.37
C LEU B 229 12.96 10.46 -27.15
N THR B 230 11.88 10.66 -26.40
CA THR B 230 11.99 11.17 -25.04
C THR B 230 10.80 10.62 -24.26
N GLY B 231 10.64 11.07 -23.03
CA GLY B 231 9.61 10.46 -22.20
C GLY B 231 9.69 10.94 -20.76
N MET B 232 8.88 10.30 -19.92
CA MET B 232 8.76 10.67 -18.51
C MET B 232 8.28 9.43 -17.73
N ALA B 233 8.12 9.62 -16.42
CA ALA B 233 7.80 8.54 -15.50
C ALA B 233 6.65 8.91 -14.56
N PHE B 234 5.94 7.89 -14.11
CA PHE B 234 5.05 7.98 -12.95
C PHE B 234 5.56 6.99 -11.92
N ARG B 235 5.95 7.47 -10.75
CA ARG B 235 6.23 6.58 -9.63
C ARG B 235 4.93 6.17 -8.96
N VAL B 236 4.76 4.87 -8.72
CA VAL B 236 3.53 4.37 -8.10
C VAL B 236 3.92 3.45 -6.94
N PRO B 237 3.00 3.24 -5.99
CA PRO B 237 3.36 2.48 -4.77
C PRO B 237 3.30 0.96 -4.92
N THR B 238 4.25 0.43 -5.70
CA THR B 238 4.63 -0.98 -5.64
C THR B 238 6.11 -1.05 -5.33
N ALA B 239 6.55 -2.16 -4.72
CA ALA B 239 7.92 -2.19 -4.19
C ALA B 239 8.95 -2.55 -5.23
N ASN B 240 8.53 -3.17 -6.33
CA ASN B 240 9.46 -3.58 -7.38
C ASN B 240 8.64 -3.97 -8.60
N VAL B 241 9.31 -3.93 -9.74
CA VAL B 241 8.80 -4.24 -11.09
C VAL B 241 8.12 -3.01 -11.67
N SER B 242 8.52 -2.66 -12.87
CA SER B 242 8.11 -1.45 -13.55
C SER B 242 7.75 -1.83 -14.98
N VAL B 243 7.17 -0.89 -15.70
CA VAL B 243 6.71 -1.18 -17.05
C VAL B 243 6.96 0.05 -17.93
N VAL B 244 7.42 -0.21 -19.15
CA VAL B 244 7.65 0.81 -20.18
C VAL B 244 6.46 0.80 -21.12
N ASP B 245 6.03 1.99 -21.52
CA ASP B 245 4.87 2.24 -22.36
C ASP B 245 5.37 3.15 -23.47
N LEU B 246 5.70 2.57 -24.61
CA LEU B 246 6.31 3.29 -25.72
C LEU B 246 5.28 3.54 -26.81
N THR B 247 4.98 4.82 -27.06
CA THR B 247 4.09 5.20 -28.15
C THR B 247 4.97 5.69 -29.28
N CYS B 248 4.93 5.02 -30.44
CA CYS B 248 5.85 5.42 -31.47
C CYS B 248 5.19 5.38 -32.84
N ARG B 249 5.76 6.19 -33.73
CA ARG B 249 5.38 6.24 -35.14
C ARG B 249 6.43 5.46 -35.92
N LEU B 250 5.99 4.50 -36.74
CA LEU B 250 6.89 3.63 -37.47
C LEU B 250 7.15 4.17 -38.87
N GLU B 251 8.37 3.94 -39.36
CA GLU B 251 8.73 4.41 -40.70
C GLU B 251 7.97 3.63 -41.77
N LYS B 252 8.02 2.31 -41.69
CA LYS B 252 7.36 1.30 -42.50
C LYS B 252 6.15 0.75 -41.76
N PRO B 253 5.09 0.42 -42.49
CA PRO B 253 3.86 -0.07 -41.82
C PRO B 253 4.04 -1.48 -41.30
N ALA B 254 3.45 -1.74 -40.14
CA ALA B 254 3.49 -3.05 -39.51
C ALA B 254 2.16 -3.35 -38.87
N LYS B 255 1.55 -4.49 -39.23
CA LYS B 255 0.42 -5.00 -38.45
C LYS B 255 0.90 -5.42 -37.07
N TYR B 256 0.00 -5.33 -36.09
CA TYR B 256 0.43 -5.67 -34.73
C TYR B 256 0.95 -7.11 -34.66
N ASP B 257 0.39 -8.02 -35.46
CA ASP B 257 0.91 -9.38 -35.49
C ASP B 257 2.33 -9.43 -36.07
N ASP B 258 2.67 -8.54 -37.02
CA ASP B 258 4.05 -8.47 -37.49
C ASP B 258 5.00 -8.05 -36.38
N ILE B 259 4.57 -7.08 -35.57
CA ILE B 259 5.38 -6.64 -34.44
C ILE B 259 5.61 -7.79 -33.47
N LYS B 260 4.54 -8.53 -33.14
CA LYS B 260 4.68 -9.68 -32.25
C LYS B 260 5.66 -10.71 -32.81
N LYS B 261 5.58 -10.99 -34.11
CA LYS B 261 6.45 -12.00 -34.72
C LYS B 261 7.92 -11.62 -34.56
N VAL B 262 8.27 -10.37 -34.87
CA VAL B 262 9.69 -10.02 -34.86
C VAL B 262 10.22 -9.89 -33.44
N VAL B 263 9.37 -9.46 -32.49
CA VAL B 263 9.81 -9.43 -31.09
C VAL B 263 9.99 -10.85 -30.55
N LYS B 264 9.03 -11.73 -30.85
CA LYS B 264 9.17 -13.12 -30.41
C LYS B 264 10.42 -13.75 -30.98
N GLN B 265 10.68 -13.54 -32.27
CA GLN B 265 11.89 -14.10 -32.89
C GLN B 265 13.15 -13.57 -32.22
N ALA B 266 13.21 -12.24 -32.01
CA ALA B 266 14.35 -11.65 -31.32
C ALA B 266 14.54 -12.28 -29.94
N SER B 267 13.45 -12.49 -29.20
CA SER B 267 13.55 -13.03 -27.84
C SER B 267 14.03 -14.46 -27.83
N GLU B 268 13.79 -15.21 -28.90
CA GLU B 268 14.22 -16.61 -28.94
C GLU B 268 15.61 -16.77 -29.52
N GLY B 269 16.13 -15.74 -30.19
CA GLY B 269 17.41 -15.82 -30.87
C GLY B 269 18.43 -14.88 -30.27
N PRO B 270 18.73 -13.80 -31.00
CA PRO B 270 19.87 -12.95 -30.61
C PRO B 270 19.68 -12.22 -29.29
N LEU B 271 18.45 -11.96 -28.86
CA LEU B 271 18.21 -11.24 -27.62
C LEU B 271 17.72 -12.18 -26.51
N LYS B 272 17.96 -13.48 -26.66
CA LYS B 272 17.56 -14.46 -25.65
C LYS B 272 18.18 -14.09 -24.31
N GLY B 273 17.34 -14.10 -23.26
CA GLY B 273 17.77 -13.72 -21.93
C GLY B 273 17.75 -12.22 -21.65
N ILE B 274 17.69 -11.40 -22.69
CA ILE B 274 17.65 -9.94 -22.57
C ILE B 274 16.24 -9.44 -22.82
N LEU B 275 15.72 -9.75 -24.00
CA LEU B 275 14.35 -9.40 -24.38
C LEU B 275 13.49 -10.65 -24.28
N GLY B 276 12.44 -10.58 -23.46
CA GLY B 276 11.47 -11.64 -23.36
C GLY B 276 10.21 -11.31 -24.13
N TYR B 277 9.34 -12.30 -24.24
CA TYR B 277 8.10 -12.14 -25.01
C TYR B 277 7.03 -12.99 -24.35
N THR B 278 5.86 -12.40 -24.11
CA THR B 278 4.76 -13.18 -23.56
C THR B 278 3.44 -12.72 -24.15
N GLU B 279 2.52 -13.69 -24.24
CA GLU B 279 1.11 -13.46 -24.56
C GLU B 279 0.22 -13.78 -23.37
N HIS B 280 0.80 -14.11 -22.22
CA HIS B 280 0.01 -14.50 -21.07
C HIS B 280 -0.62 -13.28 -20.40
N GLN B 281 -1.62 -13.53 -19.56
CA GLN B 281 -2.37 -12.46 -18.90
C GLN B 281 -1.62 -11.99 -17.65
N VAL B 282 -0.44 -11.39 -17.88
CA VAL B 282 0.50 -11.15 -16.79
C VAL B 282 0.19 -9.85 -16.06
N VAL B 283 0.67 -9.77 -14.83
CA VAL B 283 0.68 -8.54 -14.03
C VAL B 283 2.07 -8.39 -13.44
N SER B 284 2.33 -7.22 -12.83
CA SER B 284 3.71 -6.90 -12.47
C SER B 284 4.34 -7.98 -11.58
N SER B 285 3.58 -8.54 -10.63
CA SER B 285 4.14 -9.55 -9.72
C SER B 285 4.72 -10.74 -10.47
N ASP B 286 4.21 -11.04 -11.67
CA ASP B 286 4.71 -12.19 -12.39
C ASP B 286 6.15 -12.01 -12.88
N PHE B 287 6.68 -10.80 -12.81
CA PHE B 287 8.05 -10.52 -13.23
C PHE B 287 9.00 -10.33 -12.06
N ASN B 288 8.54 -10.53 -10.84
CA ASN B 288 9.44 -10.35 -9.71
C ASN B 288 10.54 -11.41 -9.77
N SER B 289 11.79 -10.96 -9.70
CA SER B 289 13.00 -11.76 -9.80
C SER B 289 13.20 -12.34 -11.21
N ASP B 290 12.53 -11.79 -12.21
CA ASP B 290 12.76 -12.18 -13.60
C ASP B 290 14.00 -11.45 -14.09
N THR B 291 14.94 -12.17 -14.70
CA THR B 291 16.24 -11.60 -15.06
C THR B 291 16.28 -10.98 -16.46
N HIS B 292 15.16 -10.95 -17.19
CA HIS B 292 15.16 -10.25 -18.46
C HIS B 292 15.35 -8.75 -18.23
N SER B 293 15.96 -8.09 -19.22
CA SER B 293 15.98 -6.63 -19.22
C SER B 293 14.63 -6.06 -19.58
N SER B 294 13.85 -6.80 -20.36
CA SER B 294 12.66 -6.27 -21.02
C SER B 294 11.81 -7.45 -21.45
N THR B 295 10.52 -7.46 -21.07
CA THR B 295 9.61 -8.52 -21.52
C THR B 295 8.39 -7.89 -22.18
N PHE B 296 8.27 -8.09 -23.49
CA PHE B 296 7.19 -7.53 -24.28
C PHE B 296 5.88 -8.21 -23.91
N ASP B 297 4.87 -7.40 -23.61
CA ASP B 297 3.55 -7.88 -23.22
C ASP B 297 2.65 -7.74 -24.44
N ALA B 298 2.48 -8.83 -25.18
CA ALA B 298 1.80 -8.72 -26.46
C ALA B 298 0.34 -8.33 -26.26
N GLY B 299 -0.32 -8.91 -25.26
CA GLY B 299 -1.73 -8.63 -25.05
C GLY B 299 -2.04 -7.24 -24.56
N ALA B 300 -1.07 -6.56 -23.95
CA ALA B 300 -1.33 -5.27 -23.32
C ALA B 300 -1.23 -4.11 -24.28
N GLY B 301 -0.46 -4.24 -25.35
CA GLY B 301 -0.26 -3.14 -26.27
C GLY B 301 -1.44 -2.99 -27.21
N ILE B 302 -1.42 -1.89 -27.96
CA ILE B 302 -2.53 -1.60 -28.86
C ILE B 302 -2.01 -0.77 -30.01
N ALA B 303 -2.54 -1.03 -31.20
CA ALA B 303 -2.19 -0.28 -32.40
C ALA B 303 -3.39 0.56 -32.82
N LEU B 304 -3.16 1.84 -33.12
CA LEU B 304 -4.21 2.62 -33.78
C LEU B 304 -4.25 2.35 -35.28
N ASN B 305 -3.08 2.20 -35.91
CA ASN B 305 -2.96 1.89 -37.33
C ASN B 305 -1.56 1.31 -37.56
N ASP B 306 -1.24 1.03 -38.84
CA ASP B 306 0.00 0.32 -39.12
C ASP B 306 1.26 1.16 -38.88
N HIS B 307 1.12 2.45 -38.54
CA HIS B 307 2.26 3.31 -38.26
C HIS B 307 2.28 3.87 -36.85
N PHE B 308 1.26 3.64 -36.03
CA PHE B 308 1.14 4.32 -34.75
C PHE B 308 0.67 3.31 -33.72
N VAL B 309 1.58 2.94 -32.82
CA VAL B 309 1.40 1.80 -31.94
C VAL B 309 1.88 2.18 -30.54
N LYS B 310 1.29 1.52 -29.54
CA LYS B 310 1.72 1.63 -28.15
C LYS B 310 2.18 0.25 -27.71
N LEU B 311 3.44 0.15 -27.29
CA LEU B 311 4.07 -1.12 -26.96
C LEU B 311 4.43 -1.17 -25.49
N ILE B 312 4.15 -2.30 -24.85
CA ILE B 312 4.27 -2.46 -23.40
C ILE B 312 5.37 -3.46 -23.11
N SER B 313 6.30 -3.11 -22.21
CA SER B 313 7.32 -4.09 -21.82
C SER B 313 7.64 -3.97 -20.33
N TRP B 314 7.70 -5.12 -19.67
CA TRP B 314 7.92 -5.21 -18.22
C TRP B 314 9.40 -5.33 -17.89
N TYR B 315 9.77 -4.84 -16.71
CA TYR B 315 11.11 -5.06 -16.21
C TYR B 315 11.14 -5.09 -14.69
N ASP B 316 11.81 -6.10 -14.15
CA ASP B 316 12.20 -6.09 -12.74
C ASP B 316 13.39 -5.15 -12.67
N ASN B 317 13.13 -3.91 -12.23
CA ASN B 317 14.16 -2.88 -12.27
C ASN B 317 15.36 -3.23 -11.39
N GLU B 318 15.18 -4.07 -10.38
CA GLU B 318 16.29 -4.52 -9.55
C GLU B 318 17.06 -5.68 -10.18
N PHE B 319 16.36 -6.75 -10.52
CA PHE B 319 16.99 -8.03 -10.84
C PHE B 319 17.48 -8.09 -12.27
N GLY B 320 16.72 -7.55 -13.22
CA GLY B 320 17.20 -7.54 -14.59
C GLY B 320 18.49 -6.75 -14.69
N TYR B 321 18.46 -5.53 -14.15
CA TYR B 321 19.60 -4.63 -14.26
C TYR B 321 20.83 -5.19 -13.55
N SER B 322 20.65 -5.72 -12.33
CA SER B 322 21.79 -6.27 -11.60
C SER B 322 22.44 -7.41 -12.38
N ASN B 323 21.63 -8.27 -12.99
CA ASN B 323 22.20 -9.33 -13.81
C ASN B 323 22.90 -8.78 -15.05
N ARG B 324 22.37 -7.69 -15.63
CA ARG B 324 23.07 -7.08 -16.76
C ARG B 324 24.44 -6.53 -16.34
N VAL B 325 24.54 -5.98 -15.13
CA VAL B 325 25.83 -5.46 -14.69
C VAL B 325 26.88 -6.58 -14.69
N VAL B 326 26.49 -7.74 -14.15
CA VAL B 326 27.37 -8.91 -14.12
C VAL B 326 27.69 -9.36 -15.53
N ASP B 327 26.66 -9.44 -16.39
CA ASP B 327 26.87 -9.83 -17.78
C ASP B 327 27.86 -8.91 -18.48
N LEU B 328 27.72 -7.60 -18.27
CA LEU B 328 28.60 -6.64 -18.93
C LEU B 328 30.04 -6.84 -18.50
N MET B 329 30.26 -7.06 -17.19
CA MET B 329 31.61 -7.30 -16.69
C MET B 329 32.19 -8.61 -17.22
N ALA B 330 31.37 -9.65 -17.29
CA ALA B 330 31.82 -10.91 -17.89
C ALA B 330 32.29 -10.68 -19.32
N HIS B 331 31.56 -9.87 -20.07
CA HIS B 331 31.92 -9.66 -21.47
C HIS B 331 33.14 -8.75 -21.57
N MET B 332 33.23 -7.74 -20.71
CA MET B 332 34.45 -6.95 -20.64
C MET B 332 35.67 -7.83 -20.39
N ALA B 333 35.55 -8.74 -19.42
CA ALA B 333 36.68 -9.59 -19.06
C ALA B 333 37.12 -10.46 -20.23
N SER B 334 36.15 -10.94 -21.02
CA SER B 334 36.46 -11.77 -22.19
C SER B 334 37.23 -10.99 -23.24
N LYS B 335 37.23 -9.67 -23.17
CA LYS B 335 37.94 -8.85 -24.14
C LYS B 335 39.32 -8.42 -23.66
N GLU B 336 39.69 -8.74 -22.41
CA GLU B 336 41.01 -8.35 -21.93
C GLU B 336 42.09 -9.10 -22.71
N PHE C 1 -6.01 37.26 16.82
CA PHE C 1 -4.95 36.83 17.73
C PHE C 1 -4.75 37.84 18.86
N MET C 2 -5.83 38.27 19.47
CA MET C 2 -5.78 39.27 20.53
C MET C 2 -5.40 38.61 21.86
N GLY C 3 -4.27 39.04 22.44
CA GLY C 3 -3.84 38.48 23.71
C GLY C 3 -3.28 37.07 23.65
N LYS C 4 -2.98 36.56 22.46
CA LYS C 4 -2.43 35.22 22.33
C LYS C 4 -0.91 35.27 22.39
N VAL C 5 -0.31 34.27 23.05
CA VAL C 5 1.15 34.23 23.14
C VAL C 5 1.73 34.10 21.73
N LYS C 6 2.86 34.77 21.50
CA LYS C 6 3.54 34.73 20.21
C LYS C 6 4.55 33.60 20.21
N VAL C 7 4.55 32.81 19.13
CA VAL C 7 5.27 31.55 19.09
C VAL C 7 6.26 31.57 17.94
N GLY C 8 7.44 30.99 18.17
CA GLY C 8 8.38 30.67 17.11
C GLY C 8 8.47 29.16 16.96
N VAL C 9 8.62 28.68 15.72
CA VAL C 9 8.75 27.25 15.45
C VAL C 9 10.14 27.00 14.89
N ASN C 10 10.91 26.15 15.56
CA ASN C 10 12.19 25.70 15.02
C ASN C 10 11.97 24.37 14.30
N GLY C 11 12.21 24.38 12.99
CA GLY C 11 11.96 23.21 12.17
C GLY C 11 10.63 23.28 11.43
N PHE C 12 10.65 23.10 10.11
CA PHE C 12 9.42 23.04 9.33
C PHE C 12 9.26 21.67 8.70
N GLY C 13 9.65 20.63 9.44
CA GLY C 13 9.27 19.28 9.10
C GLY C 13 7.81 19.07 9.43
N ARG C 14 7.38 17.81 9.41
CA ARG C 14 5.95 17.53 9.50
C ARG C 14 5.37 17.99 10.82
N ILE C 15 6.12 17.88 11.92
CA ILE C 15 5.56 18.33 13.19
C ILE C 15 5.45 19.86 13.21
N GLY C 16 6.51 20.55 12.79
CA GLY C 16 6.49 22.00 12.78
C GLY C 16 5.40 22.54 11.88
N ARG C 17 5.23 21.93 10.70
CA ARG C 17 4.16 22.36 9.79
C ARG C 17 2.79 22.11 10.39
N LEU C 18 2.62 20.98 11.08
CA LEU C 18 1.31 20.66 11.62
C LEU C 18 1.00 21.50 12.87
N VAL C 19 2.02 21.79 13.69
CA VAL C 19 1.83 22.74 14.78
C VAL C 19 1.41 24.09 14.23
N THR C 20 2.09 24.55 13.18
CA THR C 20 1.72 25.81 12.54
C THR C 20 0.28 25.76 12.04
N ARG C 21 -0.07 24.66 11.37
CA ARG C 21 -1.44 24.50 10.89
C ARG C 21 -2.45 24.56 12.04
N ALA C 22 -2.17 23.87 13.14
CA ALA C 22 -3.07 23.87 14.29
C ALA C 22 -3.19 25.26 14.90
N ALA C 23 -2.08 25.98 14.98
CA ALA C 23 -2.11 27.32 15.56
C ALA C 23 -3.06 28.23 14.79
N PHE C 24 -2.97 28.21 13.46
CA PHE C 24 -3.83 29.07 12.66
C PHE C 24 -5.25 28.55 12.57
N ASN C 25 -5.44 27.23 12.61
CA ASN C 25 -6.79 26.66 12.60
C ASN C 25 -7.53 26.97 13.90
N SER C 26 -6.84 26.87 15.04
CA SER C 26 -7.49 27.08 16.32
C SER C 26 -7.48 28.54 16.79
N GLY C 27 -6.55 29.35 16.30
CA GLY C 27 -6.39 30.69 16.82
C GLY C 27 -5.80 30.80 18.21
N LYS C 28 -5.35 29.70 18.81
CA LYS C 28 -5.02 29.72 20.23
C LYS C 28 -3.66 30.34 20.52
N VAL C 29 -2.76 30.36 19.54
CA VAL C 29 -1.45 31.00 19.67
C VAL C 29 -1.14 31.66 18.34
N ASP C 30 -0.17 32.57 18.37
CA ASP C 30 0.19 33.41 17.24
C ASP C 30 1.60 33.07 16.76
N ILE C 31 1.70 32.25 15.70
CA ILE C 31 3.01 31.94 15.10
C ILE C 31 3.57 33.21 14.47
N VAL C 32 4.70 33.69 14.98
CA VAL C 32 5.32 34.89 14.43
C VAL C 32 6.68 34.66 13.79
N ALA C 33 7.30 33.49 13.98
CA ALA C 33 8.59 33.22 13.37
C ALA C 33 8.73 31.72 13.15
N ILE C 34 9.49 31.37 12.10
CA ILE C 34 9.82 29.98 11.79
C ILE C 34 11.30 29.95 11.42
N ASN C 35 12.04 29.00 11.97
CA ASN C 35 13.44 28.81 11.61
C ASN C 35 13.61 27.47 10.90
N ASP C 36 14.30 27.50 9.77
CA ASP C 36 14.73 26.29 9.10
C ASP C 36 15.83 26.63 8.11
N PRO C 37 17.07 26.21 8.36
CA PRO C 37 18.17 26.52 7.44
C PRO C 37 18.19 25.70 6.16
N PHE C 38 17.39 24.65 6.05
CA PHE C 38 17.47 23.72 4.93
C PHE C 38 16.28 23.77 3.98
N ILE C 39 15.33 24.67 4.21
CA ILE C 39 14.11 24.80 3.40
C ILE C 39 13.90 26.28 3.13
N ASP C 40 13.99 26.68 1.86
CA ASP C 40 13.85 28.10 1.57
C ASP C 40 12.38 28.51 1.58
N LEU C 41 12.15 29.82 1.47
CA LEU C 41 10.81 30.36 1.70
C LEU C 41 9.80 29.84 0.67
N ASN C 42 10.21 29.73 -0.59
CA ASN C 42 9.28 29.26 -1.62
C ASN C 42 8.88 27.81 -1.38
N TYR C 43 9.82 27.00 -0.91
CA TYR C 43 9.52 25.59 -0.61
C TYR C 43 8.60 25.48 0.60
N MET C 44 8.79 26.35 1.60
CA MET C 44 7.89 26.39 2.76
C MET C 44 6.44 26.58 2.33
N VAL C 45 6.20 27.50 1.39
CA VAL C 45 4.85 27.71 0.90
C VAL C 45 4.28 26.41 0.36
N TYR C 46 5.06 25.75 -0.51
CA TYR C 46 4.61 24.50 -1.12
C TYR C 46 4.34 23.44 -0.06
N MET C 47 5.26 23.26 0.88
CA MET C 47 5.12 22.17 1.85
C MET C 47 3.95 22.42 2.79
N PHE C 48 3.71 23.68 3.18
CA PHE C 48 2.58 23.99 4.02
C PHE C 48 1.26 23.88 3.26
N GLN C 49 1.26 24.29 1.99
CA GLN C 49 0.01 24.37 1.23
C GLN C 49 -0.52 22.99 0.88
N TYR C 50 0.35 22.10 0.41
CA TYR C 50 -0.07 20.78 -0.06
C TYR C 50 0.32 19.75 0.98
N ASP C 51 -0.64 18.89 1.34
CA ASP C 51 -0.37 17.82 2.29
C ASP C 51 -1.06 16.55 1.82
N SER C 52 -0.28 15.49 1.58
CA SER C 52 -0.85 14.26 1.05
C SER C 52 -1.89 13.66 1.99
N THR C 53 -1.63 13.74 3.30
CA THR C 53 -2.49 13.10 4.30
C THR C 53 -3.72 13.94 4.66
N HIS C 54 -3.52 15.21 4.99
CA HIS C 54 -4.59 16.05 5.52
C HIS C 54 -5.10 17.07 4.51
N GLY C 55 -4.61 17.02 3.28
CA GLY C 55 -5.15 17.86 2.25
C GLY C 55 -4.57 19.26 2.24
N LYS C 56 -5.05 20.04 1.29
CA LYS C 56 -4.58 21.40 1.11
C LYS C 56 -4.98 22.24 2.32
N PHE C 57 -4.08 23.15 2.70
CA PHE C 57 -4.37 24.05 3.80
C PHE C 57 -5.67 24.81 3.54
N HIS C 58 -6.58 24.80 4.53
CA HIS C 58 -7.84 25.54 4.43
C HIS C 58 -7.56 26.99 4.85
N GLY C 59 -7.10 27.77 3.88
CA GLY C 59 -6.70 29.15 4.14
C GLY C 59 -5.81 29.63 3.01
N THR C 60 -5.05 30.69 3.29
CA THR C 60 -4.13 31.26 2.31
C THR C 60 -2.70 31.14 2.80
N VAL C 61 -1.79 30.89 1.88
CA VAL C 61 -0.36 30.87 2.21
C VAL C 61 0.42 31.34 1.00
N LYS C 62 1.31 32.31 1.22
CA LYS C 62 2.10 32.87 0.15
C LYS C 62 3.38 33.47 0.73
N ALA C 63 4.38 33.59 -0.14
CA ALA C 63 5.62 34.28 0.21
C ALA C 63 5.50 35.74 -0.22
N GLU C 64 5.88 36.65 0.68
CA GLU C 64 5.70 38.07 0.39
C GLU C 64 6.70 38.87 1.21
N ASN C 65 7.56 39.62 0.52
CA ASN C 65 8.57 40.47 1.15
C ASN C 65 9.45 39.66 2.12
N GLY C 66 9.81 38.44 1.71
CA GLY C 66 10.70 37.61 2.51
C GLY C 66 10.06 36.93 3.70
N LYS C 67 8.76 37.08 3.90
CA LYS C 67 8.06 36.45 4.99
C LYS C 67 7.08 35.41 4.46
N LEU C 68 6.81 34.40 5.29
CA LEU C 68 5.71 33.49 5.03
C LEU C 68 4.44 34.12 5.59
N VAL C 69 3.38 34.17 4.78
CA VAL C 69 2.16 34.87 5.13
C VAL C 69 1.02 33.86 5.11
N ILE C 70 0.51 33.51 6.29
CA ILE C 70 -0.57 32.53 6.42
C ILE C 70 -1.82 33.24 6.90
N ASN C 71 -2.91 33.08 6.16
CA ASN C 71 -4.17 33.75 6.45
C ASN C 71 -3.96 35.25 6.69
N GLY C 72 -3.05 35.83 5.92
CA GLY C 72 -2.76 37.25 6.01
C GLY C 72 -1.77 37.65 7.08
N ASN C 73 -1.32 36.72 7.92
CA ASN C 73 -0.40 37.04 9.01
C ASN C 73 1.03 36.79 8.56
N PRO C 74 1.91 37.79 8.57
CA PRO C 74 3.29 37.57 8.13
C PRO C 74 4.12 36.90 9.21
N ILE C 75 4.98 35.98 8.79
CA ILE C 75 5.80 35.18 9.70
C ILE C 75 7.25 35.39 9.30
N THR C 76 8.07 35.83 10.25
CA THR C 76 9.49 36.04 10.00
C THR C 76 10.18 34.69 9.79
N ILE C 77 11.00 34.58 8.74
CA ILE C 77 11.67 33.33 8.42
C ILE C 77 13.16 33.48 8.72
N PHE C 78 13.66 32.62 9.60
CA PHE C 78 15.09 32.51 9.92
C PHE C 78 15.67 31.26 9.27
N GLN C 79 17.00 31.28 9.08
CA GLN C 79 17.72 30.16 8.49
C GLN C 79 19.03 29.96 9.26
N GLU C 80 18.93 29.73 10.57
CA GLU C 80 20.09 29.54 11.43
C GLU C 80 20.30 28.05 11.72
N ARG C 81 21.54 27.59 11.54
CA ARG C 81 21.89 26.23 11.94
C ARG C 81 22.17 26.14 13.44
N ASP C 82 22.65 27.22 14.04
CA ASP C 82 22.98 27.24 15.46
C ASP C 82 21.78 27.82 16.21
N PRO C 83 21.00 27.00 16.93
CA PRO C 83 19.79 27.54 17.58
C PRO C 83 20.09 28.64 18.58
N SER C 84 21.31 28.71 19.14
CA SER C 84 21.64 29.81 20.03
C SER C 84 21.73 31.15 19.31
N LYS C 85 21.71 31.16 17.98
CA LYS C 85 21.84 32.39 17.20
C LYS C 85 20.52 32.86 16.60
N ILE C 86 19.45 32.07 16.68
CA ILE C 86 18.15 32.50 16.17
C ILE C 86 17.67 33.68 17.00
N LYS C 87 17.37 34.78 16.33
CA LYS C 87 16.97 36.01 17.01
C LYS C 87 15.46 36.02 17.26
N TRP C 88 15.02 35.04 18.06
CA TRP C 88 13.62 34.93 18.45
C TRP C 88 13.10 36.23 19.06
N GLY C 89 13.88 36.81 19.97
CA GLY C 89 13.43 38.01 20.66
C GLY C 89 13.15 39.16 19.71
N ASP C 90 14.01 39.34 18.71
CA ASP C 90 13.80 40.43 17.75
C ASP C 90 12.52 40.22 16.94
N ALA C 91 12.14 38.96 16.70
CA ALA C 91 10.94 38.67 15.96
C ALA C 91 9.68 38.68 16.83
N GLY C 92 9.84 38.79 18.14
CA GLY C 92 8.72 38.78 19.06
C GLY C 92 8.27 37.41 19.53
N ALA C 93 9.02 36.35 19.20
CA ALA C 93 8.63 35.00 19.58
C ALA C 93 8.91 34.78 21.06
N GLU C 94 7.86 34.50 21.83
CA GLU C 94 7.98 34.31 23.27
C GLU C 94 8.22 32.85 23.64
N TYR C 95 7.41 31.94 23.11
CA TYR C 95 7.60 30.51 23.27
C TYR C 95 8.13 29.95 21.96
N VAL C 96 9.03 28.97 22.03
CA VAL C 96 9.56 28.31 20.84
C VAL C 96 9.20 26.83 20.86
N VAL C 97 8.60 26.35 19.79
CA VAL C 97 8.38 24.92 19.60
C VAL C 97 9.65 24.35 18.98
N GLU C 98 10.36 23.52 19.74
CA GLU C 98 11.58 22.88 19.25
C GLU C 98 11.18 21.56 18.60
N SER C 99 11.09 21.54 17.27
CA SER C 99 10.48 20.43 16.55
C SER C 99 11.44 19.72 15.59
N THR C 100 12.73 20.05 15.61
CA THR C 100 13.65 19.41 14.67
C THR C 100 13.96 17.97 15.01
N GLY C 101 13.80 17.59 16.28
CA GLY C 101 14.13 16.24 16.69
C GLY C 101 15.58 15.99 17.02
N VAL C 102 16.46 16.99 16.83
CA VAL C 102 17.87 16.81 17.15
C VAL C 102 18.32 17.72 18.29
N PHE C 103 17.38 18.42 18.93
CA PHE C 103 17.71 19.24 20.10
C PHE C 103 16.75 18.94 21.23
N THR C 104 16.61 17.66 21.59
CA THR C 104 15.57 17.23 22.54
C THR C 104 16.05 17.18 23.98
N THR C 105 17.31 17.44 24.25
CA THR C 105 17.78 17.55 25.63
C THR C 105 17.61 18.98 26.12
N MET C 106 17.52 19.15 27.44
CA MET C 106 17.45 20.50 28.01
C MET C 106 18.66 21.33 27.60
N GLU C 107 19.84 20.73 27.59
CA GLU C 107 21.05 21.45 27.23
C GLU C 107 20.95 22.02 25.81
N LYS C 108 20.42 21.23 24.88
CA LYS C 108 20.33 21.69 23.49
C LYS C 108 19.11 22.58 23.24
N ALA C 109 17.94 22.17 23.75
CA ALA C 109 16.74 22.99 23.55
C ALA C 109 16.86 24.34 24.22
N GLY C 110 17.59 24.41 25.33
CA GLY C 110 17.83 25.67 26.03
C GLY C 110 18.55 26.73 25.21
N ALA C 111 19.15 26.34 24.08
CA ALA C 111 19.84 27.31 23.21
C ALA C 111 18.90 28.44 22.76
N HIS C 112 17.62 28.14 22.56
CA HIS C 112 16.68 29.17 22.10
C HIS C 112 16.55 30.32 23.08
N LEU C 113 16.85 30.10 24.37
CA LEU C 113 16.77 31.19 25.35
C LEU C 113 17.85 32.23 25.09
N GLN C 114 18.96 31.84 24.46
CA GLN C 114 20.05 32.78 24.22
C GLN C 114 19.63 33.87 23.25
N GLY C 115 18.90 33.51 22.20
CA GLY C 115 18.33 34.48 21.29
C GLY C 115 17.09 35.20 21.76
N GLY C 116 16.67 34.97 23.01
CA GLY C 116 15.65 35.78 23.61
C GLY C 116 14.27 35.14 23.70
N ALA C 117 14.10 33.90 23.24
CA ALA C 117 12.89 33.17 23.58
C ALA C 117 12.81 33.02 25.09
N LYS C 118 11.59 32.94 25.62
CA LYS C 118 11.40 32.85 27.06
C LYS C 118 11.12 31.43 27.54
N ARG C 119 10.45 30.60 26.73
CA ARG C 119 10.21 29.20 27.08
C ARG C 119 10.31 28.36 25.83
N VAL C 120 10.67 27.09 26.01
CA VAL C 120 10.86 26.15 24.90
C VAL C 120 9.98 24.95 25.15
N ILE C 121 9.23 24.55 24.12
CA ILE C 121 8.40 23.34 24.16
C ILE C 121 8.97 22.37 23.14
N ILE C 122 9.48 21.24 23.62
CA ILE C 122 10.05 20.21 22.75
C ILE C 122 8.91 19.30 22.31
N SER C 123 8.67 19.23 21.01
CA SER C 123 7.57 18.43 20.46
C SER C 123 7.99 16.97 20.24
N ALA C 124 8.60 16.39 21.25
CA ALA C 124 9.08 15.02 21.23
C ALA C 124 9.46 14.62 22.65
N PRO C 125 9.57 13.32 22.94
CA PRO C 125 10.12 12.93 24.25
C PRO C 125 11.49 13.53 24.47
N SER C 126 11.81 13.79 25.74
CA SER C 126 13.11 14.32 26.14
C SER C 126 13.71 13.43 27.20
N ALA C 127 15.05 13.25 27.16
CA ALA C 127 15.71 12.45 28.18
C ALA C 127 15.65 13.14 29.54
N ASP C 128 15.64 14.48 29.58
CA ASP C 128 15.67 15.20 30.84
C ASP C 128 14.60 16.29 31.01
N ALA C 129 14.06 16.86 29.92
CA ALA C 129 13.01 17.88 30.09
C ALA C 129 11.75 17.27 30.70
N PRO C 130 11.12 17.95 31.67
CA PRO C 130 9.86 17.43 32.21
C PRO C 130 8.81 17.31 31.10
N MET C 131 8.08 16.20 31.12
CA MET C 131 7.14 15.87 30.07
C MET C 131 5.71 16.02 30.55
N PHE C 132 4.85 16.48 29.64
CA PHE C 132 3.47 16.77 29.96
C PHE C 132 2.54 16.17 28.92
N VAL C 133 1.38 15.73 29.38
CA VAL C 133 0.29 15.28 28.53
C VAL C 133 -0.95 16.07 28.95
N MET C 134 -1.46 16.90 28.04
CA MET C 134 -2.67 17.67 28.31
C MET C 134 -3.79 16.75 28.79
N GLY C 135 -4.47 17.18 29.85
CA GLY C 135 -5.56 16.44 30.43
C GLY C 135 -5.15 15.46 31.49
N VAL C 136 -3.84 15.22 31.65
CA VAL C 136 -3.33 14.21 32.58
C VAL C 136 -2.46 14.84 33.66
N ASN C 137 -1.45 15.60 33.27
CA ASN C 137 -0.60 16.22 34.29
C ASN C 137 -0.19 17.64 33.92
N HIS C 138 -0.91 18.28 33.00
CA HIS C 138 -0.52 19.63 32.58
C HIS C 138 -0.68 20.64 33.72
N GLU C 139 -1.52 20.35 34.72
CA GLU C 139 -1.60 21.28 35.85
C GLU C 139 -0.36 21.20 36.74
N LYS C 140 0.53 20.22 36.53
CA LYS C 140 1.81 20.23 37.24
C LYS C 140 2.82 21.19 36.60
N TYR C 141 2.51 21.76 35.43
CA TYR C 141 3.34 22.80 34.86
C TYR C 141 3.38 24.01 35.79
N ASP C 142 4.53 24.66 35.89
CA ASP C 142 4.58 25.94 36.59
C ASP C 142 5.62 26.84 35.97
N ASN C 143 5.57 28.12 36.35
CA ASN C 143 6.36 29.16 35.71
C ASN C 143 7.86 28.99 35.88
N SER C 144 8.33 28.11 36.77
CA SER C 144 9.76 27.87 36.85
C SER C 144 10.26 27.01 35.70
N LEU C 145 9.36 26.38 34.93
CA LEU C 145 9.77 25.40 33.92
C LEU C 145 9.96 26.11 32.58
N LYS C 146 11.23 26.37 32.24
CA LYS C 146 11.57 27.12 31.03
C LYS C 146 11.68 26.23 29.80
N ILE C 147 11.89 24.93 29.99
CA ILE C 147 12.13 23.98 28.90
C ILE C 147 11.38 22.70 29.27
N ILE C 148 10.35 22.36 28.48
CA ILE C 148 9.50 21.21 28.76
C ILE C 148 9.27 20.43 27.46
N SER C 149 8.69 19.25 27.61
CA SER C 149 8.42 18.33 26.51
C SER C 149 6.95 17.96 26.51
N ASN C 150 6.36 17.86 25.32
CA ASN C 150 4.98 17.41 25.18
C ASN C 150 4.87 15.89 24.99
N ALA C 151 5.92 15.13 25.32
CA ALA C 151 5.95 13.66 25.20
C ALA C 151 5.80 13.29 23.72
N SER C 152 5.21 12.13 23.44
CA SER C 152 5.03 11.62 22.09
C SER C 152 3.54 11.49 21.77
N CYS C 153 3.22 11.32 20.48
CA CYS C 153 1.83 11.06 20.11
C CYS C 153 1.29 9.84 20.83
N THR C 154 2.07 8.75 20.88
CA THR C 154 1.57 7.52 21.48
C THR C 154 1.35 7.68 22.98
N THR C 155 2.27 8.35 23.68
CA THR C 155 2.05 8.62 25.10
C THR C 155 0.80 9.48 25.29
N ASN C 156 0.59 10.46 24.41
CA ASN C 156 -0.62 11.28 24.48
C ASN C 156 -1.89 10.49 24.18
N CYS C 157 -1.79 9.36 23.47
CA CYS C 157 -2.98 8.53 23.28
C CYS C 157 -3.22 7.64 24.49
N LEU C 158 -2.15 7.00 25.00
CA LEU C 158 -2.35 6.04 26.08
C LEU C 158 -2.69 6.74 27.39
N ALA C 159 -1.98 7.83 27.72
CA ALA C 159 -2.08 8.36 29.09
C ALA C 159 -3.47 8.84 29.46
N PRO C 160 -4.22 9.57 28.61
CA PRO C 160 -5.59 9.93 29.00
C PRO C 160 -6.48 8.74 29.28
N LEU C 161 -6.38 7.68 28.46
CA LEU C 161 -7.13 6.47 28.73
C LEU C 161 -6.67 5.81 30.02
N ALA C 162 -5.36 5.70 30.21
CA ALA C 162 -4.83 5.07 31.41
C ALA C 162 -5.26 5.83 32.65
N LYS C 163 -5.25 7.17 32.58
CA LYS C 163 -5.72 7.97 33.71
C LYS C 163 -7.14 7.56 34.11
N VAL C 164 -8.07 7.51 33.15
CA VAL C 164 -9.47 7.21 33.49
C VAL C 164 -9.59 5.81 34.06
N ILE C 165 -8.92 4.83 33.44
CA ILE C 165 -9.02 3.45 33.92
C ILE C 165 -8.43 3.34 35.32
N HIS C 166 -7.24 3.89 35.52
CA HIS C 166 -6.58 3.83 36.82
C HIS C 166 -7.38 4.58 37.88
N ASP C 167 -7.91 5.74 37.53
CA ASP C 167 -8.67 6.54 38.50
C ASP C 167 -9.90 5.78 38.99
N ASN C 168 -10.55 5.02 38.11
CA ASN C 168 -11.81 4.38 38.45
C ASN C 168 -11.66 2.95 38.94
N PHE C 169 -10.67 2.21 38.44
CA PHE C 169 -10.55 0.80 38.75
C PHE C 169 -9.18 0.37 39.23
N GLY C 170 -8.15 1.19 39.08
CA GLY C 170 -6.81 0.79 39.46
C GLY C 170 -6.17 -0.15 38.45
N ILE C 171 -5.11 0.29 37.78
CA ILE C 171 -4.36 -0.59 36.89
C ILE C 171 -3.25 -1.25 37.69
N VAL C 172 -3.36 -2.57 37.89
CA VAL C 172 -2.28 -3.31 38.53
C VAL C 172 -1.07 -3.36 37.61
N GLU C 173 -1.30 -3.70 36.34
CA GLU C 173 -0.23 -3.82 35.37
C GLU C 173 -0.88 -3.77 33.99
N GLY C 174 -0.10 -3.33 33.01
CA GLY C 174 -0.61 -3.21 31.66
C GLY C 174 0.49 -3.36 30.64
N LEU C 175 0.14 -3.95 29.50
CA LEU C 175 1.06 -4.09 28.37
C LEU C 175 0.35 -3.53 27.15
N MET C 176 1.06 -2.71 26.38
CA MET C 176 0.47 -1.96 25.28
C MET C 176 1.11 -2.38 23.97
N THR C 177 0.28 -2.54 22.95
CA THR C 177 0.74 -2.58 21.57
C THR C 177 0.17 -1.36 20.86
N THR C 178 1.00 -0.67 20.09
CA THR C 178 0.46 0.30 19.15
C THR C 178 0.70 -0.22 17.74
N VAL C 179 -0.38 -0.29 16.97
CA VAL C 179 -0.31 -0.55 15.53
C VAL C 179 -0.20 0.83 14.88
N HIS C 180 0.98 1.12 14.32
CA HIS C 180 1.38 2.48 14.01
C HIS C 180 1.49 2.69 12.51
N ALA C 181 0.87 3.78 12.03
CA ALA C 181 1.03 4.21 10.65
C ALA C 181 2.50 4.49 10.34
N ILE C 182 2.84 4.49 9.05
CA ILE C 182 4.24 4.66 8.66
C ILE C 182 4.71 6.08 9.05
N THR C 183 6.01 6.21 9.26
CA THR C 183 6.59 7.49 9.66
C THR C 183 7.74 7.84 8.73
N ALA C 184 8.20 9.09 8.87
CA ALA C 184 9.28 9.59 8.03
C ALA C 184 10.61 8.92 8.35
N THR C 185 10.74 8.25 9.51
CA THR C 185 11.98 7.55 9.81
C THR C 185 12.09 6.23 9.06
N GLN C 186 11.00 5.75 8.46
CA GLN C 186 11.05 4.48 7.75
C GLN C 186 11.59 4.66 6.33
N LYS C 187 11.79 3.52 5.64
CA LYS C 187 12.37 3.49 4.31
C LYS C 187 11.37 2.93 3.31
N THR C 188 11.43 3.44 2.06
CA THR C 188 10.50 2.96 1.03
C THR C 188 10.83 1.53 0.60
N VAL C 189 12.12 1.21 0.52
CA VAL C 189 12.60 -0.13 0.21
C VAL C 189 13.69 -0.46 1.22
N ASP C 190 14.07 -1.75 1.31
CA ASP C 190 15.06 -2.20 2.29
C ASP C 190 16.30 -1.31 2.22
N GLY C 191 16.58 -0.58 3.30
CA GLY C 191 17.73 0.29 3.33
C GLY C 191 18.38 0.37 4.70
N PRO C 192 19.45 1.14 4.81
CA PRO C 192 20.20 1.17 6.07
C PRO C 192 19.48 1.94 7.18
N SER C 193 19.52 1.36 8.37
CA SER C 193 18.96 1.89 9.60
C SER C 193 19.83 1.25 10.70
N GLY C 194 21.08 1.72 10.79
CA GLY C 194 22.11 0.95 11.47
C GLY C 194 21.84 0.67 12.93
N LYS C 195 21.10 1.54 13.59
CA LYS C 195 20.80 1.36 15.01
C LYS C 195 19.56 0.50 15.24
N LEU C 196 18.72 0.31 14.21
CA LEU C 196 17.39 -0.29 14.36
C LEU C 196 17.08 -1.02 13.05
N TRP C 197 17.62 -2.23 12.93
CA TRP C 197 17.67 -2.91 11.64
C TRP C 197 16.29 -3.15 11.07
N ARG C 198 15.32 -3.53 11.91
CA ARG C 198 13.98 -3.77 11.36
C ARG C 198 13.41 -2.51 10.73
N ASP C 199 13.72 -1.34 11.30
CA ASP C 199 13.16 -0.09 10.76
C ASP C 199 13.69 0.25 9.37
N GLY C 200 14.78 -0.39 8.94
CA GLY C 200 15.29 -0.19 7.59
C GLY C 200 14.57 -0.98 6.51
N ARG C 201 13.82 -2.01 6.91
CA ARG C 201 13.16 -2.85 5.93
C ARG C 201 11.98 -2.11 5.31
N GLY C 202 11.71 -2.42 4.04
CA GLY C 202 10.75 -1.67 3.25
C GLY C 202 9.41 -1.46 3.93
N ALA C 203 9.01 -0.20 4.09
CA ALA C 203 7.82 0.10 4.89
C ALA C 203 6.53 -0.31 4.18
N LEU C 204 6.51 -0.33 2.85
CA LEU C 204 5.28 -0.69 2.15
C LEU C 204 5.01 -2.19 2.23
N GLN C 205 6.07 -3.00 2.30
CA GLN C 205 5.97 -4.45 2.19
C GLN C 205 5.72 -5.15 3.52
N ASN C 206 5.94 -4.48 4.66
CA ASN C 206 6.18 -5.19 5.91
C ASN C 206 5.33 -4.68 7.08
N ILE C 207 4.93 -5.63 7.92
CA ILE C 207 4.64 -5.34 9.32
C ILE C 207 5.96 -5.39 10.06
N ILE C 208 6.27 -4.34 10.81
CA ILE C 208 7.61 -4.19 11.39
C ILE C 208 7.52 -4.00 12.90
N PRO C 209 7.99 -4.95 13.70
CA PRO C 209 8.00 -4.73 15.16
C PRO C 209 9.00 -3.64 15.53
N ALA C 210 8.65 -2.85 16.53
CA ALA C 210 9.55 -1.79 16.96
C ALA C 210 9.43 -1.59 18.46
N SER C 211 10.53 -1.21 19.09
CA SER C 211 10.48 -0.81 20.49
C SER C 211 9.89 0.58 20.60
N THR C 212 9.30 0.84 21.77
CA THR C 212 8.81 2.17 22.08
C THR C 212 8.78 2.33 23.60
N GLY C 213 9.22 3.49 24.06
CA GLY C 213 9.09 3.83 25.46
C GLY C 213 7.82 4.57 25.79
N ALA C 214 6.88 4.65 24.84
CA ALA C 214 5.69 5.47 25.05
C ALA C 214 4.86 4.96 26.23
N ALA C 215 4.74 3.64 26.39
CA ALA C 215 3.93 3.12 27.49
C ALA C 215 4.64 3.32 28.82
N LYS C 216 5.94 3.03 28.86
CA LYS C 216 6.73 3.27 30.05
C LYS C 216 6.67 4.74 30.46
N ALA C 217 6.69 5.64 29.46
CA ALA C 217 6.65 7.08 29.73
C ALA C 217 5.36 7.50 30.41
N VAL C 218 4.29 6.72 30.28
CA VAL C 218 3.06 7.03 31.01
C VAL C 218 3.32 7.00 32.50
N GLY C 219 4.33 6.23 32.94
CA GLY C 219 4.75 6.23 34.33
C GLY C 219 5.35 7.55 34.78
N LYS C 220 5.75 8.41 33.84
CA LYS C 220 6.24 9.73 34.21
C LYS C 220 5.08 10.70 34.44
N VAL C 221 4.13 10.75 33.51
CA VAL C 221 3.02 11.68 33.65
C VAL C 221 1.95 11.17 34.60
N ILE C 222 1.95 9.87 34.92
CA ILE C 222 1.09 9.30 35.95
C ILE C 222 1.98 8.53 36.92
N PRO C 223 2.52 9.18 37.95
CA PRO C 223 3.51 8.52 38.80
C PRO C 223 3.02 7.24 39.46
N GLU C 224 1.73 7.12 39.77
CA GLU C 224 1.25 5.89 40.39
C GLU C 224 1.41 4.68 39.48
N LEU C 225 1.57 4.89 38.17
CA LEU C 225 1.75 3.80 37.22
C LEU C 225 3.20 3.59 36.85
N ASN C 226 4.14 4.23 37.55
CA ASN C 226 5.55 3.96 37.29
C ASN C 226 5.85 2.48 37.51
N GLY C 227 6.56 1.89 36.55
CA GLY C 227 6.90 0.49 36.57
C GLY C 227 5.77 -0.46 36.23
N LYS C 228 4.56 0.06 35.98
CA LYS C 228 3.39 -0.79 35.80
C LYS C 228 2.94 -0.91 34.35
N LEU C 229 3.61 -0.26 33.42
CA LEU C 229 3.19 -0.23 32.02
C LEU C 229 4.41 -0.30 31.13
N THR C 230 4.37 -1.16 30.12
CA THR C 230 5.32 -1.06 29.03
C THR C 230 4.64 -1.59 27.77
N GLY C 231 5.39 -1.66 26.69
CA GLY C 231 4.74 -2.02 25.44
C GLY C 231 5.70 -2.04 24.27
N MET C 232 5.14 -2.25 23.09
CA MET C 232 5.90 -2.31 21.84
C MET C 232 4.98 -1.87 20.71
N ALA C 233 5.52 -1.81 19.49
CA ALA C 233 4.79 -1.31 18.34
C ALA C 233 4.91 -2.27 17.15
N PHE C 234 3.89 -2.24 16.28
CA PHE C 234 3.97 -2.79 14.94
C PHE C 234 3.77 -1.63 13.97
N ARG C 235 4.74 -1.37 13.11
CA ARG C 235 4.55 -0.40 12.04
C ARG C 235 3.90 -1.10 10.86
N VAL C 236 2.86 -0.48 10.29
CA VAL C 236 2.13 -1.10 9.19
C VAL C 236 1.98 -0.10 8.07
N PRO C 237 1.78 -0.57 6.81
CA PRO C 237 1.76 0.37 5.67
C PRO C 237 0.45 1.11 5.46
N THR C 238 0.09 1.95 6.43
CA THR C 238 -0.96 2.95 6.27
C THR C 238 -0.35 4.33 6.49
N ALA C 239 -0.96 5.35 5.88
CA ALA C 239 -0.32 6.64 5.78
C ALA C 239 -0.51 7.49 7.03
N ASN C 240 -1.57 7.25 7.79
CA ASN C 240 -1.82 8.07 8.97
C ASN C 240 -2.89 7.38 9.80
N VAL C 241 -2.90 7.73 11.08
CA VAL C 241 -3.81 7.23 12.11
C VAL C 241 -3.28 5.91 12.62
N SER C 242 -3.07 5.85 13.93
CA SER C 242 -2.55 4.70 14.62
C SER C 242 -3.56 4.31 15.69
N VAL C 243 -3.30 3.19 16.34
CA VAL C 243 -4.24 2.67 17.33
C VAL C 243 -3.47 2.06 18.48
N VAL C 244 -3.93 2.35 19.69
CA VAL C 244 -3.38 1.82 20.92
C VAL C 244 -4.23 0.65 21.37
N ASP C 245 -3.57 -0.41 21.83
CA ASP C 245 -4.19 -1.67 22.23
C ASP C 245 -3.64 -1.96 23.63
N LEU C 246 -4.42 -1.65 24.66
CA LEU C 246 -3.95 -1.72 26.04
C LEU C 246 -4.55 -2.96 26.70
N THR C 247 -3.71 -3.89 27.11
CA THR C 247 -4.16 -5.06 27.85
C THR C 247 -3.77 -4.85 29.31
N CYS C 248 -4.76 -4.71 30.18
CA CYS C 248 -4.43 -4.39 31.56
C CYS C 248 -5.23 -5.26 32.53
N ARG C 249 -4.62 -5.49 33.69
CA ARG C 249 -5.28 -6.10 34.83
C ARG C 249 -5.73 -5.00 35.78
N LEU C 250 -6.98 -5.08 36.23
CA LEU C 250 -7.58 -4.07 37.08
C LEU C 250 -7.62 -4.53 38.53
N GLU C 251 -7.47 -3.56 39.43
CA GLU C 251 -7.52 -3.83 40.87
C GLU C 251 -8.96 -4.06 41.34
N LYS C 252 -9.86 -3.19 40.97
CA LYS C 252 -11.27 -3.33 41.25
C LYS C 252 -11.98 -3.96 40.06
N PRO C 253 -12.98 -4.82 40.28
CA PRO C 253 -13.68 -5.43 39.15
C PRO C 253 -14.45 -4.39 38.35
N ALA C 254 -14.50 -4.60 37.04
CA ALA C 254 -15.13 -3.63 36.14
C ALA C 254 -15.77 -4.39 34.99
N LYS C 255 -17.10 -4.40 34.96
CA LYS C 255 -17.79 -4.84 33.76
C LYS C 255 -17.39 -3.93 32.60
N TYR C 256 -17.31 -4.51 31.40
CA TYR C 256 -16.97 -3.70 30.24
C TYR C 256 -17.91 -2.50 30.11
N ASP C 257 -19.19 -2.70 30.44
CA ASP C 257 -20.15 -1.60 30.38
C ASP C 257 -19.81 -0.49 31.37
N ASP C 258 -19.23 -0.84 32.52
CA ASP C 258 -18.79 0.18 33.45
C ASP C 258 -17.59 0.94 32.92
N ILE C 259 -16.66 0.22 32.27
CA ILE C 259 -15.55 0.89 31.61
C ILE C 259 -16.07 1.90 30.60
N LYS C 260 -17.04 1.48 29.78
CA LYS C 260 -17.59 2.38 28.77
C LYS C 260 -18.21 3.62 29.41
N LYS C 261 -18.93 3.44 30.53
CA LYS C 261 -19.61 4.57 31.16
C LYS C 261 -18.61 5.63 31.63
N VAL C 262 -17.55 5.20 32.31
CA VAL C 262 -16.62 6.18 32.86
C VAL C 262 -15.74 6.78 31.77
N VAL C 263 -15.41 6.02 30.72
CA VAL C 263 -14.67 6.63 29.62
C VAL C 263 -15.53 7.69 28.93
N LYS C 264 -16.79 7.36 28.67
CA LYS C 264 -17.70 8.32 28.03
C LYS C 264 -17.89 9.55 28.90
N GLN C 265 -18.06 9.36 30.20
CA GLN C 265 -18.16 10.47 31.15
C GLN C 265 -16.96 11.41 31.04
N ALA C 266 -15.75 10.84 31.11
CA ALA C 266 -14.55 11.66 30.98
C ALA C 266 -14.51 12.39 29.65
N SER C 267 -14.90 11.70 28.56
CA SER C 267 -14.86 12.30 27.24
C SER C 267 -15.79 13.50 27.13
N GLU C 268 -16.87 13.51 27.89
CA GLU C 268 -17.82 14.62 27.82
C GLU C 268 -17.56 15.69 28.87
N GLY C 269 -16.69 15.44 29.83
CA GLY C 269 -16.40 16.42 30.86
C GLY C 269 -14.98 16.93 30.84
N PRO C 270 -14.19 16.53 31.85
CA PRO C 270 -12.87 17.17 32.04
C PRO C 270 -11.85 16.80 30.97
N LEU C 271 -12.05 15.71 30.23
CA LEU C 271 -11.15 15.35 29.14
C LEU C 271 -11.74 15.66 27.77
N LYS C 272 -12.79 16.49 27.73
CA LYS C 272 -13.41 16.87 26.46
C LYS C 272 -12.39 17.43 25.49
N GLY C 273 -12.45 16.96 24.23
CA GLY C 273 -11.51 17.33 23.21
C GLY C 273 -10.18 16.64 23.29
N ILE C 274 -9.89 15.94 24.38
CA ILE C 274 -8.64 15.22 24.56
C ILE C 274 -8.92 13.73 24.43
N LEU C 275 -9.83 13.21 25.24
CA LEU C 275 -10.23 11.82 25.18
C LEU C 275 -11.60 11.74 24.52
N GLY C 276 -11.68 11.03 23.39
CA GLY C 276 -12.93 10.83 22.69
C GLY C 276 -13.54 9.47 23.03
N TYR C 277 -14.81 9.31 22.65
CA TYR C 277 -15.52 8.05 22.88
C TYR C 277 -16.43 7.79 21.70
N THR C 278 -16.41 6.56 21.18
CA THR C 278 -17.34 6.18 20.14
C THR C 278 -17.78 4.73 20.31
N GLU C 279 -18.99 4.46 19.83
CA GLU C 279 -19.52 3.10 19.69
C GLU C 279 -19.78 2.77 18.23
N HIS C 280 -19.39 3.65 17.31
CA HIS C 280 -19.65 3.46 15.89
C HIS C 280 -18.68 2.44 15.30
N GLN C 281 -19.02 1.96 14.09
CA GLN C 281 -18.25 0.90 13.42
C GLN C 281 -17.09 1.53 12.64
N VAL C 282 -16.14 2.07 13.40
CA VAL C 282 -15.13 2.94 12.81
C VAL C 282 -13.94 2.12 12.32
N VAL C 283 -13.21 2.72 11.38
CA VAL C 283 -11.90 2.24 10.95
C VAL C 283 -10.93 3.40 10.97
N SER C 284 -9.64 3.10 10.72
CA SER C 284 -8.60 4.10 10.93
C SER C 284 -8.87 5.41 10.15
N SER C 285 -9.28 5.32 8.89
CA SER C 285 -9.45 6.56 8.12
C SER C 285 -10.52 7.48 8.71
N ASP C 286 -11.42 6.96 9.55
CA ASP C 286 -12.44 7.82 10.13
C ASP C 286 -11.87 8.81 11.14
N PHE C 287 -10.63 8.61 11.57
CA PHE C 287 -9.96 9.54 12.47
C PHE C 287 -8.94 10.43 11.77
N ASN C 288 -8.89 10.42 10.44
CA ASN C 288 -8.01 11.35 9.77
C ASN C 288 -8.40 12.79 10.06
N SER C 289 -7.43 13.57 10.50
CA SER C 289 -7.59 14.97 10.89
C SER C 289 -8.44 15.14 12.15
N ASP C 290 -8.66 14.08 12.92
CA ASP C 290 -9.36 14.17 14.18
C ASP C 290 -8.40 14.70 15.26
N THR C 291 -8.83 15.73 16.00
CA THR C 291 -7.91 16.42 16.91
C THR C 291 -7.90 15.85 18.33
N HIS C 292 -8.61 14.76 18.61
CA HIS C 292 -8.47 14.14 19.92
C HIS C 292 -7.08 13.55 20.10
N SER C 293 -6.63 13.47 21.35
CA SER C 293 -5.41 12.73 21.66
C SER C 293 -5.62 11.24 21.56
N SER C 294 -6.86 10.80 21.77
CA SER C 294 -7.18 9.43 22.12
C SER C 294 -8.68 9.25 21.95
N THR C 295 -9.13 8.31 21.12
CA THR C 295 -10.56 8.04 21.00
C THR C 295 -10.81 6.56 21.29
N PHE C 296 -11.46 6.30 22.42
CA PHE C 296 -11.81 4.95 22.85
C PHE C 296 -12.82 4.33 21.89
N ASP C 297 -12.53 3.12 21.43
CA ASP C 297 -13.39 2.38 20.50
C ASP C 297 -14.14 1.34 21.32
N ALA C 298 -15.39 1.63 21.66
CA ALA C 298 -16.11 0.74 22.58
C ALA C 298 -16.26 -0.64 21.97
N GLY C 299 -16.69 -0.71 20.72
CA GLY C 299 -16.99 -1.98 20.09
C GLY C 299 -15.77 -2.84 19.80
N ALA C 300 -14.59 -2.25 19.73
CA ALA C 300 -13.42 -3.00 19.30
C ALA C 300 -12.73 -3.74 20.45
N GLY C 301 -12.88 -3.23 21.68
CA GLY C 301 -12.25 -3.86 22.82
C GLY C 301 -12.97 -5.13 23.25
N ILE C 302 -12.37 -5.83 24.21
CA ILE C 302 -12.89 -7.10 24.66
C ILE C 302 -12.37 -7.40 26.05
N ALA C 303 -13.25 -7.97 26.88
CA ALA C 303 -12.91 -8.37 28.25
C ALA C 303 -12.85 -9.89 28.34
N LEU C 304 -11.82 -10.41 29.01
CA LEU C 304 -11.85 -11.81 29.40
C LEU C 304 -12.67 -12.00 30.66
N ASN C 305 -12.54 -11.10 31.63
CA ASN C 305 -13.24 -11.18 32.90
C ASN C 305 -13.26 -9.78 33.51
N ASP C 306 -13.77 -9.69 34.74
CA ASP C 306 -13.96 -8.40 35.41
C ASP C 306 -12.66 -7.71 35.76
N HIS C 307 -11.52 -8.38 35.65
CA HIS C 307 -10.25 -7.83 36.08
C HIS C 307 -9.20 -7.82 34.96
N PHE C 308 -9.58 -8.14 33.72
CA PHE C 308 -8.57 -8.34 32.68
C PHE C 308 -9.20 -8.01 31.34
N VAL C 309 -8.82 -6.88 30.75
CA VAL C 309 -9.50 -6.33 29.58
C VAL C 309 -8.49 -5.88 28.55
N LYS C 310 -8.94 -5.78 27.31
CA LYS C 310 -8.16 -5.22 26.21
C LYS C 310 -8.92 -4.01 25.69
N LEU C 311 -8.32 -2.83 25.79
CA LEU C 311 -8.98 -1.58 25.44
C LEU C 311 -8.29 -0.96 24.24
N ILE C 312 -9.08 -0.42 23.32
CA ILE C 312 -8.62 0.04 22.02
C ILE C 312 -8.89 1.54 21.90
N SER C 313 -7.88 2.30 21.45
CA SER C 313 -8.04 3.74 21.29
C SER C 313 -7.28 4.26 20.07
N TRP C 314 -7.97 5.03 19.25
CA TRP C 314 -7.43 5.55 17.99
C TRP C 314 -6.77 6.91 18.20
N TYR C 315 -5.76 7.21 17.39
CA TYR C 315 -5.24 8.57 17.38
C TYR C 315 -4.66 8.92 16.00
N ASP C 316 -5.04 10.08 15.49
CA ASP C 316 -4.32 10.65 14.35
C ASP C 316 -3.00 11.14 14.91
N ASN C 317 -1.94 10.35 14.72
CA ASN C 317 -0.67 10.62 15.41
C ASN C 317 -0.15 12.01 15.08
N GLU C 318 -0.54 12.56 13.94
CA GLU C 318 -0.09 13.87 13.49
C GLU C 318 -0.96 15.01 14.07
N PHE C 319 -2.26 14.97 13.80
CA PHE C 319 -3.14 16.09 14.10
C PHE C 319 -3.42 16.22 15.59
N GLY C 320 -3.62 15.10 16.29
CA GLY C 320 -3.89 15.18 17.72
C GLY C 320 -2.73 15.80 18.46
N TYR C 321 -1.54 15.24 18.26
CA TYR C 321 -0.34 15.70 18.96
C TYR C 321 -0.05 17.17 18.69
N SER C 322 -0.16 17.61 17.43
CA SER C 322 0.14 19.00 17.10
C SER C 322 -0.82 19.96 17.77
N ASN C 323 -2.09 19.57 17.87
CA ASN C 323 -3.04 20.41 18.57
C ASN C 323 -2.77 20.44 20.07
N ARG C 324 -2.28 19.32 20.63
CA ARG C 324 -1.89 19.35 22.04
C ARG C 324 -0.70 20.28 22.28
N VAL C 325 0.25 20.34 21.33
CA VAL C 325 1.37 21.27 21.53
C VAL C 325 0.84 22.69 21.64
N VAL C 326 -0.13 23.04 20.80
CA VAL C 326 -0.74 24.36 20.84
C VAL C 326 -1.51 24.54 22.15
N ASP C 327 -2.30 23.53 22.53
CA ASP C 327 -3.06 23.60 23.78
C ASP C 327 -2.12 23.76 24.97
N LEU C 328 -0.99 23.07 24.94
CA LEU C 328 -0.05 23.16 26.07
C LEU C 328 0.51 24.57 26.19
N MET C 329 0.85 25.19 25.05
CA MET C 329 1.34 26.56 25.07
C MET C 329 0.27 27.52 25.55
N ALA C 330 -0.99 27.30 25.15
CA ALA C 330 -2.07 28.14 25.65
C ALA C 330 -2.20 28.03 27.16
N HIS C 331 -2.05 26.82 27.70
CA HIS C 331 -2.09 26.64 29.16
C HIS C 331 -0.93 27.34 29.85
N MET C 332 0.29 27.20 29.29
CA MET C 332 1.44 27.91 29.84
C MET C 332 1.18 29.42 29.85
N ALA C 333 0.66 29.95 28.74
CA ALA C 333 0.37 31.37 28.65
C ALA C 333 -0.66 31.80 29.69
N SER C 334 -1.57 30.91 30.08
CA SER C 334 -2.56 31.32 31.07
C SER C 334 -1.94 31.53 32.45
N LYS C 335 -0.71 31.08 32.68
CA LYS C 335 -0.07 31.23 33.99
C LYS C 335 0.76 32.50 34.10
N GLU C 336 0.85 33.29 33.05
CA GLU C 336 1.63 34.52 33.08
C GLU C 336 1.10 35.48 32.00
N VAL D 5 -34.05 20.07 -10.57
CA VAL D 5 -34.64 19.78 -9.27
C VAL D 5 -35.32 18.40 -9.30
N LYS D 6 -35.38 17.74 -8.14
CA LYS D 6 -36.05 16.45 -7.94
C LYS D 6 -35.35 15.32 -8.71
N VAL D 7 -34.65 14.44 -8.01
CA VAL D 7 -33.89 13.36 -8.64
C VAL D 7 -33.93 12.14 -7.73
N GLY D 8 -34.03 10.96 -8.34
CA GLY D 8 -33.87 9.71 -7.62
C GLY D 8 -32.60 8.98 -8.03
N VAL D 9 -32.09 8.10 -7.17
CA VAL D 9 -30.81 7.43 -7.42
C VAL D 9 -31.01 5.93 -7.24
N ASN D 10 -30.79 5.17 -8.31
CA ASN D 10 -30.81 3.72 -8.22
C ASN D 10 -29.41 3.25 -7.82
N GLY D 11 -29.33 2.48 -6.75
CA GLY D 11 -28.03 2.02 -6.25
C GLY D 11 -27.33 3.03 -5.39
N PHE D 12 -26.58 2.54 -4.39
CA PHE D 12 -25.91 3.40 -3.42
C PHE D 12 -24.46 3.01 -3.25
N GLY D 13 -23.78 2.70 -4.37
CA GLY D 13 -22.36 2.42 -4.37
C GLY D 13 -21.57 3.71 -4.39
N ARG D 14 -20.27 3.58 -4.73
CA ARG D 14 -19.40 4.76 -4.73
C ARG D 14 -20.00 5.90 -5.57
N ILE D 15 -20.54 5.56 -6.74
CA ILE D 15 -21.09 6.60 -7.62
C ILE D 15 -22.44 7.10 -7.12
N GLY D 16 -23.30 6.21 -6.65
CA GLY D 16 -24.60 6.65 -6.15
C GLY D 16 -24.48 7.58 -4.95
N ARG D 17 -23.59 7.24 -4.00
CA ARG D 17 -23.43 8.08 -2.81
C ARG D 17 -22.77 9.41 -3.15
N LEU D 18 -21.78 9.39 -4.03
CA LEU D 18 -21.06 10.63 -4.34
C LEU D 18 -21.87 11.55 -5.24
N VAL D 19 -22.75 11.00 -6.08
CA VAL D 19 -23.74 11.84 -6.74
C VAL D 19 -24.66 12.46 -5.69
N THR D 20 -25.15 11.63 -4.75
CA THR D 20 -25.97 12.13 -3.65
C THR D 20 -25.22 13.20 -2.86
N ARG D 21 -23.94 12.94 -2.55
CA ARG D 21 -23.14 13.93 -1.82
C ARG D 21 -22.92 15.19 -2.65
N ALA D 22 -22.66 15.04 -3.95
CA ALA D 22 -22.47 16.21 -4.79
C ALA D 22 -23.76 17.01 -4.93
N ALA D 23 -24.91 16.34 -4.83
CA ALA D 23 -26.19 17.03 -4.97
C ALA D 23 -26.42 18.00 -3.82
N PHE D 24 -26.30 17.52 -2.58
CA PHE D 24 -26.49 18.37 -1.42
C PHE D 24 -25.34 19.36 -1.23
N ASN D 25 -24.12 18.97 -1.63
CA ASN D 25 -22.98 19.88 -1.50
C ASN D 25 -23.11 21.05 -2.47
N SER D 26 -23.67 20.82 -3.66
CA SER D 26 -23.79 21.86 -4.66
C SER D 26 -25.16 22.52 -4.70
N GLY D 27 -26.20 21.84 -4.23
CA GLY D 27 -27.54 22.39 -4.28
C GLY D 27 -28.12 22.52 -5.66
N LYS D 28 -27.45 21.99 -6.68
CA LYS D 28 -27.95 22.11 -8.05
C LYS D 28 -29.20 21.26 -8.28
N VAL D 29 -29.48 20.30 -7.40
CA VAL D 29 -30.57 19.36 -7.61
C VAL D 29 -30.98 18.80 -6.26
N ASP D 30 -32.15 18.16 -6.22
CA ASP D 30 -32.73 17.64 -4.98
C ASP D 30 -32.89 16.14 -5.09
N ILE D 31 -32.22 15.40 -4.21
CA ILE D 31 -32.36 13.95 -4.16
C ILE D 31 -33.65 13.60 -3.42
N VAL D 32 -34.49 12.76 -4.04
CA VAL D 32 -35.80 12.47 -3.49
C VAL D 32 -36.10 10.97 -3.48
N ALA D 33 -35.10 10.13 -3.75
CA ALA D 33 -35.31 8.68 -3.73
C ALA D 33 -34.00 7.94 -3.91
N ILE D 34 -33.91 6.76 -3.29
CA ILE D 34 -32.77 5.85 -3.41
C ILE D 34 -33.30 4.42 -3.39
N ASN D 35 -32.62 3.51 -4.08
CA ASN D 35 -33.08 2.13 -4.16
C ASN D 35 -32.17 1.14 -3.45
N ASP D 36 -31.03 0.81 -4.07
CA ASP D 36 -30.06 -0.23 -3.71
C ASP D 36 -30.63 -1.27 -2.76
N PRO D 37 -31.05 -2.43 -3.27
CA PRO D 37 -31.84 -3.36 -2.45
C PRO D 37 -31.01 -4.14 -1.43
N PHE D 38 -29.69 -4.05 -1.46
CA PHE D 38 -28.84 -4.91 -0.66
C PHE D 38 -28.29 -4.21 0.58
N ILE D 39 -28.79 -3.02 0.92
CA ILE D 39 -28.35 -2.29 2.11
C ILE D 39 -29.56 -1.63 2.75
N ASP D 40 -29.80 -1.93 4.03
CA ASP D 40 -30.95 -1.36 4.73
C ASP D 40 -30.74 0.12 5.00
N LEU D 41 -31.76 0.75 5.60
CA LEU D 41 -31.71 2.19 5.82
C LEU D 41 -30.66 2.57 6.87
N ASN D 42 -30.50 1.75 7.90
CA ASN D 42 -29.47 2.02 8.90
C ASN D 42 -28.09 1.98 8.26
N TYR D 43 -27.81 0.93 7.48
CA TYR D 43 -26.54 0.81 6.79
C TYR D 43 -26.32 1.98 5.83
N MET D 44 -27.37 2.44 5.16
CA MET D 44 -27.26 3.60 4.28
C MET D 44 -26.70 4.82 5.01
N VAL D 45 -27.16 5.05 6.24
CA VAL D 45 -26.68 6.18 7.01
C VAL D 45 -25.18 6.07 7.22
N TYR D 46 -24.71 4.88 7.59
CA TYR D 46 -23.30 4.68 7.86
C TYR D 46 -22.46 4.82 6.60
N MET D 47 -22.91 4.23 5.48
CA MET D 47 -22.10 4.27 4.27
C MET D 47 -22.00 5.69 3.72
N PHE D 48 -23.06 6.48 3.83
CA PHE D 48 -23.01 7.86 3.36
C PHE D 48 -22.24 8.77 4.30
N GLN D 49 -22.30 8.51 5.61
CA GLN D 49 -21.67 9.40 6.57
C GLN D 49 -20.15 9.25 6.58
N TYR D 50 -19.64 8.02 6.58
CA TYR D 50 -18.21 7.76 6.65
C TYR D 50 -17.70 7.33 5.28
N ASP D 51 -16.58 7.91 4.87
CA ASP D 51 -15.98 7.58 3.59
C ASP D 51 -14.47 7.57 3.75
N SER D 52 -13.86 6.40 3.53
CA SER D 52 -12.41 6.26 3.68
C SER D 52 -11.65 7.25 2.80
N THR D 53 -12.12 7.48 1.59
CA THR D 53 -11.40 8.31 0.63
C THR D 53 -11.66 9.79 0.79
N HIS D 54 -12.92 10.19 1.03
CA HIS D 54 -13.27 11.61 0.99
C HIS D 54 -13.63 12.20 2.36
N GLY D 55 -13.56 11.41 3.42
CA GLY D 55 -13.88 11.91 4.74
C GLY D 55 -15.36 11.92 5.04
N LYS D 56 -15.66 12.18 6.31
CA LYS D 56 -17.03 12.19 6.79
C LYS D 56 -17.83 13.28 6.07
N PHE D 57 -19.11 12.99 5.84
CA PHE D 57 -19.97 13.95 5.15
C PHE D 57 -20.05 15.26 5.91
N HIS D 58 -19.88 16.38 5.20
CA HIS D 58 -19.94 17.72 5.76
C HIS D 58 -21.42 18.13 5.88
N GLY D 59 -22.07 17.62 6.92
CA GLY D 59 -23.48 17.86 7.12
C GLY D 59 -24.10 16.92 8.14
N THR D 60 -25.36 16.52 7.93
CA THR D 60 -26.06 15.65 8.87
C THR D 60 -26.78 14.56 8.09
N VAL D 61 -26.85 13.36 8.68
CA VAL D 61 -27.57 12.26 8.06
C VAL D 61 -28.14 11.35 9.15
N LYS D 62 -29.46 11.14 9.11
CA LYS D 62 -30.15 10.34 10.10
C LYS D 62 -31.30 9.60 9.43
N ALA D 63 -31.94 8.73 10.20
CA ALA D 63 -33.17 8.06 9.80
C ALA D 63 -34.29 8.49 10.75
N GLU D 64 -35.46 8.83 10.19
CA GLU D 64 -36.59 9.34 10.97
C GLU D 64 -37.88 8.70 10.46
N ASN D 65 -38.24 7.55 11.04
CA ASN D 65 -39.41 6.76 10.64
C ASN D 65 -39.41 6.53 9.14
N GLY D 66 -38.48 5.66 8.71
CA GLY D 66 -38.13 5.59 7.31
C GLY D 66 -37.47 6.91 6.90
N LYS D 67 -37.23 7.02 5.59
CA LYS D 67 -36.68 8.23 5.00
C LYS D 67 -35.24 8.52 5.45
N LEU D 68 -34.30 8.49 4.52
CA LEU D 68 -32.95 8.97 4.81
C LEU D 68 -32.96 10.49 4.80
N VAL D 69 -32.57 11.11 5.91
CA VAL D 69 -32.64 12.56 6.06
C VAL D 69 -31.23 13.11 5.98
N ILE D 70 -30.94 13.84 4.90
CA ILE D 70 -29.64 14.47 4.67
C ILE D 70 -29.84 15.98 4.75
N ASN D 71 -29.26 16.60 5.77
CA ASN D 71 -29.34 18.05 5.96
C ASN D 71 -30.78 18.51 6.06
N GLY D 72 -31.62 17.69 6.68
CA GLY D 72 -33.01 18.04 6.92
C GLY D 72 -33.97 17.71 5.81
N ASN D 73 -33.61 16.81 4.89
CA ASN D 73 -34.45 16.50 3.73
C ASN D 73 -34.79 15.02 3.70
N PRO D 74 -36.06 14.64 3.75
CA PRO D 74 -36.42 13.22 3.58
C PRO D 74 -36.14 12.76 2.15
N ILE D 75 -35.96 11.45 2.01
CA ILE D 75 -35.50 10.92 0.73
C ILE D 75 -36.31 9.72 0.25
N THR D 76 -36.74 8.86 1.18
CA THR D 76 -37.57 7.69 0.83
C THR D 76 -36.76 6.63 0.07
N ILE D 77 -36.78 5.39 0.57
CA ILE D 77 -36.01 4.31 -0.02
C ILE D 77 -36.98 3.19 -0.41
N PHE D 78 -36.53 2.32 -1.32
CA PHE D 78 -37.45 1.37 -1.95
C PHE D 78 -36.97 -0.09 -1.92
N GLN D 79 -35.65 -0.29 -1.94
CA GLN D 79 -35.03 -1.61 -1.74
C GLN D 79 -35.52 -2.68 -2.72
N GLU D 80 -35.98 -2.30 -3.91
CA GLU D 80 -36.59 -3.25 -4.83
C GLU D 80 -35.55 -3.89 -5.75
N ARG D 81 -35.69 -5.20 -5.97
CA ARG D 81 -34.67 -5.95 -6.71
C ARG D 81 -34.66 -5.60 -8.20
N ASP D 82 -35.84 -5.48 -8.81
CA ASP D 82 -35.76 -5.15 -10.23
C ASP D 82 -36.36 -3.77 -10.50
N PRO D 83 -35.77 -3.02 -11.44
CA PRO D 83 -36.16 -1.61 -11.60
C PRO D 83 -37.58 -1.40 -12.12
N SER D 84 -38.19 -2.41 -12.74
CA SER D 84 -39.47 -2.20 -13.43
C SER D 84 -40.54 -1.69 -12.49
N LYS D 85 -40.57 -2.18 -11.26
CA LYS D 85 -41.57 -1.77 -10.26
C LYS D 85 -40.84 -1.22 -9.04
N ILE D 86 -40.43 0.04 -9.13
CA ILE D 86 -39.85 0.76 -8.00
C ILE D 86 -40.75 1.89 -7.50
N LYS D 87 -41.67 2.38 -8.33
CA LYS D 87 -42.62 3.43 -7.98
C LYS D 87 -41.91 4.77 -7.78
N TRP D 88 -41.17 5.22 -8.80
CA TRP D 88 -40.55 6.53 -8.73
C TRP D 88 -41.57 7.66 -8.88
N GLY D 89 -42.73 7.39 -9.47
CA GLY D 89 -43.68 8.44 -9.77
C GLY D 89 -44.28 9.06 -8.52
N ASP D 90 -44.84 8.23 -7.63
CA ASP D 90 -45.43 8.74 -6.40
C ASP D 90 -44.39 9.31 -5.44
N ALA D 91 -43.09 9.11 -5.71
CA ALA D 91 -42.04 9.65 -4.87
C ALA D 91 -41.63 11.06 -5.26
N GLY D 92 -41.88 11.47 -6.51
CA GLY D 92 -41.43 12.75 -7.00
C GLY D 92 -40.16 12.70 -7.82
N ALA D 93 -39.67 11.50 -8.15
CA ALA D 93 -38.42 11.35 -8.89
C ALA D 93 -38.58 11.85 -10.32
N GLU D 94 -38.23 13.11 -10.55
CA GLU D 94 -38.26 13.67 -11.89
C GLU D 94 -37.18 13.07 -12.78
N TYR D 95 -36.02 12.74 -12.20
CA TYR D 95 -34.94 12.05 -12.90
C TYR D 95 -34.54 10.82 -12.10
N VAL D 96 -33.80 9.93 -12.74
CA VAL D 96 -33.24 8.75 -12.10
C VAL D 96 -31.81 8.54 -12.59
N VAL D 97 -30.89 8.26 -11.67
CA VAL D 97 -29.50 7.95 -11.99
C VAL D 97 -29.27 6.47 -11.76
N GLU D 98 -28.57 5.82 -12.69
CA GLU D 98 -28.51 4.36 -12.74
C GLU D 98 -27.51 3.78 -11.74
N SER D 99 -26.23 4.13 -11.87
CA SER D 99 -25.21 3.86 -10.85
C SER D 99 -24.97 2.39 -10.51
N THR D 100 -25.83 1.46 -10.95
CA THR D 100 -25.71 0.09 -10.47
C THR D 100 -24.57 -0.68 -11.12
N GLY D 101 -24.03 -0.22 -12.25
CA GLY D 101 -23.02 -0.93 -12.98
C GLY D 101 -23.59 -1.90 -14.00
N VAL D 102 -24.76 -2.46 -13.74
CA VAL D 102 -25.55 -3.16 -14.74
C VAL D 102 -26.58 -2.16 -15.23
N PHE D 103 -27.50 -2.59 -16.11
CA PHE D 103 -28.55 -1.73 -16.66
C PHE D 103 -27.96 -0.55 -17.45
N THR D 104 -26.86 -0.80 -18.15
CA THR D 104 -26.23 0.24 -18.95
C THR D 104 -26.75 0.30 -20.38
N THR D 105 -27.51 -0.71 -20.82
CA THR D 105 -28.14 -0.69 -22.13
C THR D 105 -29.49 0.01 -22.05
N MET D 106 -29.96 0.50 -23.20
CA MET D 106 -31.18 1.29 -23.20
C MET D 106 -32.41 0.45 -22.88
N GLU D 107 -32.37 -0.86 -23.16
CA GLU D 107 -33.52 -1.70 -22.87
C GLU D 107 -33.58 -2.06 -21.39
N LYS D 108 -32.44 -2.44 -20.79
CA LYS D 108 -32.44 -2.82 -19.38
C LYS D 108 -32.63 -1.59 -18.50
N ALA D 109 -32.00 -0.46 -18.85
CA ALA D 109 -32.19 0.77 -18.09
C ALA D 109 -33.56 1.39 -18.30
N GLY D 110 -34.31 0.95 -19.31
CA GLY D 110 -35.60 1.55 -19.59
C GLY D 110 -36.63 1.37 -18.50
N ALA D 111 -36.47 0.34 -17.66
CA ALA D 111 -37.43 0.03 -16.62
C ALA D 111 -37.37 1.04 -15.48
N HIS D 112 -37.55 2.32 -15.79
CA HIS D 112 -37.58 3.36 -14.77
C HIS D 112 -38.72 4.36 -14.93
N LEU D 113 -39.30 4.49 -16.13
CA LEU D 113 -40.57 5.19 -16.28
C LEU D 113 -41.75 4.23 -16.22
N GLN D 114 -41.50 2.92 -16.28
CA GLN D 114 -42.56 1.94 -16.10
C GLN D 114 -43.28 2.15 -14.77
N GLY D 115 -42.59 2.70 -13.78
CA GLY D 115 -43.22 3.15 -12.56
C GLY D 115 -42.70 4.53 -12.17
N GLY D 116 -42.17 5.26 -13.14
CA GLY D 116 -41.51 6.52 -12.84
C GLY D 116 -41.85 7.66 -13.78
N ALA D 117 -41.05 8.72 -13.75
CA ALA D 117 -41.36 9.96 -14.46
C ALA D 117 -40.13 10.46 -15.19
N LYS D 118 -40.33 10.84 -16.46
CA LYS D 118 -39.35 11.57 -17.28
C LYS D 118 -38.09 10.78 -17.58
N ARG D 119 -36.93 11.34 -17.23
CA ARG D 119 -35.66 11.00 -17.87
C ARG D 119 -34.77 10.14 -16.97
N VAL D 120 -33.80 9.47 -17.58
CA VAL D 120 -32.93 8.50 -16.92
C VAL D 120 -31.50 8.73 -17.38
N ILE D 121 -30.56 8.78 -16.43
CA ILE D 121 -29.15 9.03 -16.70
C ILE D 121 -28.34 7.82 -16.25
N ILE D 122 -27.55 7.27 -17.16
CA ILE D 122 -26.71 6.11 -16.88
C ILE D 122 -25.31 6.61 -16.49
N SER D 123 -24.87 6.22 -15.29
CA SER D 123 -23.56 6.65 -14.76
C SER D 123 -22.41 5.79 -15.24
N ALA D 124 -22.46 5.36 -16.49
CA ALA D 124 -21.42 4.52 -17.08
C ALA D 124 -21.55 4.61 -18.59
N PRO D 125 -20.52 4.21 -19.34
CA PRO D 125 -20.67 4.08 -20.79
C PRO D 125 -21.79 3.12 -21.13
N SER D 126 -22.47 3.39 -22.24
CA SER D 126 -23.62 2.61 -22.67
C SER D 126 -23.35 2.00 -24.03
N ALA D 127 -23.83 0.77 -24.22
CA ALA D 127 -23.69 0.12 -25.52
C ALA D 127 -24.44 0.87 -26.61
N ASP D 128 -25.58 1.49 -26.29
CA ASP D 128 -26.39 2.16 -27.30
C ASP D 128 -27.09 3.44 -26.83
N ALA D 129 -26.95 3.85 -25.58
CA ALA D 129 -27.55 5.12 -25.23
C ALA D 129 -26.65 6.28 -25.67
N PRO D 130 -27.23 7.44 -26.01
CA PRO D 130 -26.40 8.59 -26.37
C PRO D 130 -25.59 9.07 -25.18
N MET D 131 -24.28 9.24 -25.39
CA MET D 131 -23.37 9.66 -24.34
C MET D 131 -23.09 11.15 -24.45
N PHE D 132 -22.90 11.78 -23.28
CA PHE D 132 -22.63 13.20 -23.21
C PHE D 132 -21.54 13.47 -22.19
N VAL D 133 -20.74 14.50 -22.48
CA VAL D 133 -19.64 14.93 -21.63
C VAL D 133 -19.76 16.44 -21.47
N MET D 134 -20.04 16.89 -20.25
CA MET D 134 -20.17 18.32 -19.98
C MET D 134 -18.96 19.09 -20.50
N GLY D 135 -19.22 20.21 -21.15
CA GLY D 135 -18.20 21.02 -21.76
C GLY D 135 -17.77 20.57 -23.14
N VAL D 136 -18.24 19.42 -23.62
CA VAL D 136 -17.79 18.91 -24.91
C VAL D 136 -18.97 18.79 -25.88
N ASN D 137 -19.96 17.95 -25.54
CA ASN D 137 -21.12 17.79 -26.40
C ASN D 137 -22.43 17.93 -25.64
N HIS D 138 -22.43 18.51 -24.44
CA HIS D 138 -23.65 18.61 -23.66
C HIS D 138 -24.63 19.63 -24.23
N GLU D 139 -24.15 20.64 -24.95
CA GLU D 139 -25.04 21.60 -25.60
C GLU D 139 -25.68 21.04 -26.87
N LYS D 140 -25.67 19.72 -27.03
CA LYS D 140 -26.34 19.03 -28.12
C LYS D 140 -27.34 18.00 -27.62
N TYR D 141 -27.61 17.98 -26.31
CA TYR D 141 -28.71 17.21 -25.76
C TYR D 141 -30.03 17.91 -26.09
N ASP D 142 -31.08 17.12 -26.31
CA ASP D 142 -32.41 17.67 -26.52
C ASP D 142 -33.43 16.78 -25.83
N ASN D 143 -34.63 17.35 -25.63
CA ASN D 143 -35.68 16.74 -24.82
C ASN D 143 -36.27 15.47 -25.42
N SER D 144 -35.82 15.05 -26.60
CA SER D 144 -36.27 13.78 -27.15
C SER D 144 -35.60 12.60 -26.45
N LEU D 145 -34.38 12.78 -25.95
CA LEU D 145 -33.59 11.69 -25.40
C LEU D 145 -33.95 11.53 -23.93
N LYS D 146 -34.51 10.38 -23.57
CA LYS D 146 -34.88 10.10 -22.18
C LYS D 146 -34.09 8.94 -21.59
N ILE D 147 -33.13 8.37 -22.33
CA ILE D 147 -32.19 7.41 -21.76
C ILE D 147 -30.79 7.75 -22.27
N ILE D 148 -30.04 8.53 -21.48
CA ILE D 148 -28.73 9.03 -21.88
C ILE D 148 -27.66 8.51 -20.93
N SER D 149 -26.41 8.58 -21.40
CA SER D 149 -25.25 8.17 -20.63
C SER D 149 -24.31 9.36 -20.43
N ASN D 150 -23.61 9.36 -19.30
CA ASN D 150 -22.63 10.39 -18.98
C ASN D 150 -21.21 9.94 -19.31
N ALA D 151 -21.07 8.90 -20.14
CA ALA D 151 -19.77 8.32 -20.45
C ALA D 151 -19.10 7.81 -19.18
N SER D 152 -17.78 7.71 -19.17
CA SER D 152 -17.03 7.24 -18.02
C SER D 152 -16.22 8.39 -17.42
N CYS D 153 -15.64 8.12 -16.26
CA CYS D 153 -14.71 9.08 -15.66
C CYS D 153 -13.58 9.39 -16.62
N THR D 154 -13.01 8.37 -17.26
CA THR D 154 -11.84 8.60 -18.09
C THR D 154 -12.20 9.42 -19.35
N THR D 155 -13.33 9.11 -19.98
CA THR D 155 -13.74 9.92 -21.13
C THR D 155 -13.97 11.37 -20.71
N ASN D 156 -14.57 11.56 -19.54
CA ASN D 156 -14.75 12.91 -19.04
C ASN D 156 -13.44 13.61 -18.76
N CYS D 157 -12.36 12.85 -18.48
CA CYS D 157 -11.06 13.51 -18.35
C CYS D 157 -10.44 13.79 -19.72
N LEU D 158 -10.50 12.81 -20.63
CA LEU D 158 -9.79 12.99 -21.89
C LEU D 158 -10.50 13.98 -22.81
N ALA D 159 -11.84 13.91 -22.90
CA ALA D 159 -12.55 14.67 -23.92
C ALA D 159 -12.35 16.19 -23.81
N PRO D 160 -12.53 16.84 -22.65
CA PRO D 160 -12.26 18.28 -22.59
C PRO D 160 -10.86 18.65 -23.04
N LEU D 161 -9.85 17.87 -22.63
CA LEU D 161 -8.49 18.15 -23.10
C LEU D 161 -8.37 17.94 -24.60
N ALA D 162 -8.93 16.85 -25.11
CA ALA D 162 -8.85 16.57 -26.55
C ALA D 162 -9.52 17.67 -27.35
N LYS D 163 -10.67 18.17 -26.88
CA LYS D 163 -11.38 19.26 -27.56
C LYS D 163 -10.48 20.48 -27.72
N VAL D 164 -9.82 20.93 -26.65
CA VAL D 164 -9.00 22.13 -26.72
C VAL D 164 -7.81 21.91 -27.65
N ILE D 165 -7.14 20.77 -27.52
CA ILE D 165 -5.99 20.47 -28.38
C ILE D 165 -6.44 20.37 -29.83
N HIS D 166 -7.56 19.70 -30.06
CA HIS D 166 -8.01 19.50 -31.44
C HIS D 166 -8.48 20.80 -32.05
N ASP D 167 -9.27 21.59 -31.30
CA ASP D 167 -9.79 22.84 -31.83
C ASP D 167 -8.66 23.79 -32.25
N ASN D 168 -7.52 23.73 -31.58
CA ASN D 168 -6.43 24.69 -31.78
C ASN D 168 -5.33 24.20 -32.70
N PHE D 169 -4.98 22.91 -32.66
CA PHE D 169 -3.88 22.40 -33.45
C PHE D 169 -4.24 21.19 -34.31
N GLY D 170 -5.40 20.58 -34.09
CA GLY D 170 -5.79 19.39 -34.82
C GLY D 170 -5.05 18.15 -34.37
N ILE D 171 -5.76 17.13 -33.91
CA ILE D 171 -5.16 15.86 -33.53
C ILE D 171 -5.22 14.93 -34.74
N VAL D 172 -4.06 14.65 -35.34
CA VAL D 172 -3.98 13.65 -36.42
C VAL D 172 -4.29 12.27 -35.85
N GLU D 173 -3.65 11.92 -34.74
CA GLU D 173 -3.82 10.62 -34.11
C GLU D 173 -3.32 10.75 -32.69
N GLY D 174 -3.84 9.91 -31.80
CA GLY D 174 -3.40 9.93 -30.42
C GLY D 174 -3.59 8.57 -29.78
N LEU D 175 -2.68 8.23 -28.89
CA LEU D 175 -2.78 7.03 -28.08
C LEU D 175 -2.76 7.44 -26.62
N MET D 176 -3.66 6.87 -25.81
CA MET D 176 -3.84 7.28 -24.42
C MET D 176 -3.51 6.13 -23.48
N THR D 177 -2.83 6.46 -22.38
CA THR D 177 -2.72 5.56 -21.24
C THR D 177 -3.38 6.22 -20.03
N THR D 178 -4.24 5.49 -19.32
CA THR D 178 -4.69 5.92 -18.00
C THR D 178 -3.97 5.13 -16.92
N VAL D 179 -3.30 5.82 -16.02
CA VAL D 179 -2.82 5.21 -14.78
C VAL D 179 -3.93 5.43 -13.76
N HIS D 180 -4.56 4.33 -13.34
CA HIS D 180 -5.86 4.40 -12.69
C HIS D 180 -5.80 3.84 -11.27
N ALA D 181 -6.44 4.54 -10.34
CA ALA D 181 -6.55 4.07 -8.97
C ALA D 181 -7.41 2.80 -8.92
N ILE D 182 -7.30 2.06 -7.81
CA ILE D 182 -8.03 0.81 -7.66
C ILE D 182 -9.54 1.10 -7.63
N THR D 183 -10.32 0.12 -8.05
CA THR D 183 -11.76 0.24 -8.06
C THR D 183 -12.38 -0.97 -7.35
N ALA D 184 -13.70 -0.89 -7.15
CA ALA D 184 -14.45 -1.92 -6.45
C ALA D 184 -14.49 -3.26 -7.19
N THR D 185 -14.30 -3.26 -8.52
CA THR D 185 -14.33 -4.52 -9.24
C THR D 185 -13.04 -5.32 -9.08
N GLN D 186 -11.99 -4.72 -8.50
CA GLN D 186 -10.74 -5.41 -8.29
C GLN D 186 -10.80 -6.28 -7.02
N LYS D 187 -9.76 -7.08 -6.81
CA LYS D 187 -9.72 -8.05 -5.74
C LYS D 187 -8.57 -7.72 -4.78
N THR D 188 -8.80 -7.98 -3.49
CA THR D 188 -7.74 -7.73 -2.51
C THR D 188 -6.59 -8.70 -2.64
N VAL D 189 -6.88 -9.96 -2.99
CA VAL D 189 -5.88 -10.98 -3.24
C VAL D 189 -6.29 -11.69 -4.53
N ASP D 190 -5.34 -12.44 -5.11
CA ASP D 190 -5.59 -13.19 -6.34
C ASP D 190 -6.92 -13.96 -6.26
N GLY D 191 -7.93 -13.56 -7.03
CA GLY D 191 -9.21 -14.23 -7.01
C GLY D 191 -9.84 -14.29 -8.38
N PRO D 192 -11.07 -14.82 -8.46
CA PRO D 192 -11.66 -15.10 -9.77
C PRO D 192 -12.24 -13.86 -10.41
N SER D 193 -11.91 -13.69 -11.69
CA SER D 193 -12.38 -12.64 -12.56
C SER D 193 -12.41 -13.28 -13.96
N GLY D 194 -13.39 -14.16 -14.19
CA GLY D 194 -13.29 -15.12 -15.28
C GLY D 194 -13.23 -14.51 -16.67
N LYS D 195 -13.84 -13.34 -16.85
CA LYS D 195 -13.80 -12.72 -18.18
C LYS D 195 -12.60 -11.82 -18.37
N LEU D 196 -11.87 -11.49 -17.30
CA LEU D 196 -10.81 -10.48 -17.35
C LEU D 196 -9.76 -10.93 -16.34
N TRP D 197 -8.92 -11.87 -16.76
CA TRP D 197 -8.06 -12.59 -15.80
C TRP D 197 -7.13 -11.64 -15.05
N ARG D 198 -6.56 -10.66 -15.75
CA ARG D 198 -5.61 -9.77 -15.07
C ARG D 198 -6.29 -9.03 -13.93
N ASP D 199 -7.58 -8.67 -14.10
CA ASP D 199 -8.28 -7.91 -13.08
C ASP D 199 -8.57 -8.70 -11.82
N GLY D 200 -8.44 -10.03 -11.86
CA GLY D 200 -8.57 -10.81 -10.65
C GLY D 200 -7.33 -10.83 -9.77
N ARG D 201 -6.18 -10.43 -10.30
CA ARG D 201 -4.95 -10.51 -9.53
C ARG D 201 -4.94 -9.44 -8.45
N GLY D 202 -4.28 -9.75 -7.34
CA GLY D 202 -4.28 -8.92 -6.15
C GLY D 202 -4.00 -7.46 -6.42
N ALA D 203 -4.95 -6.59 -6.04
CA ALA D 203 -4.85 -5.18 -6.42
C ALA D 203 -3.80 -4.43 -5.61
N LEU D 204 -3.55 -4.84 -4.37
CA LEU D 204 -2.51 -4.19 -3.59
C LEU D 204 -1.11 -4.49 -4.12
N GLN D 205 -0.91 -5.69 -4.67
CA GLN D 205 0.42 -6.17 -5.05
C GLN D 205 0.86 -5.76 -6.44
N ASN D 206 -0.04 -5.29 -7.30
CA ASN D 206 0.20 -5.35 -8.74
C ASN D 206 -0.10 -4.05 -9.48
N ILE D 207 0.75 -3.76 -10.47
CA ILE D 207 0.35 -2.95 -11.63
C ILE D 207 -0.34 -3.89 -12.61
N ILE D 208 -1.57 -3.56 -13.00
CA ILE D 208 -2.41 -4.44 -13.81
C ILE D 208 -2.81 -3.76 -15.12
N PRO D 209 -2.35 -4.23 -16.27
CA PRO D 209 -2.85 -3.70 -17.54
C PRO D 209 -4.33 -4.01 -17.71
N ALA D 210 -5.05 -3.07 -18.32
CA ALA D 210 -6.48 -3.26 -18.52
C ALA D 210 -6.90 -2.57 -19.81
N SER D 211 -7.92 -3.13 -20.45
CA SER D 211 -8.48 -2.50 -21.64
C SER D 211 -9.48 -1.43 -21.25
N THR D 212 -9.55 -0.38 -22.06
CA THR D 212 -10.57 0.64 -21.84
C THR D 212 -10.98 1.24 -23.17
N GLY D 213 -12.28 1.44 -23.34
CA GLY D 213 -12.81 2.09 -24.52
C GLY D 213 -12.89 3.59 -24.40
N ALA D 214 -12.31 4.16 -23.35
CA ALA D 214 -12.50 5.58 -23.05
C ALA D 214 -11.97 6.47 -24.16
N ALA D 215 -10.83 6.11 -24.75
CA ALA D 215 -10.27 7.00 -25.77
C ALA D 215 -11.01 6.84 -27.09
N LYS D 216 -11.41 5.62 -27.43
CA LYS D 216 -12.29 5.42 -28.58
C LYS D 216 -13.60 6.17 -28.38
N ALA D 217 -14.15 6.14 -27.17
CA ALA D 217 -15.43 6.81 -26.90
C ALA D 217 -15.36 8.32 -27.11
N VAL D 218 -14.16 8.92 -27.07
CA VAL D 218 -14.04 10.35 -27.29
C VAL D 218 -14.46 10.71 -28.71
N GLY D 219 -14.16 9.84 -29.67
CA GLY D 219 -14.60 10.03 -31.04
C GLY D 219 -16.11 10.02 -31.21
N LYS D 220 -16.86 9.65 -30.17
CA LYS D 220 -18.31 9.71 -30.19
C LYS D 220 -18.84 11.05 -29.71
N VAL D 221 -18.21 11.64 -28.69
CA VAL D 221 -18.63 12.97 -28.25
C VAL D 221 -17.90 14.08 -29.00
N ILE D 222 -16.78 13.76 -29.64
CA ILE D 222 -16.10 14.65 -30.58
C ILE D 222 -16.02 13.92 -31.91
N PRO D 223 -17.02 14.06 -32.78
CA PRO D 223 -17.07 13.22 -33.99
C PRO D 223 -15.87 13.41 -34.91
N GLU D 224 -15.29 14.61 -34.96
CA GLU D 224 -14.11 14.84 -35.77
C GLU D 224 -12.92 13.99 -35.33
N LEU D 225 -12.98 13.39 -34.14
CA LEU D 225 -11.90 12.56 -33.64
C LEU D 225 -12.23 11.07 -33.75
N ASN D 226 -13.32 10.71 -34.42
CA ASN D 226 -13.68 9.31 -34.53
C ASN D 226 -12.60 8.54 -35.27
N GLY D 227 -12.20 7.39 -34.71
CA GLY D 227 -11.15 6.58 -35.28
C GLY D 227 -9.74 7.13 -35.11
N LYS D 228 -9.56 8.25 -34.41
CA LYS D 228 -8.25 8.86 -34.31
C LYS D 228 -7.60 8.68 -32.96
N LEU D 229 -8.26 8.03 -32.01
CA LEU D 229 -7.74 7.82 -30.66
C LEU D 229 -8.10 6.42 -30.18
N THR D 230 -7.15 5.76 -29.52
CA THR D 230 -7.49 4.61 -28.70
C THR D 230 -6.50 4.58 -27.54
N GLY D 231 -6.62 3.57 -26.68
CA GLY D 231 -5.73 3.56 -25.53
C GLY D 231 -5.93 2.34 -24.66
N MET D 232 -5.29 2.39 -23.48
CA MET D 232 -5.32 1.31 -22.51
C MET D 232 -5.08 1.91 -21.13
N ALA D 233 -5.08 1.05 -20.11
CA ALA D 233 -4.95 1.50 -18.73
C ALA D 233 -3.98 0.61 -17.96
N PHE D 234 -3.42 1.17 -16.89
CA PHE D 234 -2.72 0.41 -15.86
C PHE D 234 -3.42 0.69 -14.54
N ARG D 235 -3.92 -0.34 -13.87
CA ARG D 235 -4.46 -0.14 -12.53
C ARG D 235 -3.31 -0.22 -11.53
N VAL D 236 -3.26 0.73 -10.61
CA VAL D 236 -2.16 0.77 -9.63
C VAL D 236 -2.76 0.91 -8.24
N PRO D 237 -1.99 0.52 -7.20
CA PRO D 237 -2.59 0.47 -5.85
C PRO D 237 -2.58 1.81 -5.12
N THR D 238 -3.32 2.76 -5.66
CA THR D 238 -3.69 3.97 -4.94
C THR D 238 -5.21 3.99 -4.81
N ALA D 239 -5.71 4.71 -3.79
CA ALA D 239 -7.11 4.54 -3.41
C ALA D 239 -8.05 5.38 -4.28
N ASN D 240 -7.59 6.54 -4.74
CA ASN D 240 -8.40 7.40 -5.58
C ASN D 240 -7.46 8.33 -6.32
N VAL D 241 -8.00 8.94 -7.37
CA VAL D 241 -7.34 9.87 -8.27
C VAL D 241 -6.51 9.12 -9.30
N SER D 242 -6.81 9.39 -10.57
CA SER D 242 -6.19 8.78 -11.72
C SER D 242 -5.61 9.88 -12.61
N VAL D 243 -4.89 9.47 -13.66
CA VAL D 243 -4.22 10.43 -14.52
C VAL D 243 -4.25 9.91 -15.95
N VAL D 244 -4.48 10.83 -16.90
CA VAL D 244 -4.49 10.52 -18.33
C VAL D 244 -3.16 10.98 -18.94
N ASP D 245 -2.62 10.14 -19.81
CA ASP D 245 -1.34 10.33 -20.47
C ASP D 245 -1.66 10.23 -21.97
N LEU D 246 -1.80 11.37 -22.63
CA LEU D 246 -2.20 11.40 -24.03
C LEU D 246 -1.00 11.76 -24.90
N THR D 247 -0.61 10.83 -25.76
CA THR D 247 0.48 11.04 -26.70
C THR D 247 -0.15 11.25 -28.08
N CYS D 248 0.09 12.40 -28.69
CA CYS D 248 -0.63 12.66 -29.92
C CYS D 248 0.26 13.38 -30.92
N ARG D 249 -0.09 13.20 -32.18
CA ARG D 249 0.50 13.90 -33.31
C ARG D 249 -0.45 15.02 -33.72
N LEU D 250 0.06 16.22 -33.92
CA LEU D 250 -0.76 17.38 -34.21
C LEU D 250 -0.59 17.80 -35.67
N GLU D 251 -1.68 18.30 -36.27
CA GLU D 251 -1.60 18.79 -37.65
C GLU D 251 -0.80 20.09 -37.71
N LYS D 252 -1.20 21.06 -36.91
CA LYS D 252 -0.59 22.38 -36.85
C LYS D 252 0.51 22.39 -35.80
N PRO D 253 1.67 22.95 -36.11
CA PRO D 253 2.78 22.95 -35.14
C PRO D 253 2.39 23.72 -33.89
N ALA D 254 2.90 23.26 -32.75
CA ALA D 254 2.59 23.88 -31.48
C ALA D 254 3.81 23.81 -30.58
N LYS D 255 4.34 24.97 -30.18
CA LYS D 255 5.24 25.00 -29.04
C LYS D 255 4.47 24.53 -27.81
N TYR D 256 5.18 23.88 -26.89
CA TYR D 256 4.51 23.47 -25.65
C TYR D 256 3.92 24.68 -24.92
N ASP D 257 4.63 25.80 -24.95
CA ASP D 257 4.12 27.01 -24.29
C ASP D 257 2.82 27.48 -24.93
N ASP D 258 2.63 27.25 -26.23
CA ASP D 258 1.36 27.61 -26.86
C ASP D 258 0.26 26.64 -26.46
N ILE D 259 0.61 25.35 -26.29
CA ILE D 259 -0.35 24.40 -25.76
C ILE D 259 -0.80 24.82 -24.37
N LYS D 260 0.15 25.27 -23.55
CA LYS D 260 -0.18 25.72 -22.20
C LYS D 260 -1.14 26.90 -22.23
N LYS D 261 -0.89 27.87 -23.12
CA LYS D 261 -1.71 29.07 -23.15
C LYS D 261 -3.16 28.75 -23.50
N VAL D 262 -3.39 27.91 -24.51
CA VAL D 262 -4.77 27.69 -24.92
C VAL D 262 -5.50 26.80 -23.93
N VAL D 263 -4.79 25.92 -23.23
CA VAL D 263 -5.45 25.11 -22.21
C VAL D 263 -5.78 25.97 -21.00
N LYS D 264 -4.84 26.83 -20.58
CA LYS D 264 -5.11 27.74 -19.48
C LYS D 264 -6.25 28.69 -19.84
N GLN D 265 -6.27 29.17 -21.09
CA GLN D 265 -7.36 30.04 -21.51
C GLN D 265 -8.70 29.33 -21.44
N ALA D 266 -8.77 28.10 -21.97
CA ALA D 266 -10.01 27.33 -21.90
C ALA D 266 -10.43 27.09 -20.46
N SER D 267 -9.46 26.83 -19.57
CA SER D 267 -9.78 26.52 -18.18
C SER D 267 -10.38 27.72 -17.45
N GLU D 268 -9.99 28.94 -17.83
CA GLU D 268 -10.53 30.13 -17.20
C GLU D 268 -11.81 30.61 -17.86
N GLY D 269 -12.09 30.17 -19.08
CA GLY D 269 -13.25 30.63 -19.81
C GLY D 269 -14.35 29.60 -19.96
N PRO D 270 -14.57 29.15 -21.20
CA PRO D 270 -15.75 28.32 -21.46
C PRO D 270 -15.74 26.98 -20.74
N LEU D 271 -14.58 26.46 -20.35
CA LEU D 271 -14.49 25.17 -19.69
C LEU D 271 -14.23 25.29 -18.19
N LYS D 272 -14.54 26.44 -17.60
CA LYS D 272 -14.25 26.65 -16.19
C LYS D 272 -14.96 25.62 -15.32
N GLY D 273 -14.22 25.08 -14.36
CA GLY D 273 -14.73 24.03 -13.49
C GLY D 273 -14.82 22.66 -14.13
N ILE D 274 -14.66 22.55 -15.44
CA ILE D 274 -14.63 21.27 -16.14
C ILE D 274 -13.17 20.90 -16.37
N LEU D 275 -12.46 21.76 -17.10
CA LEU D 275 -11.04 21.59 -17.37
C LEU D 275 -10.25 22.56 -16.50
N GLY D 276 -9.36 22.01 -15.66
CA GLY D 276 -8.48 22.82 -14.85
C GLY D 276 -7.09 22.89 -15.45
N TYR D 277 -6.26 23.77 -14.88
CA TYR D 277 -4.91 24.01 -15.36
C TYR D 277 -4.01 24.29 -14.17
N THR D 278 -2.86 23.62 -14.11
CA THR D 278 -1.87 23.93 -13.07
C THR D 278 -0.46 23.82 -13.63
N GLU D 279 0.42 24.65 -13.07
CA GLU D 279 1.87 24.53 -13.21
C GLU D 279 2.55 24.16 -11.90
N HIS D 280 1.78 23.88 -10.85
CA HIS D 280 2.37 23.54 -9.57
C HIS D 280 2.93 22.12 -9.61
N GLN D 281 3.80 21.82 -8.63
CA GLN D 281 4.47 20.52 -8.52
C GLN D 281 3.55 19.51 -7.82
N VAL D 282 2.50 19.11 -8.53
CA VAL D 282 1.41 18.36 -7.92
C VAL D 282 1.68 16.86 -7.99
N VAL D 283 1.02 16.15 -7.08
CA VAL D 283 0.98 14.69 -7.09
C VAL D 283 -0.49 14.32 -6.93
N SER D 284 -0.78 13.03 -7.05
CA SER D 284 -2.16 12.59 -7.21
C SER D 284 -3.03 13.01 -6.02
N SER D 285 -2.51 12.93 -4.79
CA SER D 285 -3.38 13.24 -3.67
C SER D 285 -3.81 14.71 -3.64
N ASP D 286 -3.09 15.57 -4.36
CA ASP D 286 -3.47 16.99 -4.44
C ASP D 286 -4.79 17.19 -5.15
N PHE D 287 -5.31 16.16 -5.80
CA PHE D 287 -6.59 16.21 -6.49
C PHE D 287 -7.67 15.40 -5.80
N ASN D 288 -7.42 14.90 -4.58
CA ASN D 288 -8.50 14.23 -3.88
C ASN D 288 -9.60 15.23 -3.58
N SER D 289 -10.83 14.87 -3.95
CA SER D 289 -12.02 15.71 -3.84
C SER D 289 -11.96 16.95 -4.73
N ASP D 290 -11.12 16.96 -5.76
CA ASP D 290 -11.15 18.00 -6.77
C ASP D 290 -12.32 17.73 -7.72
N THR D 291 -13.12 18.75 -7.99
CA THR D 291 -14.36 18.55 -8.75
C THR D 291 -14.19 18.72 -10.26
N HIS D 292 -12.99 19.08 -10.72
CA HIS D 292 -12.76 19.17 -12.16
C HIS D 292 -12.87 17.80 -12.84
N SER D 293 -13.26 17.81 -14.12
CA SER D 293 -13.23 16.59 -14.91
C SER D 293 -11.80 16.22 -15.31
N SER D 294 -10.93 17.21 -15.39
CA SER D 294 -9.62 17.06 -16.04
C SER D 294 -8.80 18.27 -15.61
N THR D 295 -7.63 18.04 -15.02
CA THR D 295 -6.73 19.14 -14.70
C THR D 295 -5.39 18.91 -15.40
N PHE D 296 -5.11 19.76 -16.37
CA PHE D 296 -3.87 19.72 -17.12
C PHE D 296 -2.68 20.01 -16.22
N ASP D 297 -1.69 19.12 -16.25
CA ASP D 297 -0.47 19.26 -15.48
C ASP D 297 0.60 19.78 -16.44
N ALA D 298 0.84 21.09 -16.39
CA ALA D 298 1.75 21.70 -17.36
C ALA D 298 3.17 21.17 -17.21
N GLY D 299 3.66 21.09 -15.96
CA GLY D 299 5.04 20.69 -15.76
C GLY D 299 5.31 19.22 -16.03
N ALA D 300 4.26 18.39 -15.99
CA ALA D 300 4.46 16.95 -16.12
C ALA D 300 4.56 16.49 -17.57
N GLY D 301 3.95 17.22 -18.50
CA GLY D 301 3.97 16.84 -19.90
C GLY D 301 5.32 17.09 -20.54
N ILE D 302 5.49 16.56 -21.74
CA ILE D 302 6.75 16.68 -22.45
C ILE D 302 6.48 16.62 -23.94
N ALA D 303 7.25 17.39 -24.71
CA ALA D 303 7.15 17.40 -26.16
C ALA D 303 8.44 16.88 -26.76
N LEU D 304 8.33 16.01 -27.77
CA LEU D 304 9.53 15.69 -28.54
C LEU D 304 9.83 16.78 -29.56
N ASN D 305 8.80 17.31 -30.19
CA ASN D 305 8.94 18.35 -31.20
C ASN D 305 7.61 19.10 -31.29
N ASP D 306 7.45 19.91 -32.33
CA ASP D 306 6.26 20.76 -32.45
C ASP D 306 4.99 20.00 -32.84
N HIS D 307 5.11 18.73 -33.22
CA HIS D 307 3.97 17.96 -33.72
C HIS D 307 3.71 16.68 -32.93
N PHE D 308 4.52 16.40 -31.90
CA PHE D 308 4.46 15.12 -31.20
C PHE D 308 4.62 15.42 -29.72
N VAL D 309 3.55 15.27 -28.94
CA VAL D 309 3.57 15.69 -27.55
C VAL D 309 2.89 14.65 -26.66
N LYS D 310 3.29 14.65 -25.38
CA LYS D 310 2.66 13.83 -24.36
C LYS D 310 2.04 14.77 -23.33
N LEU D 311 0.72 14.69 -23.18
CA LEU D 311 -0.04 15.60 -22.33
C LEU D 311 -0.63 14.87 -21.14
N ILE D 312 -0.54 15.48 -19.95
CA ILE D 312 -0.84 14.83 -18.69
C ILE D 312 -2.00 15.58 -18.02
N SER D 313 -3.04 14.84 -17.62
CA SER D 313 -4.20 15.44 -16.95
C SER D 313 -4.75 14.55 -15.84
N TRP D 314 -4.94 15.15 -14.68
CA TRP D 314 -5.41 14.45 -13.49
C TRP D 314 -6.93 14.49 -13.37
N TYR D 315 -7.49 13.47 -12.72
CA TYR D 315 -8.91 13.49 -12.38
C TYR D 315 -9.20 12.66 -11.15
N ASP D 316 -9.97 13.23 -10.23
CA ASP D 316 -10.58 12.43 -9.16
C ASP D 316 -11.69 11.60 -9.81
N ASN D 317 -11.39 10.33 -10.08
CA ASN D 317 -12.32 9.51 -10.87
C ASN D 317 -13.68 9.36 -10.18
N GLU D 318 -13.76 9.62 -8.88
CA GLU D 318 -15.01 9.56 -8.14
C GLU D 318 -15.73 10.92 -8.12
N PHE D 319 -15.01 11.97 -7.70
CA PHE D 319 -15.64 13.26 -7.38
C PHE D 319 -15.98 14.07 -8.62
N GLY D 320 -15.06 14.13 -9.60
CA GLY D 320 -15.33 14.92 -10.79
C GLY D 320 -16.50 14.39 -11.58
N TYR D 321 -16.51 13.08 -11.84
CA TYR D 321 -17.62 12.45 -12.56
C TYR D 321 -18.94 12.68 -11.84
N SER D 322 -18.96 12.46 -10.52
CA SER D 322 -20.19 12.59 -9.75
C SER D 322 -20.78 13.99 -9.87
N ASN D 323 -19.92 15.01 -9.83
CA ASN D 323 -20.39 16.37 -10.00
C ASN D 323 -20.80 16.66 -11.43
N ARG D 324 -20.25 15.92 -12.41
CA ARG D 324 -20.72 16.07 -13.78
C ARG D 324 -22.10 15.44 -13.97
N VAL D 325 -22.35 14.30 -13.33
CA VAL D 325 -23.70 13.72 -13.36
C VAL D 325 -24.70 14.75 -12.83
N VAL D 326 -24.31 15.51 -11.81
CA VAL D 326 -25.20 16.51 -11.23
C VAL D 326 -25.31 17.73 -12.17
N ASP D 327 -24.18 18.18 -12.71
CA ASP D 327 -24.23 19.32 -13.63
C ASP D 327 -25.00 18.99 -14.89
N LEU D 328 -24.97 17.73 -15.33
CA LEU D 328 -25.72 17.34 -16.51
C LEU D 328 -27.22 17.41 -16.25
N MET D 329 -27.66 16.90 -15.10
CA MET D 329 -29.07 17.00 -14.73
C MET D 329 -29.50 18.44 -14.54
N ALA D 330 -28.58 19.31 -14.09
CA ALA D 330 -28.91 20.73 -13.97
C ALA D 330 -29.28 21.32 -15.32
N HIS D 331 -28.40 21.17 -16.31
CA HIS D 331 -28.68 21.54 -17.70
C HIS D 331 -29.79 20.67 -18.31
N MET D 332 -30.37 19.76 -17.54
CA MET D 332 -31.41 18.83 -17.99
C MET D 332 -30.87 17.85 -19.02
#